data_4XBB
# 
_entry.id   4XBB 
# 
_audit_conform.dict_name       mmcif_pdbx.dic 
_audit_conform.dict_version    5.397 
_audit_conform.dict_location   http://mmcif.pdb.org/dictionaries/ascii/mmcif_pdbx.dic 
# 
loop_
_database_2.database_id 
_database_2.database_code 
_database_2.pdbx_database_accession 
_database_2.pdbx_DOI 
PDB   4XBB         pdb_00004xbb 10.2210/pdb4xbb/pdb 
WWPDB D_1000205384 ?            ?                   
# 
loop_
_pdbx_audit_revision_history.ordinal 
_pdbx_audit_revision_history.data_content_type 
_pdbx_audit_revision_history.major_revision 
_pdbx_audit_revision_history.minor_revision 
_pdbx_audit_revision_history.revision_date 
1 'Structure model' 1 0 2015-03-25 
2 'Structure model' 1 1 2015-04-22 
3 'Structure model' 1 2 2017-11-22 
4 'Structure model' 1 3 2018-01-17 
5 'Structure model' 1 4 2023-09-27 
6 'Structure model' 1 5 2024-10-16 
# 
_pdbx_audit_revision_details.ordinal             1 
_pdbx_audit_revision_details.revision_ordinal    1 
_pdbx_audit_revision_details.data_content_type   'Structure model' 
_pdbx_audit_revision_details.provider            repository 
_pdbx_audit_revision_details.type                'Initial release' 
_pdbx_audit_revision_details.description         ? 
_pdbx_audit_revision_details.details             ? 
# 
loop_
_pdbx_audit_revision_group.ordinal 
_pdbx_audit_revision_group.revision_ordinal 
_pdbx_audit_revision_group.data_content_type 
_pdbx_audit_revision_group.group 
1  2 'Structure model' 'Database references'        
2  3 'Structure model' Advisory                     
3  3 'Structure model' 'Database references'        
4  3 'Structure model' 'Derived calculations'       
5  3 'Structure model' 'Refinement description'     
6  3 'Structure model' 'Source and taxonomy'        
7  4 'Structure model' 'Author supporting evidence' 
8  5 'Structure model' 'Data collection'            
9  5 'Structure model' 'Database references'        
10 5 'Structure model' 'Refinement description'     
11 6 'Structure model' 'Structure summary'          
# 
loop_
_pdbx_audit_revision_category.ordinal 
_pdbx_audit_revision_category.revision_ordinal 
_pdbx_audit_revision_category.data_content_type 
_pdbx_audit_revision_category.category 
1  3 'Structure model' citation                      
2  3 'Structure model' entity_src_gen                
3  3 'Structure model' pdbx_struct_oper_list         
4  3 'Structure model' pdbx_unobs_or_zero_occ_atoms  
5  3 'Structure model' software                      
6  4 'Structure model' pdbx_audit_support            
7  5 'Structure model' chem_comp_atom                
8  5 'Structure model' chem_comp_bond                
9  5 'Structure model' database_2                    
10 5 'Structure model' pdbx_initial_refinement_model 
11 6 'Structure model' pdbx_entry_details            
12 6 'Structure model' pdbx_modification_feature     
# 
loop_
_pdbx_audit_revision_item.ordinal 
_pdbx_audit_revision_item.revision_ordinal 
_pdbx_audit_revision_item.data_content_type 
_pdbx_audit_revision_item.item 
1 3 'Structure model' '_citation.journal_id_CSD'                  
2 3 'Structure model' '_entity_src_gen.pdbx_alt_source_flag'      
3 3 'Structure model' '_pdbx_struct_oper_list.symmetry_operation' 
4 3 'Structure model' '_software.classification'                  
5 5 'Structure model' '_database_2.pdbx_DOI'                      
6 5 'Structure model' '_database_2.pdbx_database_accession'       
# 
_pdbx_database_status.status_code                     REL 
_pdbx_database_status.status_code_sf                  REL 
_pdbx_database_status.status_code_mr                  ? 
_pdbx_database_status.entry_id                        4XBB 
_pdbx_database_status.recvd_initial_deposition_date   2014-12-16 
_pdbx_database_status.SG_entry                        N 
_pdbx_database_status.deposit_site                    RCSB 
_pdbx_database_status.process_site                    RCSB 
_pdbx_database_status.status_code_cs                  ? 
_pdbx_database_status.methods_development_category    ? 
_pdbx_database_status.pdb_format_compatible           Y 
_pdbx_database_status.status_code_nmr_data            ? 
# 
loop_
_pdbx_database_related.content_type 
_pdbx_database_related.db_id 
_pdbx_database_related.db_name 
_pdbx_database_related.details 
unspecified 4XBC PDB . 
unspecified 4XBD PDB . 
# 
loop_
_audit_author.name 
_audit_author.pdbx_ordinal 
_audit_author.identifier_ORCID 
'Lovell, S.'            1  ? 
'Battaile, K.P.'        2  ? 
'Mehzabeen, N.'         3  ? 
'Kankanamalage, A.C.G.' 4  ? 
'Kim, Y.'               5  ? 
'Weerawarna, P.M.'      6  ? 
'Uy, R.A.Z.'            7  ? 
'Damalanka, V.C.'       8  ? 
'Mandadapu, S.R.'       9  ? 
'Alliston, K.R.'        10 ? 
'Groutas, W.C.'         11 ? 
'Chang, K.-O.'          12 ? 
# 
_citation.abstract                  ? 
_citation.abstract_id_CAS           ? 
_citation.book_id_ISBN              ? 
_citation.book_publisher            ? 
_citation.book_publisher_city       ? 
_citation.book_title                ? 
_citation.coordinate_linkage        ? 
_citation.country                   US 
_citation.database_id_Medline       ? 
_citation.details                   ? 
_citation.id                        primary 
_citation.journal_abbrev            J.Med.Chem. 
_citation.journal_id_ASTM           JMCMAR 
_citation.journal_id_CSD            0151 
_citation.journal_id_ISSN           0022-2623 
_citation.journal_full              ? 
_citation.journal_issue             ? 
_citation.journal_volume            58 
_citation.language                  ? 
_citation.page_first                3144 
_citation.page_last                 3155 
_citation.title                     
;Structure-Guided Design and Optimization of Dipeptidyl Inhibitors of Norovirus 3CL Protease. Structure-Activity Relationships and Biochemical, X-ray Crystallographic, Cell-Based, and In Vivo Studies.
;
_citation.year                      2015 
_citation.database_id_CSD           ? 
_citation.pdbx_database_id_DOI      10.1021/jm5019934 
_citation.pdbx_database_id_PubMed   25761614 
_citation.unpublished_flag          ? 
# 
loop_
_citation_author.citation_id 
_citation_author.name 
_citation_author.ordinal 
_citation_author.identifier_ORCID 
primary 'Galasiti Kankanamalage, A.C.' 1  ? 
primary 'Kim, Y.'                      2  ? 
primary 'Weerawarna, P.M.'             3  ? 
primary 'Uy, R.A.'                     4  ? 
primary 'Damalanka, V.C.'              5  ? 
primary 'Mandadapu, S.R.'              6  ? 
primary 'Alliston, K.R.'               7  ? 
primary 'Mehzabeen, N.'                8  ? 
primary 'Battaile, K.P.'               9  ? 
primary 'Lovell, S.'                   10 ? 
primary 'Chang, K.O.'                  11 ? 
primary 'Groutas, W.C.'                12 ? 
# 
loop_
_entity.id 
_entity.type 
_entity.src_method 
_entity.pdbx_description 
_entity.formula_weight 
_entity.pdbx_number_of_molecules 
_entity.pdbx_ec 
_entity.pdbx_mutation 
_entity.pdbx_fragment 
_entity.details 
1 polymer     man '3C-LIKE PROTEASE' 20126.131 1   3.4.22.66 ? ? ? 
2 non-polymer syn 
;diethyl [(1R,2S)-2-[(N-{[(3-chlorobenzyl)oxy]carbonyl}-3-cyclohexyl-L-alanyl)amino]-1-hydroxy-3-(2-oxo-2H-pyrrol-3-yl)propyl]phosphonate
;
612.051   1   ?         ? ? ? 
3 non-polymer syn 'SULFATE ION' 96.063    1   ?         ? ? ? 
4 water       nat water 18.015    129 ?         ? ? ? 
# 
_entity_poly.entity_id                      1 
_entity_poly.type                           'polypeptide(L)' 
_entity_poly.nstd_linkage                   no 
_entity_poly.nstd_monomer                   no 
_entity_poly.pdbx_seq_one_letter_code       
;HHHHHHMAPPTLWSRVTKFGSGWGFWVSPTVFITTTHVVPTGVKEFFGEPLSSIAIHQAGEFTQFRFSKKMRPDLTGMVL
EEGCPEGTVCSVLIKRDSGELLPLAVRMGAIASMRIQGRLVHGQSGMLLTGANAKGMDLGTIPGDCGAPYVHKRGNDWVV
CGVHAAATKSGNTVVCAVQAGEGETALE
;
_entity_poly.pdbx_seq_one_letter_code_can   
;HHHHHHMAPPTLWSRVTKFGSGWGFWVSPTVFITTTHVVPTGVKEFFGEPLSSIAIHQAGEFTQFRFSKKMRPDLTGMVL
EEGCPEGTVCSVLIKRDSGELLPLAVRMGAIASMRIQGRLVHGQSGMLLTGANAKGMDLGTIPGDCGAPYVHKRGNDWVV
CGVHAAATKSGNTVVCAVQAGEGETALE
;
_entity_poly.pdbx_strand_id                 A 
_entity_poly.pdbx_target_identifier         ? 
# 
loop_
_pdbx_entity_nonpoly.entity_id 
_pdbx_entity_nonpoly.name 
_pdbx_entity_nonpoly.comp_id 
2 
;diethyl [(1R,2S)-2-[(N-{[(3-chlorobenzyl)oxy]carbonyl}-3-cyclohexyl-L-alanyl)amino]-1-hydroxy-3-(2-oxo-2H-pyrrol-3-yl)propyl]phosphonate
;
3ZR 
3 'SULFATE ION' SO4 
4 water HOH 
# 
loop_
_entity_poly_seq.entity_id 
_entity_poly_seq.num 
_entity_poly_seq.mon_id 
_entity_poly_seq.hetero 
1 1   HIS n 
1 2   HIS n 
1 3   HIS n 
1 4   HIS n 
1 5   HIS n 
1 6   HIS n 
1 7   MET n 
1 8   ALA n 
1 9   PRO n 
1 10  PRO n 
1 11  THR n 
1 12  LEU n 
1 13  TRP n 
1 14  SER n 
1 15  ARG n 
1 16  VAL n 
1 17  THR n 
1 18  LYS n 
1 19  PHE n 
1 20  GLY n 
1 21  SER n 
1 22  GLY n 
1 23  TRP n 
1 24  GLY n 
1 25  PHE n 
1 26  TRP n 
1 27  VAL n 
1 28  SER n 
1 29  PRO n 
1 30  THR n 
1 31  VAL n 
1 32  PHE n 
1 33  ILE n 
1 34  THR n 
1 35  THR n 
1 36  THR n 
1 37  HIS n 
1 38  VAL n 
1 39  VAL n 
1 40  PRO n 
1 41  THR n 
1 42  GLY n 
1 43  VAL n 
1 44  LYS n 
1 45  GLU n 
1 46  PHE n 
1 47  PHE n 
1 48  GLY n 
1 49  GLU n 
1 50  PRO n 
1 51  LEU n 
1 52  SER n 
1 53  SER n 
1 54  ILE n 
1 55  ALA n 
1 56  ILE n 
1 57  HIS n 
1 58  GLN n 
1 59  ALA n 
1 60  GLY n 
1 61  GLU n 
1 62  PHE n 
1 63  THR n 
1 64  GLN n 
1 65  PHE n 
1 66  ARG n 
1 67  PHE n 
1 68  SER n 
1 69  LYS n 
1 70  LYS n 
1 71  MET n 
1 72  ARG n 
1 73  PRO n 
1 74  ASP n 
1 75  LEU n 
1 76  THR n 
1 77  GLY n 
1 78  MET n 
1 79  VAL n 
1 80  LEU n 
1 81  GLU n 
1 82  GLU n 
1 83  GLY n 
1 84  CYS n 
1 85  PRO n 
1 86  GLU n 
1 87  GLY n 
1 88  THR n 
1 89  VAL n 
1 90  CYS n 
1 91  SER n 
1 92  VAL n 
1 93  LEU n 
1 94  ILE n 
1 95  LYS n 
1 96  ARG n 
1 97  ASP n 
1 98  SER n 
1 99  GLY n 
1 100 GLU n 
1 101 LEU n 
1 102 LEU n 
1 103 PRO n 
1 104 LEU n 
1 105 ALA n 
1 106 VAL n 
1 107 ARG n 
1 108 MET n 
1 109 GLY n 
1 110 ALA n 
1 111 ILE n 
1 112 ALA n 
1 113 SER n 
1 114 MET n 
1 115 ARG n 
1 116 ILE n 
1 117 GLN n 
1 118 GLY n 
1 119 ARG n 
1 120 LEU n 
1 121 VAL n 
1 122 HIS n 
1 123 GLY n 
1 124 GLN n 
1 125 SER n 
1 126 GLY n 
1 127 MET n 
1 128 LEU n 
1 129 LEU n 
1 130 THR n 
1 131 GLY n 
1 132 ALA n 
1 133 ASN n 
1 134 ALA n 
1 135 LYS n 
1 136 GLY n 
1 137 MET n 
1 138 ASP n 
1 139 LEU n 
1 140 GLY n 
1 141 THR n 
1 142 ILE n 
1 143 PRO n 
1 144 GLY n 
1 145 ASP n 
1 146 CYS n 
1 147 GLY n 
1 148 ALA n 
1 149 PRO n 
1 150 TYR n 
1 151 VAL n 
1 152 HIS n 
1 153 LYS n 
1 154 ARG n 
1 155 GLY n 
1 156 ASN n 
1 157 ASP n 
1 158 TRP n 
1 159 VAL n 
1 160 VAL n 
1 161 CYS n 
1 162 GLY n 
1 163 VAL n 
1 164 HIS n 
1 165 ALA n 
1 166 ALA n 
1 167 ALA n 
1 168 THR n 
1 169 LYS n 
1 170 SER n 
1 171 GLY n 
1 172 ASN n 
1 173 THR n 
1 174 VAL n 
1 175 VAL n 
1 176 CYS n 
1 177 ALA n 
1 178 VAL n 
1 179 GLN n 
1 180 ALA n 
1 181 GLY n 
1 182 GLU n 
1 183 GLY n 
1 184 GLU n 
1 185 THR n 
1 186 ALA n 
1 187 LEU n 
1 188 GLU n 
# 
_entity_src_gen.entity_id                          1 
_entity_src_gen.pdbx_src_id                        1 
_entity_src_gen.pdbx_alt_source_flag               sample 
_entity_src_gen.pdbx_seq_type                      'Biological sequence' 
_entity_src_gen.pdbx_beg_seq_num                   1 
_entity_src_gen.pdbx_end_seq_num                   188 
_entity_src_gen.gene_src_common_name               Hu/NV/NV/1968/US 
_entity_src_gen.gene_src_genus                     ? 
_entity_src_gen.pdbx_gene_src_gene                 ORF1 
_entity_src_gen.gene_src_species                   ? 
_entity_src_gen.gene_src_strain                    'GI/Human/United States/Norwalk/1968' 
_entity_src_gen.gene_src_tissue                    ? 
_entity_src_gen.gene_src_tissue_fraction           ? 
_entity_src_gen.gene_src_details                   ? 
_entity_src_gen.pdbx_gene_src_fragment             ? 
_entity_src_gen.pdbx_gene_src_scientific_name      'Norwalk virus (strain GI/Human/United States/Norwalk/1968)' 
_entity_src_gen.pdbx_gene_src_ncbi_taxonomy_id     524364 
_entity_src_gen.pdbx_gene_src_variant              ? 
_entity_src_gen.pdbx_gene_src_cell_line            ? 
_entity_src_gen.pdbx_gene_src_atcc                 ? 
_entity_src_gen.pdbx_gene_src_organ                ? 
_entity_src_gen.pdbx_gene_src_organelle            ? 
_entity_src_gen.pdbx_gene_src_cell                 ? 
_entity_src_gen.pdbx_gene_src_cellular_location    ? 
_entity_src_gen.host_org_common_name               ? 
_entity_src_gen.pdbx_host_org_scientific_name      'Escherichia coli' 
_entity_src_gen.pdbx_host_org_ncbi_taxonomy_id     511693 
_entity_src_gen.host_org_genus                     ? 
_entity_src_gen.pdbx_host_org_gene                 ? 
_entity_src_gen.pdbx_host_org_organ                ? 
_entity_src_gen.host_org_species                   ? 
_entity_src_gen.pdbx_host_org_tissue               ? 
_entity_src_gen.pdbx_host_org_tissue_fraction      ? 
_entity_src_gen.pdbx_host_org_strain               BL21 
_entity_src_gen.pdbx_host_org_variant              ? 
_entity_src_gen.pdbx_host_org_cell_line            ? 
_entity_src_gen.pdbx_host_org_atcc                 ? 
_entity_src_gen.pdbx_host_org_culture_collection   ? 
_entity_src_gen.pdbx_host_org_cell                 ? 
_entity_src_gen.pdbx_host_org_organelle            ? 
_entity_src_gen.pdbx_host_org_cellular_location    ? 
_entity_src_gen.pdbx_host_org_vector_type          plasmid 
_entity_src_gen.pdbx_host_org_vector               ? 
_entity_src_gen.host_org_details                   ? 
_entity_src_gen.expression_system_id               ? 
_entity_src_gen.plasmid_name                       pET28 
_entity_src_gen.plasmid_details                    ? 
_entity_src_gen.pdbx_description                   ? 
# 
loop_
_chem_comp.id 
_chem_comp.type 
_chem_comp.mon_nstd_flag 
_chem_comp.name 
_chem_comp.pdbx_synonyms 
_chem_comp.formula 
_chem_comp.formula_weight 
3ZR non-polymer         . 
;diethyl [(1R,2S)-2-[(N-{[(3-chlorobenzyl)oxy]carbonyl}-3-cyclohexyl-L-alanyl)amino]-1-hydroxy-3-(2-oxo-2H-pyrrol-3-yl)propyl]phosphonate
;
? 'C28 H39 Cl N3 O8 P' 612.051 
ALA 'L-peptide linking' y ALANINE ? 'C3 H7 N O2'         89.093  
ARG 'L-peptide linking' y ARGININE ? 'C6 H15 N4 O2 1'     175.209 
ASN 'L-peptide linking' y ASPARAGINE ? 'C4 H8 N2 O3'        132.118 
ASP 'L-peptide linking' y 'ASPARTIC ACID' ? 'C4 H7 N O4'         133.103 
CYS 'L-peptide linking' y CYSTEINE ? 'C3 H7 N O2 S'       121.158 
GLN 'L-peptide linking' y GLUTAMINE ? 'C5 H10 N2 O3'       146.144 
GLU 'L-peptide linking' y 'GLUTAMIC ACID' ? 'C5 H9 N O4'         147.129 
GLY 'peptide linking'   y GLYCINE ? 'C2 H5 N O2'         75.067  
HIS 'L-peptide linking' y HISTIDINE ? 'C6 H10 N3 O2 1'     156.162 
HOH non-polymer         . WATER ? 'H2 O'               18.015  
ILE 'L-peptide linking' y ISOLEUCINE ? 'C6 H13 N O2'        131.173 
LEU 'L-peptide linking' y LEUCINE ? 'C6 H13 N O2'        131.173 
LYS 'L-peptide linking' y LYSINE ? 'C6 H15 N2 O2 1'     147.195 
MET 'L-peptide linking' y METHIONINE ? 'C5 H11 N O2 S'      149.211 
PHE 'L-peptide linking' y PHENYLALANINE ? 'C9 H11 N O2'        165.189 
PRO 'L-peptide linking' y PROLINE ? 'C5 H9 N O2'         115.130 
SER 'L-peptide linking' y SERINE ? 'C3 H7 N O3'         105.093 
SO4 non-polymer         . 'SULFATE ION' ? 'O4 S -2'            96.063  
THR 'L-peptide linking' y THREONINE ? 'C4 H9 N O3'         119.119 
TRP 'L-peptide linking' y TRYPTOPHAN ? 'C11 H12 N2 O2'      204.225 
TYR 'L-peptide linking' y TYROSINE ? 'C9 H11 N O3'        181.189 
VAL 'L-peptide linking' y VALINE ? 'C5 H11 N O2'        117.146 
# 
loop_
_pdbx_poly_seq_scheme.asym_id 
_pdbx_poly_seq_scheme.entity_id 
_pdbx_poly_seq_scheme.seq_id 
_pdbx_poly_seq_scheme.mon_id 
_pdbx_poly_seq_scheme.ndb_seq_num 
_pdbx_poly_seq_scheme.pdb_seq_num 
_pdbx_poly_seq_scheme.auth_seq_num 
_pdbx_poly_seq_scheme.pdb_mon_id 
_pdbx_poly_seq_scheme.auth_mon_id 
_pdbx_poly_seq_scheme.pdb_strand_id 
_pdbx_poly_seq_scheme.pdb_ins_code 
_pdbx_poly_seq_scheme.hetero 
A 1 1   HIS 1   -6  ?   ?   ?   A . n 
A 1 2   HIS 2   -5  ?   ?   ?   A . n 
A 1 3   HIS 3   -4  ?   ?   ?   A . n 
A 1 4   HIS 4   -3  ?   ?   ?   A . n 
A 1 5   HIS 5   -2  ?   ?   ?   A . n 
A 1 6   HIS 6   -1  -1  HIS HIS A . n 
A 1 7   MET 7   0   0   MET MET A . n 
A 1 8   ALA 8   1   1   ALA ALA A . n 
A 1 9   PRO 9   2   2   PRO PRO A . n 
A 1 10  PRO 10  3   3   PRO PRO A . n 
A 1 11  THR 11  4   4   THR THR A . n 
A 1 12  LEU 12  5   5   LEU LEU A . n 
A 1 13  TRP 13  6   6   TRP TRP A . n 
A 1 14  SER 14  7   7   SER SER A . n 
A 1 15  ARG 15  8   8   ARG ARG A . n 
A 1 16  VAL 16  9   9   VAL VAL A . n 
A 1 17  THR 17  10  10  THR THR A . n 
A 1 18  LYS 18  11  11  LYS LYS A . n 
A 1 19  PHE 19  12  12  PHE PHE A . n 
A 1 20  GLY 20  13  13  GLY GLY A . n 
A 1 21  SER 21  14  14  SER SER A . n 
A 1 22  GLY 22  15  15  GLY GLY A . n 
A 1 23  TRP 23  16  16  TRP TRP A . n 
A 1 24  GLY 24  17  17  GLY GLY A . n 
A 1 25  PHE 25  18  18  PHE PHE A . n 
A 1 26  TRP 26  19  19  TRP TRP A . n 
A 1 27  VAL 27  20  20  VAL VAL A . n 
A 1 28  SER 28  21  21  SER SER A . n 
A 1 29  PRO 29  22  22  PRO PRO A . n 
A 1 30  THR 30  23  23  THR THR A . n 
A 1 31  VAL 31  24  24  VAL VAL A . n 
A 1 32  PHE 32  25  25  PHE PHE A . n 
A 1 33  ILE 33  26  26  ILE ILE A . n 
A 1 34  THR 34  27  27  THR THR A . n 
A 1 35  THR 35  28  28  THR THR A . n 
A 1 36  THR 36  29  29  THR THR A . n 
A 1 37  HIS 37  30  30  HIS HIS A . n 
A 1 38  VAL 38  31  31  VAL VAL A . n 
A 1 39  VAL 39  32  32  VAL VAL A . n 
A 1 40  PRO 40  33  33  PRO PRO A . n 
A 1 41  THR 41  34  34  THR THR A . n 
A 1 42  GLY 42  35  35  GLY GLY A . n 
A 1 43  VAL 43  36  36  VAL VAL A . n 
A 1 44  LYS 44  37  37  LYS LYS A . n 
A 1 45  GLU 45  38  38  GLU GLU A . n 
A 1 46  PHE 46  39  39  PHE PHE A . n 
A 1 47  PHE 47  40  40  PHE PHE A . n 
A 1 48  GLY 48  41  41  GLY GLY A . n 
A 1 49  GLU 49  42  42  GLU GLU A . n 
A 1 50  PRO 50  43  43  PRO PRO A . n 
A 1 51  LEU 51  44  44  LEU LEU A . n 
A 1 52  SER 52  45  45  SER SER A . n 
A 1 53  SER 53  46  46  SER SER A . n 
A 1 54  ILE 54  47  47  ILE ILE A . n 
A 1 55  ALA 55  48  48  ALA ALA A . n 
A 1 56  ILE 56  49  49  ILE ILE A . n 
A 1 57  HIS 57  50  50  HIS HIS A . n 
A 1 58  GLN 58  51  51  GLN GLN A . n 
A 1 59  ALA 59  52  52  ALA ALA A . n 
A 1 60  GLY 60  53  53  GLY GLY A . n 
A 1 61  GLU 61  54  54  GLU GLU A . n 
A 1 62  PHE 62  55  55  PHE PHE A . n 
A 1 63  THR 63  56  56  THR THR A . n 
A 1 64  GLN 64  57  57  GLN GLN A . n 
A 1 65  PHE 65  58  58  PHE PHE A . n 
A 1 66  ARG 66  59  59  ARG ARG A . n 
A 1 67  PHE 67  60  60  PHE PHE A . n 
A 1 68  SER 68  61  61  SER SER A . n 
A 1 69  LYS 69  62  62  LYS LYS A . n 
A 1 70  LYS 70  63  63  LYS LYS A . n 
A 1 71  MET 71  64  64  MET MET A . n 
A 1 72  ARG 72  65  65  ARG ARG A . n 
A 1 73  PRO 73  66  66  PRO PRO A . n 
A 1 74  ASP 74  67  67  ASP ASP A . n 
A 1 75  LEU 75  68  68  LEU LEU A . n 
A 1 76  THR 76  69  69  THR THR A . n 
A 1 77  GLY 77  70  70  GLY GLY A . n 
A 1 78  MET 78  71  71  MET MET A . n 
A 1 79  VAL 79  72  72  VAL VAL A . n 
A 1 80  LEU 80  73  73  LEU LEU A . n 
A 1 81  GLU 81  74  74  GLU GLU A . n 
A 1 82  GLU 82  75  75  GLU GLU A . n 
A 1 83  GLY 83  76  76  GLY GLY A . n 
A 1 84  CYS 84  77  77  CYS CYS A . n 
A 1 85  PRO 85  78  78  PRO PRO A . n 
A 1 86  GLU 86  79  79  GLU GLU A . n 
A 1 87  GLY 87  80  80  GLY GLY A . n 
A 1 88  THR 88  81  81  THR THR A . n 
A 1 89  VAL 89  82  82  VAL VAL A . n 
A 1 90  CYS 90  83  83  CYS CYS A . n 
A 1 91  SER 91  84  84  SER SER A . n 
A 1 92  VAL 92  85  85  VAL VAL A . n 
A 1 93  LEU 93  86  86  LEU LEU A . n 
A 1 94  ILE 94  87  87  ILE ILE A . n 
A 1 95  LYS 95  88  88  LYS LYS A . n 
A 1 96  ARG 96  89  89  ARG ARG A . n 
A 1 97  ASP 97  90  90  ASP ASP A . n 
A 1 98  SER 98  91  91  SER SER A . n 
A 1 99  GLY 99  92  92  GLY GLY A . n 
A 1 100 GLU 100 93  93  GLU GLU A . n 
A 1 101 LEU 101 94  94  LEU LEU A . n 
A 1 102 LEU 102 95  95  LEU LEU A . n 
A 1 103 PRO 103 96  96  PRO PRO A . n 
A 1 104 LEU 104 97  97  LEU LEU A . n 
A 1 105 ALA 105 98  98  ALA ALA A . n 
A 1 106 VAL 106 99  99  VAL VAL A . n 
A 1 107 ARG 107 100 100 ARG ARG A . n 
A 1 108 MET 108 101 101 MET MET A . n 
A 1 109 GLY 109 102 102 GLY GLY A . n 
A 1 110 ALA 110 103 103 ALA ALA A . n 
A 1 111 ILE 111 104 104 ILE ILE A . n 
A 1 112 ALA 112 105 105 ALA ALA A . n 
A 1 113 SER 113 106 106 SER SER A . n 
A 1 114 MET 114 107 107 MET MET A . n 
A 1 115 ARG 115 108 108 ARG ARG A . n 
A 1 116 ILE 116 109 109 ILE ILE A . n 
A 1 117 GLN 117 110 110 GLN GLN A . n 
A 1 118 GLY 118 111 111 GLY GLY A . n 
A 1 119 ARG 119 112 112 ARG ARG A . n 
A 1 120 LEU 120 113 113 LEU LEU A . n 
A 1 121 VAL 121 114 114 VAL VAL A . n 
A 1 122 HIS 122 115 115 HIS HIS A . n 
A 1 123 GLY 123 116 116 GLY GLY A . n 
A 1 124 GLN 124 117 117 GLN GLN A . n 
A 1 125 SER 125 118 118 SER SER A . n 
A 1 126 GLY 126 119 119 GLY GLY A . n 
A 1 127 MET 127 120 120 MET MET A . n 
A 1 128 LEU 128 121 121 LEU LEU A . n 
A 1 129 LEU 129 122 122 LEU LEU A . n 
A 1 130 THR 130 123 ?   ?   ?   A . n 
A 1 131 GLY 131 124 ?   ?   ?   A . n 
A 1 132 ALA 132 125 ?   ?   ?   A . n 
A 1 133 ASN 133 126 ?   ?   ?   A . n 
A 1 134 ALA 134 127 ?   ?   ?   A . n 
A 1 135 LYS 135 128 ?   ?   ?   A . n 
A 1 136 GLY 136 129 ?   ?   ?   A . n 
A 1 137 MET 137 130 ?   ?   ?   A . n 
A 1 138 ASP 138 131 ?   ?   ?   A . n 
A 1 139 LEU 139 132 ?   ?   ?   A . n 
A 1 140 GLY 140 133 133 GLY GLY A . n 
A 1 141 THR 141 134 134 THR THR A . n 
A 1 142 ILE 142 135 135 ILE ILE A . n 
A 1 143 PRO 143 136 136 PRO PRO A . n 
A 1 144 GLY 144 137 137 GLY GLY A . n 
A 1 145 ASP 145 138 138 ASP ASP A . n 
A 1 146 CYS 146 139 139 CYS CYS A . n 
A 1 147 GLY 147 140 140 GLY GLY A . n 
A 1 148 ALA 148 141 141 ALA ALA A . n 
A 1 149 PRO 149 142 142 PRO PRO A . n 
A 1 150 TYR 150 143 143 TYR TYR A . n 
A 1 151 VAL 151 144 144 VAL VAL A . n 
A 1 152 HIS 152 145 145 HIS HIS A . n 
A 1 153 LYS 153 146 146 LYS LYS A . n 
A 1 154 ARG 154 147 147 ARG ARG A . n 
A 1 155 GLY 155 148 148 GLY GLY A . n 
A 1 156 ASN 156 149 149 ASN ASN A . n 
A 1 157 ASP 157 150 150 ASP ASP A . n 
A 1 158 TRP 158 151 151 TRP TRP A . n 
A 1 159 VAL 159 152 152 VAL VAL A . n 
A 1 160 VAL 160 153 153 VAL VAL A . n 
A 1 161 CYS 161 154 154 CYS CYS A . n 
A 1 162 GLY 162 155 155 GLY GLY A . n 
A 1 163 VAL 163 156 156 VAL VAL A . n 
A 1 164 HIS 164 157 157 HIS HIS A . n 
A 1 165 ALA 165 158 158 ALA ALA A . n 
A 1 166 ALA 166 159 159 ALA ALA A . n 
A 1 167 ALA 167 160 160 ALA ALA A . n 
A 1 168 THR 168 161 161 THR THR A . n 
A 1 169 LYS 169 162 162 LYS LYS A . n 
A 1 170 SER 170 163 163 SER SER A . n 
A 1 171 GLY 171 164 164 GLY GLY A . n 
A 1 172 ASN 172 165 165 ASN ASN A . n 
A 1 173 THR 173 166 166 THR THR A . n 
A 1 174 VAL 174 167 167 VAL VAL A . n 
A 1 175 VAL 175 168 168 VAL VAL A . n 
A 1 176 CYS 176 169 169 CYS CYS A . n 
A 1 177 ALA 177 170 170 ALA ALA A . n 
A 1 178 VAL 178 171 171 VAL VAL A . n 
A 1 179 GLN 179 172 172 GLN GLN A . n 
A 1 180 ALA 180 173 173 ALA ALA A . n 
A 1 181 GLY 181 174 ?   ?   ?   A . n 
A 1 182 GLU 182 175 ?   ?   ?   A . n 
A 1 183 GLY 183 176 ?   ?   ?   A . n 
A 1 184 GLU 184 177 ?   ?   ?   A . n 
A 1 185 THR 185 178 ?   ?   ?   A . n 
A 1 186 ALA 186 179 ?   ?   ?   A . n 
A 1 187 LEU 187 180 ?   ?   ?   A . n 
A 1 188 GLU 188 181 ?   ?   ?   A . n 
# 
loop_
_pdbx_nonpoly_scheme.asym_id 
_pdbx_nonpoly_scheme.entity_id 
_pdbx_nonpoly_scheme.mon_id 
_pdbx_nonpoly_scheme.ndb_seq_num 
_pdbx_nonpoly_scheme.pdb_seq_num 
_pdbx_nonpoly_scheme.auth_seq_num 
_pdbx_nonpoly_scheme.pdb_mon_id 
_pdbx_nonpoly_scheme.auth_mon_id 
_pdbx_nonpoly_scheme.pdb_strand_id 
_pdbx_nonpoly_scheme.pdb_ins_code 
B 2 3ZR 1   201 1   3ZR A61 A . 
C 3 SO4 1   202 1   SO4 SO4 A . 
D 4 HOH 1   301 82  HOH HOH A . 
D 4 HOH 2   302 80  HOH HOH A . 
D 4 HOH 3   303 99  HOH HOH A . 
D 4 HOH 4   304 97  HOH HOH A . 
D 4 HOH 5   305 103 HOH HOH A . 
D 4 HOH 6   306 108 HOH HOH A . 
D 4 HOH 7   307 122 HOH HOH A . 
D 4 HOH 8   308 9   HOH HOH A . 
D 4 HOH 9   309 61  HOH HOH A . 
D 4 HOH 10  310 87  HOH HOH A . 
D 4 HOH 11  311 94  HOH HOH A . 
D 4 HOH 12  312 20  HOH HOH A . 
D 4 HOH 13  313 84  HOH HOH A . 
D 4 HOH 14  314 65  HOH HOH A . 
D 4 HOH 15  315 75  HOH HOH A . 
D 4 HOH 16  316 38  HOH HOH A . 
D 4 HOH 17  317 21  HOH HOH A . 
D 4 HOH 18  318 6   HOH HOH A . 
D 4 HOH 19  319 100 HOH HOH A . 
D 4 HOH 20  320 59  HOH HOH A . 
D 4 HOH 21  321 46  HOH HOH A . 
D 4 HOH 22  322 43  HOH HOH A . 
D 4 HOH 23  323 16  HOH HOH A . 
D 4 HOH 24  324 44  HOH HOH A . 
D 4 HOH 25  325 57  HOH HOH A . 
D 4 HOH 26  326 106 HOH HOH A . 
D 4 HOH 27  327 33  HOH HOH A . 
D 4 HOH 28  328 26  HOH HOH A . 
D 4 HOH 29  329 42  HOH HOH A . 
D 4 HOH 30  330 4   HOH HOH A . 
D 4 HOH 31  331 58  HOH HOH A . 
D 4 HOH 32  332 77  HOH HOH A . 
D 4 HOH 33  333 71  HOH HOH A . 
D 4 HOH 34  334 124 HOH HOH A . 
D 4 HOH 35  335 101 HOH HOH A . 
D 4 HOH 36  336 93  HOH HOH A . 
D 4 HOH 37  337 121 HOH HOH A . 
D 4 HOH 38  338 17  HOH HOH A . 
D 4 HOH 39  339 34  HOH HOH A . 
D 4 HOH 40  340 98  HOH HOH A . 
D 4 HOH 41  341 105 HOH HOH A . 
D 4 HOH 42  342 1   HOH HOH A . 
D 4 HOH 43  343 11  HOH HOH A . 
D 4 HOH 44  344 25  HOH HOH A . 
D 4 HOH 45  345 62  HOH HOH A . 
D 4 HOH 46  346 91  HOH HOH A . 
D 4 HOH 47  347 14  HOH HOH A . 
D 4 HOH 48  348 39  HOH HOH A . 
D 4 HOH 49  349 66  HOH HOH A . 
D 4 HOH 50  350 73  HOH HOH A . 
D 4 HOH 51  351 35  HOH HOH A . 
D 4 HOH 52  352 19  HOH HOH A . 
D 4 HOH 53  353 110 HOH HOH A . 
D 4 HOH 54  354 95  HOH HOH A . 
D 4 HOH 55  355 119 HOH HOH A . 
D 4 HOH 56  356 24  HOH HOH A . 
D 4 HOH 57  357 52  HOH HOH A . 
D 4 HOH 58  358 83  HOH HOH A . 
D 4 HOH 59  359 2   HOH HOH A . 
D 4 HOH 60  360 3   HOH HOH A . 
D 4 HOH 61  361 5   HOH HOH A . 
D 4 HOH 62  362 7   HOH HOH A . 
D 4 HOH 63  363 8   HOH HOH A . 
D 4 HOH 64  364 10  HOH HOH A . 
D 4 HOH 65  365 12  HOH HOH A . 
D 4 HOH 66  366 13  HOH HOH A . 
D 4 HOH 67  367 15  HOH HOH A . 
D 4 HOH 68  368 18  HOH HOH A . 
D 4 HOH 69  369 22  HOH HOH A . 
D 4 HOH 70  370 23  HOH HOH A . 
D 4 HOH 71  371 27  HOH HOH A . 
D 4 HOH 72  372 28  HOH HOH A . 
D 4 HOH 73  373 29  HOH HOH A . 
D 4 HOH 74  374 30  HOH HOH A . 
D 4 HOH 75  375 31  HOH HOH A . 
D 4 HOH 76  376 32  HOH HOH A . 
D 4 HOH 77  377 36  HOH HOH A . 
D 4 HOH 78  378 37  HOH HOH A . 
D 4 HOH 79  379 40  HOH HOH A . 
D 4 HOH 80  380 41  HOH HOH A . 
D 4 HOH 81  381 45  HOH HOH A . 
D 4 HOH 82  382 47  HOH HOH A . 
D 4 HOH 83  383 48  HOH HOH A . 
D 4 HOH 84  384 49  HOH HOH A . 
D 4 HOH 85  385 50  HOH HOH A . 
D 4 HOH 86  386 51  HOH HOH A . 
D 4 HOH 87  387 53  HOH HOH A . 
D 4 HOH 88  388 54  HOH HOH A . 
D 4 HOH 89  389 55  HOH HOH A . 
D 4 HOH 90  390 56  HOH HOH A . 
D 4 HOH 91  391 60  HOH HOH A . 
D 4 HOH 92  392 63  HOH HOH A . 
D 4 HOH 93  393 64  HOH HOH A . 
D 4 HOH 94  394 67  HOH HOH A . 
D 4 HOH 95  395 68  HOH HOH A . 
D 4 HOH 96  396 69  HOH HOH A . 
D 4 HOH 97  397 70  HOH HOH A . 
D 4 HOH 98  398 72  HOH HOH A . 
D 4 HOH 99  399 74  HOH HOH A . 
D 4 HOH 100 400 76  HOH HOH A . 
D 4 HOH 101 401 78  HOH HOH A . 
D 4 HOH 102 402 79  HOH HOH A . 
D 4 HOH 103 403 81  HOH HOH A . 
D 4 HOH 104 404 85  HOH HOH A . 
D 4 HOH 105 405 86  HOH HOH A . 
D 4 HOH 106 406 88  HOH HOH A . 
D 4 HOH 107 407 89  HOH HOH A . 
D 4 HOH 108 408 90  HOH HOH A . 
D 4 HOH 109 409 92  HOH HOH A . 
D 4 HOH 110 410 96  HOH HOH A . 
D 4 HOH 111 411 102 HOH HOH A . 
D 4 HOH 112 412 104 HOH HOH A . 
D 4 HOH 113 413 107 HOH HOH A . 
D 4 HOH 114 414 109 HOH HOH A . 
D 4 HOH 115 415 111 HOH HOH A . 
D 4 HOH 116 416 112 HOH HOH A . 
D 4 HOH 117 417 113 HOH HOH A . 
D 4 HOH 118 418 114 HOH HOH A . 
D 4 HOH 119 419 115 HOH HOH A . 
D 4 HOH 120 420 116 HOH HOH A . 
D 4 HOH 121 421 117 HOH HOH A . 
D 4 HOH 122 422 118 HOH HOH A . 
D 4 HOH 123 423 120 HOH HOH A . 
D 4 HOH 124 424 123 HOH HOH A . 
D 4 HOH 125 425 125 HOH HOH A . 
D 4 HOH 126 426 126 HOH HOH A . 
D 4 HOH 127 427 127 HOH HOH A . 
D 4 HOH 128 428 128 HOH HOH A . 
D 4 HOH 129 429 129 HOH HOH A . 
# 
loop_
_pdbx_unobs_or_zero_occ_atoms.id 
_pdbx_unobs_or_zero_occ_atoms.PDB_model_num 
_pdbx_unobs_or_zero_occ_atoms.polymer_flag 
_pdbx_unobs_or_zero_occ_atoms.occupancy_flag 
_pdbx_unobs_or_zero_occ_atoms.auth_asym_id 
_pdbx_unobs_or_zero_occ_atoms.auth_comp_id 
_pdbx_unobs_or_zero_occ_atoms.auth_seq_id 
_pdbx_unobs_or_zero_occ_atoms.PDB_ins_code 
_pdbx_unobs_or_zero_occ_atoms.auth_atom_id 
_pdbx_unobs_or_zero_occ_atoms.label_alt_id 
_pdbx_unobs_or_zero_occ_atoms.label_asym_id 
_pdbx_unobs_or_zero_occ_atoms.label_comp_id 
_pdbx_unobs_or_zero_occ_atoms.label_seq_id 
_pdbx_unobs_or_zero_occ_atoms.label_atom_id 
1  1 Y 1 A LYS 11  ? CE  ? A LYS 18  CE  
2  1 Y 1 A LYS 11  ? NZ  ? A LYS 18  NZ  
3  1 Y 1 A LYS 37  ? CE  ? A LYS 44  CE  
4  1 Y 1 A LYS 37  ? NZ  ? A LYS 44  NZ  
5  1 Y 1 A LYS 62  ? CE  ? A LYS 69  CE  
6  1 Y 1 A LYS 62  ? NZ  ? A LYS 69  NZ  
7  1 Y 1 A LYS 63  ? CE  ? A LYS 70  CE  
8  1 Y 1 A LYS 63  ? NZ  ? A LYS 70  NZ  
9  1 Y 1 A ARG 108 ? CD  ? A ARG 115 CD  
10 1 Y 1 A ARG 108 ? NE  ? A ARG 115 NE  
11 1 Y 1 A ARG 108 ? CZ  ? A ARG 115 CZ  
12 1 Y 1 A ARG 108 ? NH1 ? A ARG 115 NH1 
13 1 Y 1 A ARG 108 ? NH2 ? A ARG 115 NH2 
14 1 Y 1 A ASN 149 ? CG  ? A ASN 156 CG  
15 1 Y 1 A ASN 149 ? OD1 ? A ASN 156 OD1 
16 1 Y 1 A ASN 149 ? ND2 ? A ASN 156 ND2 
17 1 Y 1 A LYS 162 ? CG  ? A LYS 169 CG  
18 1 Y 1 A LYS 162 ? CD  ? A LYS 169 CD  
19 1 Y 1 A LYS 162 ? CE  ? A LYS 169 CE  
20 1 Y 1 A LYS 162 ? NZ  ? A LYS 169 NZ  
# 
loop_
_software.citation_id 
_software.classification 
_software.compiler_name 
_software.compiler_version 
_software.contact_author 
_software.contact_author_email 
_software.date 
_software.description 
_software.dependencies 
_software.hardware 
_software.language 
_software.location 
_software.mods 
_software.name 
_software.os 
_software.os_version 
_software.type 
_software.version 
_software.pdbx_ordinal 
? 'data scaling'    ? ? ? ? ? ? ? ? ? ? ? Aimless     ? ? ? 0.2.17 1 
? phasing           ? ? ? ? ? ? ? ? ? ? ? PHASER      ? ? ? 2.5.6  2 
? refinement        ? ? ? ? ? ? ? ? ? ? ? PHENIX      ? ? ? .      3 
? 'data extraction' ? ? ? ? ? ? ? ? ? ? ? PDB_EXTRACT ? ? ? 3.15   4 
? 'data scaling'    ? ? ? ? ? ? ? ? ? ? ? XDS         ? ? ? .      5 
# 
_cell.angle_alpha                  90.000 
_cell.angle_alpha_esd              ? 
_cell.angle_beta                   90.000 
_cell.angle_beta_esd               ? 
_cell.angle_gamma                  120.000 
_cell.angle_gamma_esd              ? 
_cell.entry_id                     4XBB 
_cell.details                      ? 
_cell.formula_units_Z              ? 
_cell.length_a                     124.171 
_cell.length_a_esd                 ? 
_cell.length_b                     124.171 
_cell.length_b_esd                 ? 
_cell.length_c                     49.969 
_cell.length_c_esd                 ? 
_cell.volume                       ? 
_cell.volume_esd                   ? 
_cell.Z_PDB                        12 
_cell.reciprocal_angle_alpha       ? 
_cell.reciprocal_angle_beta        ? 
_cell.reciprocal_angle_gamma       ? 
_cell.reciprocal_angle_alpha_esd   ? 
_cell.reciprocal_angle_beta_esd    ? 
_cell.reciprocal_angle_gamma_esd   ? 
_cell.reciprocal_length_a          ? 
_cell.reciprocal_length_b          ? 
_cell.reciprocal_length_c          ? 
_cell.reciprocal_length_a_esd      ? 
_cell.reciprocal_length_b_esd      ? 
_cell.reciprocal_length_c_esd      ? 
_cell.pdbx_unique_axis             ? 
# 
_symmetry.entry_id                         4XBB 
_symmetry.cell_setting                     ? 
_symmetry.Int_Tables_number                179 
_symmetry.space_group_name_Hall            ? 
_symmetry.space_group_name_H-M             'P 65 2 2' 
_symmetry.pdbx_full_space_group_name_H-M   ? 
# 
_exptl.absorpt_coefficient_mu     ? 
_exptl.absorpt_correction_T_max   ? 
_exptl.absorpt_correction_T_min   ? 
_exptl.absorpt_correction_type    ? 
_exptl.absorpt_process_details    ? 
_exptl.entry_id                   4XBB 
_exptl.crystals_number            1 
_exptl.details                    ? 
_exptl.method                     'X-RAY DIFFRACTION' 
_exptl.method_details             ? 
# 
_exptl_crystal.colour                      ? 
_exptl_crystal.density_diffrn              ? 
_exptl_crystal.density_Matthews            2.76 
_exptl_crystal.density_method              ? 
_exptl_crystal.density_percent_sol         55.48 
_exptl_crystal.description                 Needle 
_exptl_crystal.F_000                       ? 
_exptl_crystal.id                          1 
_exptl_crystal.preparation                 ? 
_exptl_crystal.size_max                    ? 
_exptl_crystal.size_mid                    ? 
_exptl_crystal.size_min                    ? 
_exptl_crystal.size_rad                    ? 
_exptl_crystal.colour_lustre               ? 
_exptl_crystal.colour_modifier             ? 
_exptl_crystal.colour_primary              ? 
_exptl_crystal.density_meas                ? 
_exptl_crystal.density_meas_esd            ? 
_exptl_crystal.density_meas_gt             ? 
_exptl_crystal.density_meas_lt             ? 
_exptl_crystal.density_meas_temp           ? 
_exptl_crystal.density_meas_temp_esd       ? 
_exptl_crystal.density_meas_temp_gt        ? 
_exptl_crystal.density_meas_temp_lt        ? 
_exptl_crystal.pdbx_crystal_image_url      ? 
_exptl_crystal.pdbx_crystal_image_format   ? 
_exptl_crystal.pdbx_mosaicity              ? 
_exptl_crystal.pdbx_mosaicity_esd          ? 
# 
_exptl_crystal_grow.apparatus       ? 
_exptl_crystal_grow.atmosphere      ? 
_exptl_crystal_grow.crystal_id      1 
_exptl_crystal_grow.details         ? 
_exptl_crystal_grow.method          'VAPOR DIFFUSION' 
_exptl_crystal_grow.method_ref      ? 
_exptl_crystal_grow.pH              7.5 
_exptl_crystal_grow.pressure        ? 
_exptl_crystal_grow.pressure_esd    ? 
_exptl_crystal_grow.seeding         ? 
_exptl_crystal_grow.seeding_ref     ? 
_exptl_crystal_grow.temp            293 
_exptl_crystal_grow.temp_details    ? 
_exptl_crystal_grow.temp_esd        ? 
_exptl_crystal_grow.time            ? 
_exptl_crystal_grow.pdbx_details    '20% (w/v) PEG 5000 MME, 100 mM Tris, 200 mM ammonium sulfate' 
_exptl_crystal_grow.pdbx_pH_range   ? 
# 
_diffrn.ambient_environment    ? 
_diffrn.ambient_temp           100 
_diffrn.ambient_temp_details   ? 
_diffrn.ambient_temp_esd       ? 
_diffrn.crystal_id             1 
_diffrn.crystal_support        ? 
_diffrn.crystal_treatment      ? 
_diffrn.details                ? 
_diffrn.id                     1 
_diffrn.ambient_pressure       ? 
_diffrn.ambient_pressure_esd   ? 
_diffrn.ambient_pressure_gt    ? 
_diffrn.ambient_pressure_lt    ? 
_diffrn.ambient_temp_gt        ? 
_diffrn.ambient_temp_lt        ? 
# 
_diffrn_detector.details                      ? 
_diffrn_detector.detector                     PIXEL 
_diffrn_detector.diffrn_id                    1 
_diffrn_detector.type                         'DECTRIS PILATUS 6M' 
_diffrn_detector.area_resol_mean              ? 
_diffrn_detector.dtime                        ? 
_diffrn_detector.pdbx_frames_total            ? 
_diffrn_detector.pdbx_collection_time_total   ? 
_diffrn_detector.pdbx_collection_date         2014-04-17 
# 
_diffrn_radiation.collimation                      ? 
_diffrn_radiation.diffrn_id                        1 
_diffrn_radiation.filter_edge                      ? 
_diffrn_radiation.inhomogeneity                    ? 
_diffrn_radiation.monochromator                    ? 
_diffrn_radiation.polarisn_norm                    ? 
_diffrn_radiation.polarisn_ratio                   ? 
_diffrn_radiation.probe                            ? 
_diffrn_radiation.type                             ? 
_diffrn_radiation.xray_symbol                      ? 
_diffrn_radiation.wavelength_id                    1 
_diffrn_radiation.pdbx_monochromatic_or_laue_m_l   M 
_diffrn_radiation.pdbx_wavelength_list             ? 
_diffrn_radiation.pdbx_wavelength                  ? 
_diffrn_radiation.pdbx_diffrn_protocol             'SINGLE WAVELENGTH' 
_diffrn_radiation.pdbx_analyzer                    ? 
_diffrn_radiation.pdbx_scattering_type             x-ray 
# 
_diffrn_radiation_wavelength.id           1 
_diffrn_radiation_wavelength.wavelength   1.0000 
_diffrn_radiation_wavelength.wt           1.0 
# 
_diffrn_source.current                     ? 
_diffrn_source.details                     ? 
_diffrn_source.diffrn_id                   1 
_diffrn_source.power                       ? 
_diffrn_source.size                        ? 
_diffrn_source.source                      SYNCHROTRON 
_diffrn_source.target                      ? 
_diffrn_source.type                        'APS BEAMLINE 17-ID' 
_diffrn_source.voltage                     ? 
_diffrn_source.take-off_angle              ? 
_diffrn_source.pdbx_wavelength_list        1.0000 
_diffrn_source.pdbx_wavelength             ? 
_diffrn_source.pdbx_synchrotron_beamline   17-ID 
_diffrn_source.pdbx_synchrotron_site       APS 
# 
_reflns.B_iso_Wilson_estimate            18.290 
_reflns.entry_id                         4XBB 
_reflns.data_reduction_details           ? 
_reflns.data_reduction_method            ? 
_reflns.d_resolution_high                1.850 
_reflns.d_resolution_low                 45.320 
_reflns.details                          ? 
_reflns.limit_h_max                      ? 
_reflns.limit_h_min                      ? 
_reflns.limit_k_max                      ? 
_reflns.limit_k_min                      ? 
_reflns.limit_l_max                      ? 
_reflns.limit_l_min                      ? 
_reflns.number_all                       ? 
_reflns.number_obs                       19899 
_reflns.observed_criterion               ? 
_reflns.observed_criterion_F_max         ? 
_reflns.observed_criterion_F_min         ? 
_reflns.observed_criterion_I_max         ? 
_reflns.observed_criterion_I_min         ? 
_reflns.observed_criterion_sigma_F       ? 
_reflns.observed_criterion_sigma_I       ? 
_reflns.percent_possible_obs             100.000 
_reflns.R_free_details                   ? 
_reflns.Rmerge_F_all                     ? 
_reflns.Rmerge_F_obs                     ? 
_reflns.Friedel_coverage                 ? 
_reflns.number_gt                        ? 
_reflns.threshold_expression             ? 
_reflns.pdbx_redundancy                  19.300 
_reflns.pdbx_Rmerge_I_obs                0.197 
_reflns.pdbx_Rmerge_I_all                ? 
_reflns.pdbx_Rsym_value                  ? 
_reflns.pdbx_netI_over_av_sigmaI         ? 
_reflns.pdbx_netI_over_sigmaI            14.900 
_reflns.pdbx_res_netI_over_av_sigmaI_2   ? 
_reflns.pdbx_res_netI_over_sigmaI_2      ? 
_reflns.pdbx_chi_squared                 ? 
_reflns.pdbx_scaling_rejects             1 
_reflns.pdbx_d_res_high_opt              ? 
_reflns.pdbx_d_res_low_opt               ? 
_reflns.pdbx_d_res_opt_method            ? 
_reflns.phase_calculation_details        ? 
_reflns.pdbx_Rrim_I_all                  ? 
_reflns.pdbx_Rpim_I_all                  ? 
_reflns.pdbx_d_opt                       ? 
_reflns.pdbx_number_measured_all         384657 
_reflns.pdbx_diffrn_id                   1 
_reflns.pdbx_ordinal                     1 
_reflns.pdbx_CC_half                     0.998 
_reflns.pdbx_R_split                     ? 
# 
loop_
_reflns_shell.d_res_high 
_reflns_shell.d_res_low 
_reflns_shell.meanI_over_sigI_all 
_reflns_shell.meanI_over_sigI_obs 
_reflns_shell.number_measured_all 
_reflns_shell.number_measured_obs 
_reflns_shell.number_possible 
_reflns_shell.number_unique_all 
_reflns_shell.number_unique_obs 
_reflns_shell.percent_possible_all 
_reflns_shell.percent_possible_obs 
_reflns_shell.Rmerge_F_all 
_reflns_shell.Rmerge_F_obs 
_reflns_shell.Rmerge_I_all 
_reflns_shell.Rmerge_I_obs 
_reflns_shell.meanI_over_sigI_gt 
_reflns_shell.meanI_over_uI_all 
_reflns_shell.meanI_over_uI_gt 
_reflns_shell.number_measured_gt 
_reflns_shell.number_unique_gt 
_reflns_shell.percent_possible_gt 
_reflns_shell.Rmerge_F_gt 
_reflns_shell.Rmerge_I_gt 
_reflns_shell.pdbx_redundancy 
_reflns_shell.pdbx_Rsym_value 
_reflns_shell.pdbx_chi_squared 
_reflns_shell.pdbx_netI_over_sigmaI_all 
_reflns_shell.pdbx_netI_over_sigmaI_obs 
_reflns_shell.pdbx_Rrim_I_all 
_reflns_shell.pdbx_Rpim_I_all 
_reflns_shell.pdbx_rejects 
_reflns_shell.pdbx_ordinal 
_reflns_shell.pdbx_diffrn_id 
_reflns_shell.pdbx_CC_half 
_reflns_shell.pdbx_R_split 
1.850 1.890  ? 2.400  22129 ? ? 1197 ? 100.000 ? ? ? ? 1.505 ? ? ? ? ? ? ? ? 18.500 ? ? ? ? ? ? 0 1 1 0.763 ? 
9.060 45.320 ? 46.100 3510  ? ? 220  ? 99.500  ? ? ? ? 0.051 ? ? ? ? ? ? ? ? 16.000 ? ? ? ? ? ? 0 2 1 0.999 ? 
# 
_refine.aniso_B[1][1]                            ? 
_refine.aniso_B[1][2]                            ? 
_refine.aniso_B[1][3]                            ? 
_refine.aniso_B[2][2]                            ? 
_refine.aniso_B[2][3]                            ? 
_refine.aniso_B[3][3]                            ? 
_refine.B_iso_max                                79.140 
_refine.B_iso_mean                               21.1897 
_refine.B_iso_min                                8.080 
_refine.correlation_coeff_Fo_to_Fc               ? 
_refine.correlation_coeff_Fo_to_Fc_free          ? 
_refine.details                                  ? 
_refine.diff_density_max                         ? 
_refine.diff_density_max_esd                     ? 
_refine.diff_density_min                         ? 
_refine.diff_density_min_esd                     ? 
_refine.diff_density_rms                         ? 
_refine.diff_density_rms_esd                     ? 
_refine.entry_id                                 4XBB 
_refine.pdbx_refine_id                           'X-RAY DIFFRACTION' 
_refine.ls_abs_structure_details                 ? 
_refine.ls_abs_structure_Flack                   ? 
_refine.ls_abs_structure_Flack_esd               ? 
_refine.ls_abs_structure_Rogers                  ? 
_refine.ls_abs_structure_Rogers_esd              ? 
_refine.ls_d_res_high                            1.8500 
_refine.ls_d_res_low                             45.3160 
_refine.ls_extinction_coef                       ? 
_refine.ls_extinction_coef_esd                   ? 
_refine.ls_extinction_expression                 ? 
_refine.ls_extinction_method                     ? 
_refine.ls_goodness_of_fit_all                   ? 
_refine.ls_goodness_of_fit_all_esd               ? 
_refine.ls_goodness_of_fit_obs                   ? 
_refine.ls_goodness_of_fit_obs_esd               ? 
_refine.ls_hydrogen_treatment                    ? 
_refine.ls_matrix_type                           ? 
_refine.ls_number_constraints                    ? 
_refine.ls_number_parameters                     ? 
_refine.ls_number_reflns_all                     ? 
_refine.ls_number_reflns_obs                     19875 
_refine.ls_number_reflns_R_free                  968 
_refine.ls_number_reflns_R_work                  18907 
_refine.ls_number_restraints                     ? 
_refine.ls_percent_reflns_obs                    99.9900 
_refine.ls_percent_reflns_R_free                 4.8700 
_refine.ls_R_factor_all                          ? 
_refine.ls_R_factor_obs                          0.1641 
_refine.ls_R_factor_R_free                       0.1965 
_refine.ls_R_factor_R_free_error                 ? 
_refine.ls_R_factor_R_free_error_details         ? 
_refine.ls_R_factor_R_work                       0.1625 
_refine.ls_R_Fsqd_factor_obs                     ? 
_refine.ls_R_I_factor_obs                        ? 
_refine.ls_redundancy_reflns_all                 ? 
_refine.ls_redundancy_reflns_obs                 ? 
_refine.ls_restrained_S_all                      ? 
_refine.ls_restrained_S_obs                      ? 
_refine.ls_shift_over_esd_max                    ? 
_refine.ls_shift_over_esd_mean                   ? 
_refine.ls_structure_factor_coef                 ? 
_refine.ls_weighting_details                     ? 
_refine.ls_weighting_scheme                      ? 
_refine.ls_wR_factor_all                         ? 
_refine.ls_wR_factor_obs                         ? 
_refine.ls_wR_factor_R_free                      ? 
_refine.ls_wR_factor_R_work                      ? 
_refine.occupancy_max                            ? 
_refine.occupancy_min                            ? 
_refine.solvent_model_details                    'FLAT BULK SOLVENT MODEL' 
_refine.solvent_model_param_bsol                 ? 
_refine.solvent_model_param_ksol                 ? 
_refine.ls_R_factor_gt                           ? 
_refine.ls_goodness_of_fit_gt                    ? 
_refine.ls_goodness_of_fit_ref                   ? 
_refine.ls_shift_over_su_max                     ? 
_refine.ls_shift_over_su_max_lt                  ? 
_refine.ls_shift_over_su_mean                    ? 
_refine.ls_shift_over_su_mean_lt                 ? 
_refine.pdbx_ls_sigma_I                          ? 
_refine.pdbx_ls_sigma_F                          1.240 
_refine.pdbx_ls_sigma_Fsqd                       ? 
_refine.pdbx_data_cutoff_high_absF               ? 
_refine.pdbx_data_cutoff_high_rms_absF           ? 
_refine.pdbx_data_cutoff_low_absF                ? 
_refine.pdbx_isotropic_thermal_model             ? 
_refine.pdbx_ls_cross_valid_method               THROUGHOUT 
_refine.pdbx_method_to_determine_struct          'MOLECULAR REPLACEMENT' 
_refine.pdbx_starting_model                      3UR9 
_refine.pdbx_stereochemistry_target_values       ML 
_refine.pdbx_R_Free_selection_details            RANDOM 
_refine.pdbx_stereochem_target_val_spec_case     ? 
_refine.pdbx_overall_ESU_R                       ? 
_refine.pdbx_overall_ESU_R_Free                  ? 
_refine.pdbx_solvent_vdw_probe_radii             1.1100 
_refine.pdbx_solvent_ion_probe_radii             ? 
_refine.pdbx_solvent_shrinkage_radii             0.9000 
_refine.pdbx_real_space_R                        ? 
_refine.pdbx_density_correlation                 ? 
_refine.pdbx_pd_number_of_powder_patterns        ? 
_refine.pdbx_pd_number_of_points                 ? 
_refine.pdbx_pd_meas_number_of_points            ? 
_refine.pdbx_pd_proc_ls_prof_R_factor            ? 
_refine.pdbx_pd_proc_ls_prof_wR_factor           ? 
_refine.pdbx_pd_Marquardt_correlation_coeff      ? 
_refine.pdbx_pd_Fsqrd_R_factor                   ? 
_refine.pdbx_pd_ls_matrix_band_width             ? 
_refine.pdbx_overall_phase_error                 17.0800 
_refine.pdbx_overall_SU_R_free_Cruickshank_DPI   ? 
_refine.pdbx_overall_SU_R_free_Blow_DPI          ? 
_refine.pdbx_overall_SU_R_Blow_DPI               ? 
_refine.pdbx_TLS_residual_ADP_flag               ? 
_refine.pdbx_diffrn_id                           1 
_refine.overall_SU_B                             ? 
_refine.overall_SU_ML                            0.1600 
_refine.overall_SU_R_Cruickshank_DPI             ? 
_refine.overall_SU_R_free                        ? 
_refine.overall_FOM_free_R_set                   ? 
_refine.overall_FOM_work_R_set                   ? 
_refine.pdbx_average_fsc_overall                 ? 
_refine.pdbx_average_fsc_work                    ? 
_refine.pdbx_average_fsc_free                    ? 
# 
_refine_hist.cycle_id                         final 
_refine_hist.pdbx_refine_id                   'X-RAY DIFFRACTION' 
_refine_hist.d_res_high                       1.8500 
_refine_hist.d_res_low                        45.3160 
_refine_hist.pdbx_number_atoms_ligand         38 
_refine_hist.number_atoms_solvent             129 
_refine_hist.number_atoms_total               1385 
_refine_hist.pdbx_number_residues_total       165 
_refine_hist.pdbx_B_iso_mean_ligand           29.04 
_refine_hist.pdbx_B_iso_mean_solvent          29.90 
_refine_hist.pdbx_number_atoms_protein        1218 
_refine_hist.pdbx_number_atoms_nucleic_acid   0 
# 
loop_
_refine_ls_restr.pdbx_refine_id 
_refine_ls_restr.criterion 
_refine_ls_restr.dev_ideal 
_refine_ls_restr.dev_ideal_target 
_refine_ls_restr.number 
_refine_ls_restr.rejects 
_refine_ls_restr.type 
_refine_ls_restr.weight 
_refine_ls_restr.pdbx_restraint_function 
'X-RAY DIFFRACTION' ? 0.009  ? 1313 ? f_bond_d           ? ? 
'X-RAY DIFFRACTION' ? 1.229  ? 1794 ? f_angle_d          ? ? 
'X-RAY DIFFRACTION' ? 0.254  ? 205  ? f_chiral_restr     ? ? 
'X-RAY DIFFRACTION' ? 0.007  ? 226  ? f_plane_restr      ? ? 
'X-RAY DIFFRACTION' ? 13.635 ? 471  ? f_dihedral_angle_d ? ? 
# 
loop_
_refine_ls_shell.pdbx_refine_id 
_refine_ls_shell.d_res_high 
_refine_ls_shell.d_res_low 
_refine_ls_shell.number_reflns_all 
_refine_ls_shell.number_reflns_obs 
_refine_ls_shell.number_reflns_R_free 
_refine_ls_shell.number_reflns_R_work 
_refine_ls_shell.percent_reflns_obs 
_refine_ls_shell.percent_reflns_R_free 
_refine_ls_shell.R_factor_all 
_refine_ls_shell.R_factor_obs 
_refine_ls_shell.R_factor_R_free 
_refine_ls_shell.R_factor_R_free_error 
_refine_ls_shell.R_factor_R_work 
_refine_ls_shell.redundancy_reflns_all 
_refine_ls_shell.redundancy_reflns_obs 
_refine_ls_shell.wR_factor_all 
_refine_ls_shell.wR_factor_obs 
_refine_ls_shell.wR_factor_R_free 
_refine_ls_shell.wR_factor_R_work 
_refine_ls_shell.pdbx_total_number_of_bins_used 
_refine_ls_shell.pdbx_phase_error 
_refine_ls_shell.pdbx_fsc_work 
_refine_ls_shell.pdbx_fsc_free 
'X-RAY DIFFRACTION' 1.8501 1.9476  2767 . 141 2626 100.0000 . . . 0.2373 . 0.2073 . . . . . . 7 . . . 
'X-RAY DIFFRACTION' 1.9476 2.0696  2785 . 147 2638 100.0000 . . . 0.1990 . 0.1668 . . . . . . 7 . . . 
'X-RAY DIFFRACTION' 2.0696 2.2294  2785 . 124 2661 100.0000 . . . 0.2215 . 0.1589 . . . . . . 7 . . . 
'X-RAY DIFFRACTION' 2.2294 2.4538  2799 . 138 2661 100.0000 . . . 0.2029 . 0.1539 . . . . . . 7 . . . 
'X-RAY DIFFRACTION' 2.4538 2.8088  2831 . 144 2687 100.0000 . . . 0.2065 . 0.1621 . . . . . . 7 . . . 
'X-RAY DIFFRACTION' 2.8088 3.5386  2878 . 131 2747 100.0000 . . . 0.1840 . 0.1593 . . . . . . 7 . . . 
'X-RAY DIFFRACTION' 3.5386 45.3292 3030 . 143 2887 100.0000 . . . 0.1811 . 0.1594 . . . . . . 7 . . . 
# 
_struct.entry_id                     4XBB 
_struct.title                        
;1.85A resolution structure of Norovirus 3CL protease complex with a covalently bound dipeptidyl inhibitor diethyl [(1R,2S)-2-[(N-{[(3-chlorobenzyl)oxy]carbonyl}-3-cyclohexyl-L-alanyl)amino]-1-hydroxy-3-(2-oxo-2H-pyrrol-3-yl)propyl]phosphonate
;
_struct.pdbx_model_details           ? 
_struct.pdbx_formula_weight          ? 
_struct.pdbx_formula_weight_method   ? 
_struct.pdbx_model_type_details      ? 
_struct.pdbx_CASP_flag               ? 
# 
_struct_keywords.entry_id        4XBB 
_struct_keywords.text            
'PROTEASE, NOROVIRUS, NORWALK VIRUS, ANTIVIRAL INHIBITORS, DIPEPTIDYL INHIBITOR, HYDROLASE-HYDROLASE INHIBITOR complex' 
_struct_keywords.pdbx_keywords   'HYDROLASE/HYDROLASE INHIBITOR' 
# 
loop_
_struct_asym.id 
_struct_asym.pdbx_blank_PDB_chainid_flag 
_struct_asym.pdbx_modified 
_struct_asym.entity_id 
_struct_asym.details 
A N N 1 ? 
B N N 2 ? 
C N N 3 ? 
D N N 4 ? 
# 
_struct_ref.id                         1 
_struct_ref.db_name                    UNP 
_struct_ref.db_code                    POLG_NVN68 
_struct_ref.pdbx_db_accession          Q83883 
_struct_ref.pdbx_db_isoform            ? 
_struct_ref.entity_id                  1 
_struct_ref.pdbx_seq_one_letter_code   
;APPTLWSRVTKFGSGWGFWVSPTVFITTTHVVPTGVKEFFGEPLSSIAIHQAGEFTQFRFSKKMRPDLTGMVLEEGCPEG
TVCSVLIKRDSGELLPLAVRMGAIASMRIQGRLVHGQSGMLLTGANAKGMDLGTIPGDCGAPYVHKRGNDWVVCGVHAAA
TKSGNTVVCAVQAGEGETALE
;
_struct_ref.pdbx_align_begin           1101 
# 
_struct_ref_seq.align_id                      1 
_struct_ref_seq.ref_id                        1 
_struct_ref_seq.pdbx_PDB_id_code              4XBB 
_struct_ref_seq.pdbx_strand_id                A 
_struct_ref_seq.seq_align_beg                 8 
_struct_ref_seq.pdbx_seq_align_beg_ins_code   ? 
_struct_ref_seq.seq_align_end                 188 
_struct_ref_seq.pdbx_seq_align_end_ins_code   ? 
_struct_ref_seq.pdbx_db_accession             Q83883 
_struct_ref_seq.db_align_beg                  1101 
_struct_ref_seq.pdbx_db_align_beg_ins_code    ? 
_struct_ref_seq.db_align_end                  1281 
_struct_ref_seq.pdbx_db_align_end_ins_code    ? 
_struct_ref_seq.pdbx_auth_seq_align_beg       1 
_struct_ref_seq.pdbx_auth_seq_align_end       181 
# 
loop_
_struct_ref_seq_dif.align_id 
_struct_ref_seq_dif.pdbx_pdb_id_code 
_struct_ref_seq_dif.mon_id 
_struct_ref_seq_dif.pdbx_pdb_strand_id 
_struct_ref_seq_dif.seq_num 
_struct_ref_seq_dif.pdbx_pdb_ins_code 
_struct_ref_seq_dif.pdbx_seq_db_name 
_struct_ref_seq_dif.pdbx_seq_db_accession_code 
_struct_ref_seq_dif.db_mon_id 
_struct_ref_seq_dif.pdbx_seq_db_seq_num 
_struct_ref_seq_dif.details 
_struct_ref_seq_dif.pdbx_auth_seq_num 
_struct_ref_seq_dif.pdbx_ordinal 
1 4XBB HIS A 1 ? UNP Q83883 ? ? 'expression tag' -6 1 
1 4XBB HIS A 2 ? UNP Q83883 ? ? 'expression tag' -5 2 
1 4XBB HIS A 3 ? UNP Q83883 ? ? 'expression tag' -4 3 
1 4XBB HIS A 4 ? UNP Q83883 ? ? 'expression tag' -3 4 
1 4XBB HIS A 5 ? UNP Q83883 ? ? 'expression tag' -2 5 
1 4XBB HIS A 6 ? UNP Q83883 ? ? 'expression tag' -1 6 
1 4XBB MET A 7 ? UNP Q83883 ? ? 'expression tag' 0  7 
# 
loop_
_pdbx_struct_assembly.id 
_pdbx_struct_assembly.details 
_pdbx_struct_assembly.method_details 
_pdbx_struct_assembly.oligomeric_details 
_pdbx_struct_assembly.oligomeric_count 
1 author_defined_assembly   ?    monomeric 1 
2 software_defined_assembly PISA dimeric   2 
# 
loop_
_pdbx_struct_assembly_prop.biol_id 
_pdbx_struct_assembly_prop.type 
_pdbx_struct_assembly_prop.value 
_pdbx_struct_assembly_prop.details 
1 'ABSA (A^2)' 150   ? 
1 MORE         -11   ? 
1 'SSA (A^2)'  7840  ? 
2 'ABSA (A^2)' 1340  ? 
2 MORE         -33   ? 
2 'SSA (A^2)'  14650 ? 
# 
loop_
_pdbx_struct_assembly_gen.assembly_id 
_pdbx_struct_assembly_gen.oper_expression 
_pdbx_struct_assembly_gen.asym_id_list 
1 1   A,B,C,D 
2 1,2 A,B,C,D 
# 
loop_
_pdbx_struct_oper_list.id 
_pdbx_struct_oper_list.type 
_pdbx_struct_oper_list.name 
_pdbx_struct_oper_list.symmetry_operation 
_pdbx_struct_oper_list.matrix[1][1] 
_pdbx_struct_oper_list.matrix[1][2] 
_pdbx_struct_oper_list.matrix[1][3] 
_pdbx_struct_oper_list.vector[1] 
_pdbx_struct_oper_list.matrix[2][1] 
_pdbx_struct_oper_list.matrix[2][2] 
_pdbx_struct_oper_list.matrix[2][3] 
_pdbx_struct_oper_list.vector[2] 
_pdbx_struct_oper_list.matrix[3][1] 
_pdbx_struct_oper_list.matrix[3][2] 
_pdbx_struct_oper_list.matrix[3][3] 
_pdbx_struct_oper_list.vector[3] 
1 'identity operation'         1_555 x,y,z      1.0000000000  0.0000000000  0.0000000000 0.0000000000  0.0000000000  1.0000000000  0.0000000000  0.0000000000  0.0000000000 0.0000000000  1.0000000000  0.0000000000  
2 'crystal symmetry operation' 7_555 y,x,-z+2/3 -0.1108283131 -0.9042410019 0.4123897373 26.8960215184 -0.9042410019 -0.0804342945 -0.4193787485 23.3127857332 0.4123897373 -0.4193787485 -0.8087373924 -6.8740898233 
# 
loop_
_struct_conf.conf_type_id 
_struct_conf.id 
_struct_conf.pdbx_PDB_helix_id 
_struct_conf.beg_label_comp_id 
_struct_conf.beg_label_asym_id 
_struct_conf.beg_label_seq_id 
_struct_conf.pdbx_beg_PDB_ins_code 
_struct_conf.end_label_comp_id 
_struct_conf.end_label_asym_id 
_struct_conf.end_label_seq_id 
_struct_conf.pdbx_end_PDB_ins_code 
_struct_conf.beg_auth_comp_id 
_struct_conf.beg_auth_asym_id 
_struct_conf.beg_auth_seq_id 
_struct_conf.end_auth_comp_id 
_struct_conf.end_auth_asym_id 
_struct_conf.end_auth_seq_id 
_struct_conf.pdbx_PDB_helix_class 
_struct_conf.details 
_struct_conf.pdbx_PDB_helix_length 
HELX_P HELX_P1 AA1 PRO A 9  ? SER A 14 ? PRO A 2  SER A 7  1 ? 6 
HELX_P HELX_P2 AA2 HIS A 37 ? VAL A 39 ? HIS A 30 VAL A 32 5 ? 3 
# 
_struct_conf_type.id          HELX_P 
_struct_conf_type.criteria    ? 
_struct_conf_type.reference   ? 
# 
loop_
_struct_conn.id 
_struct_conn.conn_type_id 
_struct_conn.pdbx_leaving_atom_flag 
_struct_conn.pdbx_PDB_id 
_struct_conn.ptnr1_label_asym_id 
_struct_conn.ptnr1_label_comp_id 
_struct_conn.ptnr1_label_seq_id 
_struct_conn.ptnr1_label_atom_id 
_struct_conn.pdbx_ptnr1_label_alt_id 
_struct_conn.pdbx_ptnr1_PDB_ins_code 
_struct_conn.pdbx_ptnr1_standard_comp_id 
_struct_conn.ptnr1_symmetry 
_struct_conn.ptnr2_label_asym_id 
_struct_conn.ptnr2_label_comp_id 
_struct_conn.ptnr2_label_seq_id 
_struct_conn.ptnr2_label_atom_id 
_struct_conn.pdbx_ptnr2_label_alt_id 
_struct_conn.pdbx_ptnr2_PDB_ins_code 
_struct_conn.ptnr1_auth_asym_id 
_struct_conn.ptnr1_auth_comp_id 
_struct_conn.ptnr1_auth_seq_id 
_struct_conn.ptnr2_auth_asym_id 
_struct_conn.ptnr2_auth_comp_id 
_struct_conn.ptnr2_auth_seq_id 
_struct_conn.ptnr2_symmetry 
_struct_conn.pdbx_ptnr3_label_atom_id 
_struct_conn.pdbx_ptnr3_label_seq_id 
_struct_conn.pdbx_ptnr3_label_comp_id 
_struct_conn.pdbx_ptnr3_label_asym_id 
_struct_conn.pdbx_ptnr3_label_alt_id 
_struct_conn.pdbx_ptnr3_PDB_ins_code 
_struct_conn.details 
_struct_conn.pdbx_dist_value 
_struct_conn.pdbx_value_order 
_struct_conn.pdbx_role 
disulf1 disulf ?   ? A CYS 84  SG ? ? ? 1_555 A CYS 161 SG  A ? A CYS 77  A CYS 154 1_555 ? ? ? ? ? ? ? 2.087 ? ? 
covale1 covale one ? A CYS 146 SG ? ? ? 1_555 B 3ZR .   C31 ? ? A CYS 139 A 3ZR 201 1_555 ? ? ? ? ? ? ? 1.813 ? ? 
# 
loop_
_struct_conn_type.id 
_struct_conn_type.criteria 
_struct_conn_type.reference 
disulf ? ? 
covale ? ? 
# 
loop_
_pdbx_modification_feature.ordinal 
_pdbx_modification_feature.label_comp_id 
_pdbx_modification_feature.label_asym_id 
_pdbx_modification_feature.label_seq_id 
_pdbx_modification_feature.label_alt_id 
_pdbx_modification_feature.modified_residue_label_comp_id 
_pdbx_modification_feature.modified_residue_label_asym_id 
_pdbx_modification_feature.modified_residue_label_seq_id 
_pdbx_modification_feature.modified_residue_label_alt_id 
_pdbx_modification_feature.auth_comp_id 
_pdbx_modification_feature.auth_asym_id 
_pdbx_modification_feature.auth_seq_id 
_pdbx_modification_feature.PDB_ins_code 
_pdbx_modification_feature.symmetry 
_pdbx_modification_feature.modified_residue_auth_comp_id 
_pdbx_modification_feature.modified_residue_auth_asym_id 
_pdbx_modification_feature.modified_residue_auth_seq_id 
_pdbx_modification_feature.modified_residue_PDB_ins_code 
_pdbx_modification_feature.modified_residue_symmetry 
_pdbx_modification_feature.comp_id_linking_atom 
_pdbx_modification_feature.modified_residue_id_linking_atom 
_pdbx_modification_feature.modified_residue_id 
_pdbx_modification_feature.ref_pcm_id 
_pdbx_modification_feature.ref_comp_id 
_pdbx_modification_feature.type 
_pdbx_modification_feature.category 
1 3ZR B .  ? CYS A 146 ? 3ZR A 201 ? 1_555 CYS A 139 ? 1_555 C31 SG CYS 1 3ZR None 'Covalent chemical modification' 
2 CYS A 84 ? CYS A 161 A CYS A 77  ? 1_555 CYS A 154 ? 1_555 SG  SG .   . .   None 'Disulfide bridge'               
# 
loop_
_struct_sheet.id 
_struct_sheet.type 
_struct_sheet.number_strands 
_struct_sheet.details 
AA1 ? 5 ? 
AA2 ? 2 ? 
AA3 ? 8 ? 
# 
loop_
_struct_sheet_order.sheet_id 
_struct_sheet_order.range_id_1 
_struct_sheet_order.range_id_2 
_struct_sheet_order.offset 
_struct_sheet_order.sense 
AA1 1 2 ? anti-parallel 
AA1 2 3 ? anti-parallel 
AA1 3 4 ? anti-parallel 
AA1 4 5 ? anti-parallel 
AA2 1 2 ? anti-parallel 
AA3 1 2 ? parallel      
AA3 2 3 ? anti-parallel 
AA3 3 4 ? anti-parallel 
AA3 4 5 ? anti-parallel 
AA3 5 6 ? anti-parallel 
AA3 6 7 ? anti-parallel 
AA3 7 8 ? anti-parallel 
# 
loop_
_struct_sheet_range.sheet_id 
_struct_sheet_range.id 
_struct_sheet_range.beg_label_comp_id 
_struct_sheet_range.beg_label_asym_id 
_struct_sheet_range.beg_label_seq_id 
_struct_sheet_range.pdbx_beg_PDB_ins_code 
_struct_sheet_range.end_label_comp_id 
_struct_sheet_range.end_label_asym_id 
_struct_sheet_range.end_label_seq_id 
_struct_sheet_range.pdbx_end_PDB_ins_code 
_struct_sheet_range.beg_auth_comp_id 
_struct_sheet_range.beg_auth_asym_id 
_struct_sheet_range.beg_auth_seq_id 
_struct_sheet_range.end_auth_comp_id 
_struct_sheet_range.end_auth_asym_id 
_struct_sheet_range.end_auth_seq_id 
AA1 1 VAL A 16  ? PHE A 19  ? VAL A 9   PHE A 12  
AA1 2 GLY A 22  ? TRP A 26  ? GLY A 15  TRP A 19  
AA1 3 VAL A 31  ? THR A 35  ? VAL A 24  THR A 28  
AA1 4 PHE A 62  ? PHE A 67  ? PHE A 55  PHE A 60  
AA1 5 ILE A 54  ? ALA A 59  ? ILE A 47  ALA A 52  
AA2 1 GLU A 45  ? PHE A 46  ? GLU A 38  PHE A 39  
AA2 2 GLU A 49  ? PRO A 50  ? GLU A 42  PRO A 43  
AA3 1 VAL A 79  ? LEU A 80  ? VAL A 72  LEU A 73  
AA3 2 ASP A 157 ? ALA A 167 ? ASP A 150 ALA A 160 
AA3 3 THR A 173 ? ALA A 177 ? THR A 166 ALA A 170 
AA3 4 ARG A 119 ? LEU A 128 ? ARG A 112 LEU A 121 
AA3 5 LEU A 101 ? ILE A 116 ? LEU A 94  ILE A 109 
AA3 6 VAL A 89  ? LYS A 95  ? VAL A 82  LYS A 88  
AA3 7 PRO A 149 ? ARG A 154 ? PRO A 142 ARG A 147 
AA3 8 ASP A 157 ? ALA A 167 ? ASP A 150 ALA A 160 
# 
loop_
_pdbx_struct_sheet_hbond.sheet_id 
_pdbx_struct_sheet_hbond.range_id_1 
_pdbx_struct_sheet_hbond.range_id_2 
_pdbx_struct_sheet_hbond.range_1_label_atom_id 
_pdbx_struct_sheet_hbond.range_1_label_comp_id 
_pdbx_struct_sheet_hbond.range_1_label_asym_id 
_pdbx_struct_sheet_hbond.range_1_label_seq_id 
_pdbx_struct_sheet_hbond.range_1_PDB_ins_code 
_pdbx_struct_sheet_hbond.range_1_auth_atom_id 
_pdbx_struct_sheet_hbond.range_1_auth_comp_id 
_pdbx_struct_sheet_hbond.range_1_auth_asym_id 
_pdbx_struct_sheet_hbond.range_1_auth_seq_id 
_pdbx_struct_sheet_hbond.range_2_label_atom_id 
_pdbx_struct_sheet_hbond.range_2_label_comp_id 
_pdbx_struct_sheet_hbond.range_2_label_asym_id 
_pdbx_struct_sheet_hbond.range_2_label_seq_id 
_pdbx_struct_sheet_hbond.range_2_PDB_ins_code 
_pdbx_struct_sheet_hbond.range_2_auth_atom_id 
_pdbx_struct_sheet_hbond.range_2_auth_comp_id 
_pdbx_struct_sheet_hbond.range_2_auth_asym_id 
_pdbx_struct_sheet_hbond.range_2_auth_seq_id 
AA1 1 2 N PHE A 19  ? N PHE A 12  O GLY A 22  ? O GLY A 15  
AA1 2 3 N PHE A 25  ? N PHE A 18  O ILE A 33  ? O ILE A 26  
AA1 3 4 N PHE A 32  ? N PHE A 25  O PHE A 65  ? O PHE A 58  
AA1 4 5 O GLN A 64  ? O GLN A 57  N HIS A 57  ? N HIS A 50  
AA2 1 2 N PHE A 46  ? N PHE A 39  O GLU A 49  ? O GLU A 42  
AA3 1 2 N VAL A 79  ? N VAL A 72  O VAL A 160 ? O VAL A 153 
AA3 2 3 N VAL A 163 ? N VAL A 156 O ALA A 177 ? O ALA A 170 
AA3 3 4 O VAL A 174 ? O VAL A 167 N GLY A 126 ? N GLY A 119 
AA3 4 5 O SER A 125 ? O SER A 118 N GLY A 109 ? N GLY A 102 
AA3 5 6 O LEU A 102 ? O LEU A 95  N ILE A 94  ? N ILE A 87  
AA3 6 7 N SER A 91  ? N SER A 84  O VAL A 151 ? O VAL A 144 
AA3 7 8 N ARG A 154 ? N ARG A 147 O ASP A 157 ? O ASP A 150 
# 
loop_
_struct_site.id 
_struct_site.pdbx_evidence_code 
_struct_site.pdbx_auth_asym_id 
_struct_site.pdbx_auth_comp_id 
_struct_site.pdbx_auth_seq_id 
_struct_site.pdbx_auth_ins_code 
_struct_site.pdbx_num_residues 
_struct_site.details 
AC1 Software A 3ZR 201 ? 14 'binding site for residue 3ZR A 201' 
AC2 Software A SO4 202 ? 5  'binding site for residue SO4 A 202' 
# 
loop_
_struct_site_gen.id 
_struct_site_gen.site_id 
_struct_site_gen.pdbx_num_res 
_struct_site_gen.label_comp_id 
_struct_site_gen.label_asym_id 
_struct_site_gen.label_seq_id 
_struct_site_gen.pdbx_auth_ins_code 
_struct_site_gen.auth_comp_id 
_struct_site_gen.auth_asym_id 
_struct_site_gen.auth_seq_id 
_struct_site_gen.label_atom_id 
_struct_site_gen.label_alt_id 
_struct_site_gen.symmetry 
_struct_site_gen.details 
1  AC1 14 HIS A 37  ? HIS A 30  . ? 1_555 ? 
2  AC1 14 GLU A 61  ? GLU A 54  . ? 1_555 ? 
3  AC1 14 GLN A 117 ? GLN A 110 . ? 1_555 ? 
4  AC1 14 THR A 141 ? THR A 134 . ? 1_555 ? 
5  AC1 14 CYS A 146 ? CYS A 139 . ? 1_555 ? 
6  AC1 14 HIS A 164 ? HIS A 157 . ? 1_555 ? 
7  AC1 14 ALA A 165 ? ALA A 158 . ? 1_555 ? 
8  AC1 14 ALA A 166 ? ALA A 159 . ? 1_555 ? 
9  AC1 14 ALA A 167 ? ALA A 160 . ? 1_555 ? 
10 AC1 14 VAL A 175 ? VAL A 168 . ? 1_555 ? 
11 AC1 14 HOH D .   ? HOH A 369 . ? 1_555 ? 
12 AC1 14 HOH D .   ? HOH A 377 . ? 1_555 ? 
13 AC1 14 HOH D .   ? HOH A 379 . ? 1_555 ? 
14 AC1 14 HOH D .   ? HOH A 388 . ? 1_555 ? 
15 AC2 5  THR A 168 ? THR A 161 . ? 1_555 ? 
16 AC2 5  SER A 170 ? SER A 163 . ? 1_555 ? 
17 AC2 5  ASN A 172 ? ASN A 165 . ? 1_555 ? 
18 AC2 5  THR A 173 ? THR A 166 . ? 1_555 ? 
19 AC2 5  HOH D .   ? HOH A 424 . ? 1_555 ? 
# 
_pdbx_entry_details.entry_id                   4XBB 
_pdbx_entry_details.compound_details           ? 
_pdbx_entry_details.source_details             ? 
_pdbx_entry_details.nonpolymer_details         ? 
_pdbx_entry_details.sequence_details           ? 
_pdbx_entry_details.has_ligand_of_interest     ? 
_pdbx_entry_details.has_protein_modification   Y 
# 
_pdbx_validate_close_contact.id               1 
_pdbx_validate_close_contact.PDB_model_num    1 
_pdbx_validate_close_contact.auth_atom_id_1   O 
_pdbx_validate_close_contact.auth_asym_id_1   A 
_pdbx_validate_close_contact.auth_comp_id_1   HOH 
_pdbx_validate_close_contact.auth_seq_id_1    369 
_pdbx_validate_close_contact.PDB_ins_code_1   ? 
_pdbx_validate_close_contact.label_alt_id_1   ? 
_pdbx_validate_close_contact.auth_atom_id_2   O 
_pdbx_validate_close_contact.auth_asym_id_2   A 
_pdbx_validate_close_contact.auth_comp_id_2   HOH 
_pdbx_validate_close_contact.auth_seq_id_2    407 
_pdbx_validate_close_contact.PDB_ins_code_2   ? 
_pdbx_validate_close_contact.label_alt_id_2   ? 
_pdbx_validate_close_contact.dist             2.19 
# 
_pdbx_struct_special_symmetry.id              1 
_pdbx_struct_special_symmetry.PDB_model_num   1 
_pdbx_struct_special_symmetry.auth_asym_id    A 
_pdbx_struct_special_symmetry.auth_comp_id    HOH 
_pdbx_struct_special_symmetry.auth_seq_id     333 
_pdbx_struct_special_symmetry.PDB_ins_code    ? 
_pdbx_struct_special_symmetry.label_asym_id   D 
_pdbx_struct_special_symmetry.label_comp_id   HOH 
_pdbx_struct_special_symmetry.label_seq_id    . 
# 
_pdbx_phasing_MR.entry_id                     4XBB 
_pdbx_phasing_MR.method_rotation              ? 
_pdbx_phasing_MR.method_translation           ? 
_pdbx_phasing_MR.model_details                'Phaser MODE: MR_AUTO' 
_pdbx_phasing_MR.R_factor                     ? 
_pdbx_phasing_MR.R_rigid_body                 ? 
_pdbx_phasing_MR.correlation_coeff_Fo_to_Fc   ? 
_pdbx_phasing_MR.correlation_coeff_Io_to_Ic   ? 
_pdbx_phasing_MR.d_res_high_rotation          1.850 
_pdbx_phasing_MR.d_res_low_rotation           45.320 
_pdbx_phasing_MR.d_res_high_translation       1.850 
_pdbx_phasing_MR.d_res_low_translation        45.320 
_pdbx_phasing_MR.packing                      ? 
_pdbx_phasing_MR.reflns_percent_rotation      ? 
_pdbx_phasing_MR.reflns_percent_translation   ? 
_pdbx_phasing_MR.sigma_F_rotation             ? 
_pdbx_phasing_MR.sigma_F_translation          ? 
_pdbx_phasing_MR.sigma_I_rotation             ? 
_pdbx_phasing_MR.sigma_I_translation          ? 
# 
_phasing.method   MR 
# 
_pdbx_distant_solvent_atoms.id                                1 
_pdbx_distant_solvent_atoms.PDB_model_num                     1 
_pdbx_distant_solvent_atoms.auth_atom_id                      O 
_pdbx_distant_solvent_atoms.label_alt_id                      ? 
_pdbx_distant_solvent_atoms.auth_asym_id                      A 
_pdbx_distant_solvent_atoms.auth_comp_id                      HOH 
_pdbx_distant_solvent_atoms.auth_seq_id                       429 
_pdbx_distant_solvent_atoms.PDB_ins_code                      ? 
_pdbx_distant_solvent_atoms.neighbor_macromolecule_distance   5.84 
_pdbx_distant_solvent_atoms.neighbor_ligand_distance          . 
# 
loop_
_pdbx_unobs_or_zero_occ_residues.id 
_pdbx_unobs_or_zero_occ_residues.PDB_model_num 
_pdbx_unobs_or_zero_occ_residues.polymer_flag 
_pdbx_unobs_or_zero_occ_residues.occupancy_flag 
_pdbx_unobs_or_zero_occ_residues.auth_asym_id 
_pdbx_unobs_or_zero_occ_residues.auth_comp_id 
_pdbx_unobs_or_zero_occ_residues.auth_seq_id 
_pdbx_unobs_or_zero_occ_residues.PDB_ins_code 
_pdbx_unobs_or_zero_occ_residues.label_asym_id 
_pdbx_unobs_or_zero_occ_residues.label_comp_id 
_pdbx_unobs_or_zero_occ_residues.label_seq_id 
1  1 Y 1 A HIS -6  ? A HIS 1   
2  1 Y 1 A HIS -5  ? A HIS 2   
3  1 Y 1 A HIS -4  ? A HIS 3   
4  1 Y 1 A HIS -3  ? A HIS 4   
5  1 Y 1 A HIS -2  ? A HIS 5   
6  1 Y 1 A THR 123 ? A THR 130 
7  1 Y 1 A GLY 124 ? A GLY 131 
8  1 Y 1 A ALA 125 ? A ALA 132 
9  1 Y 1 A ASN 126 ? A ASN 133 
10 1 Y 1 A ALA 127 ? A ALA 134 
11 1 Y 1 A LYS 128 ? A LYS 135 
12 1 Y 1 A GLY 129 ? A GLY 136 
13 1 Y 1 A MET 130 ? A MET 137 
14 1 Y 1 A ASP 131 ? A ASP 138 
15 1 Y 1 A LEU 132 ? A LEU 139 
16 1 Y 1 A GLY 174 ? A GLY 181 
17 1 Y 1 A GLU 175 ? A GLU 182 
18 1 Y 1 A GLY 176 ? A GLY 183 
19 1 Y 1 A GLU 177 ? A GLU 184 
20 1 Y 1 A THR 178 ? A THR 185 
21 1 Y 1 A ALA 179 ? A ALA 186 
22 1 Y 1 A LEU 180 ? A LEU 187 
23 1 Y 1 A GLU 181 ? A GLU 188 
# 
loop_
_chem_comp_atom.comp_id 
_chem_comp_atom.atom_id 
_chem_comp_atom.type_symbol 
_chem_comp_atom.pdbx_aromatic_flag 
_chem_comp_atom.pdbx_stereo_config 
_chem_comp_atom.pdbx_ordinal 
3ZR C13  C  N S 1   
3ZR C14  C  N N 2   
3ZR C15  C  N N 3   
3ZR C16  C  N N 4   
3ZR C17  C  N N 5   
3ZR C18  C  N N 6   
3ZR C19  C  N N 7   
3ZR C20  C  N N 8   
3ZR C21  C  N N 9   
3ZR C24  C  N N 10  
3ZR C25  C  N N 11  
3ZR C27  C  N N 12  
3ZR C29  C  N N 13  
3ZR C31  C  N R 14  
3ZR O01  O  N N 15  
3ZR C02  C  N N 16  
3ZR O03  O  N N 17  
3ZR C04  C  N N 18  
3ZR C05  C  Y N 19  
3ZR C06  C  Y N 20  
3ZR C07  C  Y N 21  
3ZR C08  C  Y N 22  
3ZR C09  C  Y N 23  
3ZR CL   CL N N 24  
3ZR C11  C  Y N 25  
3ZR N12  N  N N 26  
3ZR N22  N  N N 27  
3ZR C23  C  N S 28  
3ZR C26  C  N N 29  
3ZR N28  N  N N 30  
3ZR O30  O  N N 31  
3ZR O32  O  N N 32  
3ZR O41  O  N N 33  
3ZR H1   H  N N 34  
3ZR H2   H  N N 35  
3ZR H3   H  N N 36  
3ZR H4   H  N N 37  
3ZR H5   H  N N 38  
3ZR H6   H  N N 39  
3ZR H7   H  N N 40  
3ZR H8   H  N N 41  
3ZR H9   H  N N 42  
3ZR H10  H  N N 43  
3ZR H11  H  N N 44  
3ZR H12  H  N N 45  
3ZR H13  H  N N 46  
3ZR H14  H  N N 47  
3ZR H15  H  N N 48  
3ZR H16  H  N N 49  
3ZR H17  H  N N 50  
3ZR H18  H  N N 51  
3ZR H20  H  N N 52  
3ZR H21  H  N N 53  
3ZR H22  H  N N 54  
3ZR H23  H  N N 55  
3ZR H24  H  N N 56  
3ZR H25  H  N N 57  
3ZR H26  H  N N 58  
3ZR H27  H  N N 59  
3ZR H28  H  N N 60  
3ZR H29  H  N N 61  
3ZR H30  H  N N 62  
3ZR P1   P  N N 63  
3ZR O1   O  N N 64  
3ZR O2   O  N N 65  
3ZR O3   O  N N 66  
3ZR C5   C  N N 67  
3ZR C6   C  N N 68  
3ZR C7   C  N N 69  
3ZR C8   C  N N 70  
3ZR H19  H  N N 71  
3ZR H31  H  N N 72  
3ZR H32  H  N N 73  
3ZR H33  H  N N 74  
3ZR H34  H  N N 75  
3ZR H35  H  N N 76  
3ZR H36  H  N N 77  
3ZR H37  H  N N 78  
3ZR H38  H  N N 79  
3ZR H39  H  N N 80  
ALA N    N  N N 81  
ALA CA   C  N S 82  
ALA C    C  N N 83  
ALA O    O  N N 84  
ALA CB   C  N N 85  
ALA OXT  O  N N 86  
ALA H    H  N N 87  
ALA H2   H  N N 88  
ALA HA   H  N N 89  
ALA HB1  H  N N 90  
ALA HB2  H  N N 91  
ALA HB3  H  N N 92  
ALA HXT  H  N N 93  
ARG N    N  N N 94  
ARG CA   C  N S 95  
ARG C    C  N N 96  
ARG O    O  N N 97  
ARG CB   C  N N 98  
ARG CG   C  N N 99  
ARG CD   C  N N 100 
ARG NE   N  N N 101 
ARG CZ   C  N N 102 
ARG NH1  N  N N 103 
ARG NH2  N  N N 104 
ARG OXT  O  N N 105 
ARG H    H  N N 106 
ARG H2   H  N N 107 
ARG HA   H  N N 108 
ARG HB2  H  N N 109 
ARG HB3  H  N N 110 
ARG HG2  H  N N 111 
ARG HG3  H  N N 112 
ARG HD2  H  N N 113 
ARG HD3  H  N N 114 
ARG HE   H  N N 115 
ARG HH11 H  N N 116 
ARG HH12 H  N N 117 
ARG HH21 H  N N 118 
ARG HH22 H  N N 119 
ARG HXT  H  N N 120 
ASN N    N  N N 121 
ASN CA   C  N S 122 
ASN C    C  N N 123 
ASN O    O  N N 124 
ASN CB   C  N N 125 
ASN CG   C  N N 126 
ASN OD1  O  N N 127 
ASN ND2  N  N N 128 
ASN OXT  O  N N 129 
ASN H    H  N N 130 
ASN H2   H  N N 131 
ASN HA   H  N N 132 
ASN HB2  H  N N 133 
ASN HB3  H  N N 134 
ASN HD21 H  N N 135 
ASN HD22 H  N N 136 
ASN HXT  H  N N 137 
ASP N    N  N N 138 
ASP CA   C  N S 139 
ASP C    C  N N 140 
ASP O    O  N N 141 
ASP CB   C  N N 142 
ASP CG   C  N N 143 
ASP OD1  O  N N 144 
ASP OD2  O  N N 145 
ASP OXT  O  N N 146 
ASP H    H  N N 147 
ASP H2   H  N N 148 
ASP HA   H  N N 149 
ASP HB2  H  N N 150 
ASP HB3  H  N N 151 
ASP HD2  H  N N 152 
ASP HXT  H  N N 153 
CYS N    N  N N 154 
CYS CA   C  N R 155 
CYS C    C  N N 156 
CYS O    O  N N 157 
CYS CB   C  N N 158 
CYS SG   S  N N 159 
CYS OXT  O  N N 160 
CYS H    H  N N 161 
CYS H2   H  N N 162 
CYS HA   H  N N 163 
CYS HB2  H  N N 164 
CYS HB3  H  N N 165 
CYS HG   H  N N 166 
CYS HXT  H  N N 167 
GLN N    N  N N 168 
GLN CA   C  N S 169 
GLN C    C  N N 170 
GLN O    O  N N 171 
GLN CB   C  N N 172 
GLN CG   C  N N 173 
GLN CD   C  N N 174 
GLN OE1  O  N N 175 
GLN NE2  N  N N 176 
GLN OXT  O  N N 177 
GLN H    H  N N 178 
GLN H2   H  N N 179 
GLN HA   H  N N 180 
GLN HB2  H  N N 181 
GLN HB3  H  N N 182 
GLN HG2  H  N N 183 
GLN HG3  H  N N 184 
GLN HE21 H  N N 185 
GLN HE22 H  N N 186 
GLN HXT  H  N N 187 
GLU N    N  N N 188 
GLU CA   C  N S 189 
GLU C    C  N N 190 
GLU O    O  N N 191 
GLU CB   C  N N 192 
GLU CG   C  N N 193 
GLU CD   C  N N 194 
GLU OE1  O  N N 195 
GLU OE2  O  N N 196 
GLU OXT  O  N N 197 
GLU H    H  N N 198 
GLU H2   H  N N 199 
GLU HA   H  N N 200 
GLU HB2  H  N N 201 
GLU HB3  H  N N 202 
GLU HG2  H  N N 203 
GLU HG3  H  N N 204 
GLU HE2  H  N N 205 
GLU HXT  H  N N 206 
GLY N    N  N N 207 
GLY CA   C  N N 208 
GLY C    C  N N 209 
GLY O    O  N N 210 
GLY OXT  O  N N 211 
GLY H    H  N N 212 
GLY H2   H  N N 213 
GLY HA2  H  N N 214 
GLY HA3  H  N N 215 
GLY HXT  H  N N 216 
HIS N    N  N N 217 
HIS CA   C  N S 218 
HIS C    C  N N 219 
HIS O    O  N N 220 
HIS CB   C  N N 221 
HIS CG   C  Y N 222 
HIS ND1  N  Y N 223 
HIS CD2  C  Y N 224 
HIS CE1  C  Y N 225 
HIS NE2  N  Y N 226 
HIS OXT  O  N N 227 
HIS H    H  N N 228 
HIS H2   H  N N 229 
HIS HA   H  N N 230 
HIS HB2  H  N N 231 
HIS HB3  H  N N 232 
HIS HD1  H  N N 233 
HIS HD2  H  N N 234 
HIS HE1  H  N N 235 
HIS HE2  H  N N 236 
HIS HXT  H  N N 237 
HOH O    O  N N 238 
HOH H1   H  N N 239 
HOH H2   H  N N 240 
ILE N    N  N N 241 
ILE CA   C  N S 242 
ILE C    C  N N 243 
ILE O    O  N N 244 
ILE CB   C  N S 245 
ILE CG1  C  N N 246 
ILE CG2  C  N N 247 
ILE CD1  C  N N 248 
ILE OXT  O  N N 249 
ILE H    H  N N 250 
ILE H2   H  N N 251 
ILE HA   H  N N 252 
ILE HB   H  N N 253 
ILE HG12 H  N N 254 
ILE HG13 H  N N 255 
ILE HG21 H  N N 256 
ILE HG22 H  N N 257 
ILE HG23 H  N N 258 
ILE HD11 H  N N 259 
ILE HD12 H  N N 260 
ILE HD13 H  N N 261 
ILE HXT  H  N N 262 
LEU N    N  N N 263 
LEU CA   C  N S 264 
LEU C    C  N N 265 
LEU O    O  N N 266 
LEU CB   C  N N 267 
LEU CG   C  N N 268 
LEU CD1  C  N N 269 
LEU CD2  C  N N 270 
LEU OXT  O  N N 271 
LEU H    H  N N 272 
LEU H2   H  N N 273 
LEU HA   H  N N 274 
LEU HB2  H  N N 275 
LEU HB3  H  N N 276 
LEU HG   H  N N 277 
LEU HD11 H  N N 278 
LEU HD12 H  N N 279 
LEU HD13 H  N N 280 
LEU HD21 H  N N 281 
LEU HD22 H  N N 282 
LEU HD23 H  N N 283 
LEU HXT  H  N N 284 
LYS N    N  N N 285 
LYS CA   C  N S 286 
LYS C    C  N N 287 
LYS O    O  N N 288 
LYS CB   C  N N 289 
LYS CG   C  N N 290 
LYS CD   C  N N 291 
LYS CE   C  N N 292 
LYS NZ   N  N N 293 
LYS OXT  O  N N 294 
LYS H    H  N N 295 
LYS H2   H  N N 296 
LYS HA   H  N N 297 
LYS HB2  H  N N 298 
LYS HB3  H  N N 299 
LYS HG2  H  N N 300 
LYS HG3  H  N N 301 
LYS HD2  H  N N 302 
LYS HD3  H  N N 303 
LYS HE2  H  N N 304 
LYS HE3  H  N N 305 
LYS HZ1  H  N N 306 
LYS HZ2  H  N N 307 
LYS HZ3  H  N N 308 
LYS HXT  H  N N 309 
MET N    N  N N 310 
MET CA   C  N S 311 
MET C    C  N N 312 
MET O    O  N N 313 
MET CB   C  N N 314 
MET CG   C  N N 315 
MET SD   S  N N 316 
MET CE   C  N N 317 
MET OXT  O  N N 318 
MET H    H  N N 319 
MET H2   H  N N 320 
MET HA   H  N N 321 
MET HB2  H  N N 322 
MET HB3  H  N N 323 
MET HG2  H  N N 324 
MET HG3  H  N N 325 
MET HE1  H  N N 326 
MET HE2  H  N N 327 
MET HE3  H  N N 328 
MET HXT  H  N N 329 
PHE N    N  N N 330 
PHE CA   C  N S 331 
PHE C    C  N N 332 
PHE O    O  N N 333 
PHE CB   C  N N 334 
PHE CG   C  Y N 335 
PHE CD1  C  Y N 336 
PHE CD2  C  Y N 337 
PHE CE1  C  Y N 338 
PHE CE2  C  Y N 339 
PHE CZ   C  Y N 340 
PHE OXT  O  N N 341 
PHE H    H  N N 342 
PHE H2   H  N N 343 
PHE HA   H  N N 344 
PHE HB2  H  N N 345 
PHE HB3  H  N N 346 
PHE HD1  H  N N 347 
PHE HD2  H  N N 348 
PHE HE1  H  N N 349 
PHE HE2  H  N N 350 
PHE HZ   H  N N 351 
PHE HXT  H  N N 352 
PRO N    N  N N 353 
PRO CA   C  N S 354 
PRO C    C  N N 355 
PRO O    O  N N 356 
PRO CB   C  N N 357 
PRO CG   C  N N 358 
PRO CD   C  N N 359 
PRO OXT  O  N N 360 
PRO H    H  N N 361 
PRO HA   H  N N 362 
PRO HB2  H  N N 363 
PRO HB3  H  N N 364 
PRO HG2  H  N N 365 
PRO HG3  H  N N 366 
PRO HD2  H  N N 367 
PRO HD3  H  N N 368 
PRO HXT  H  N N 369 
SER N    N  N N 370 
SER CA   C  N S 371 
SER C    C  N N 372 
SER O    O  N N 373 
SER CB   C  N N 374 
SER OG   O  N N 375 
SER OXT  O  N N 376 
SER H    H  N N 377 
SER H2   H  N N 378 
SER HA   H  N N 379 
SER HB2  H  N N 380 
SER HB3  H  N N 381 
SER HG   H  N N 382 
SER HXT  H  N N 383 
SO4 S    S  N N 384 
SO4 O1   O  N N 385 
SO4 O2   O  N N 386 
SO4 O3   O  N N 387 
SO4 O4   O  N N 388 
THR N    N  N N 389 
THR CA   C  N S 390 
THR C    C  N N 391 
THR O    O  N N 392 
THR CB   C  N R 393 
THR OG1  O  N N 394 
THR CG2  C  N N 395 
THR OXT  O  N N 396 
THR H    H  N N 397 
THR H2   H  N N 398 
THR HA   H  N N 399 
THR HB   H  N N 400 
THR HG1  H  N N 401 
THR HG21 H  N N 402 
THR HG22 H  N N 403 
THR HG23 H  N N 404 
THR HXT  H  N N 405 
TRP N    N  N N 406 
TRP CA   C  N S 407 
TRP C    C  N N 408 
TRP O    O  N N 409 
TRP CB   C  N N 410 
TRP CG   C  Y N 411 
TRP CD1  C  Y N 412 
TRP CD2  C  Y N 413 
TRP NE1  N  Y N 414 
TRP CE2  C  Y N 415 
TRP CE3  C  Y N 416 
TRP CZ2  C  Y N 417 
TRP CZ3  C  Y N 418 
TRP CH2  C  Y N 419 
TRP OXT  O  N N 420 
TRP H    H  N N 421 
TRP H2   H  N N 422 
TRP HA   H  N N 423 
TRP HB2  H  N N 424 
TRP HB3  H  N N 425 
TRP HD1  H  N N 426 
TRP HE1  H  N N 427 
TRP HE3  H  N N 428 
TRP HZ2  H  N N 429 
TRP HZ3  H  N N 430 
TRP HH2  H  N N 431 
TRP HXT  H  N N 432 
TYR N    N  N N 433 
TYR CA   C  N S 434 
TYR C    C  N N 435 
TYR O    O  N N 436 
TYR CB   C  N N 437 
TYR CG   C  Y N 438 
TYR CD1  C  Y N 439 
TYR CD2  C  Y N 440 
TYR CE1  C  Y N 441 
TYR CE2  C  Y N 442 
TYR CZ   C  Y N 443 
TYR OH   O  N N 444 
TYR OXT  O  N N 445 
TYR H    H  N N 446 
TYR H2   H  N N 447 
TYR HA   H  N N 448 
TYR HB2  H  N N 449 
TYR HB3  H  N N 450 
TYR HD1  H  N N 451 
TYR HD2  H  N N 452 
TYR HE1  H  N N 453 
TYR HE2  H  N N 454 
TYR HH   H  N N 455 
TYR HXT  H  N N 456 
VAL N    N  N N 457 
VAL CA   C  N S 458 
VAL C    C  N N 459 
VAL O    O  N N 460 
VAL CB   C  N N 461 
VAL CG1  C  N N 462 
VAL CG2  C  N N 463 
VAL OXT  O  N N 464 
VAL H    H  N N 465 
VAL H2   H  N N 466 
VAL HA   H  N N 467 
VAL HB   H  N N 468 
VAL HG11 H  N N 469 
VAL HG12 H  N N 470 
VAL HG13 H  N N 471 
VAL HG21 H  N N 472 
VAL HG22 H  N N 473 
VAL HG23 H  N N 474 
VAL HXT  H  N N 475 
# 
loop_
_chem_comp_bond.comp_id 
_chem_comp_bond.atom_id_1 
_chem_comp_bond.atom_id_2 
_chem_comp_bond.value_order 
_chem_comp_bond.pdbx_aromatic_flag 
_chem_comp_bond.pdbx_stereo_config 
_chem_comp_bond.pdbx_ordinal 
3ZR O32 C31  sing N N 1   
3ZR C31 C23  sing N N 2   
3ZR C23 N22  sing N N 3   
3ZR C23 C24  sing N N 4   
3ZR C18 C19  sing N N 5   
3ZR C18 C17  sing N N 6   
3ZR C20 C19  sing N N 7   
3ZR C20 C15  sing N N 8   
3ZR N22 C21  sing N N 9   
3ZR C16 C17  sing N N 10  
3ZR C16 C15  sing N N 11  
3ZR C24 C25  sing N N 12  
3ZR C14 C15  sing N N 13  
3ZR C14 C13  sing N N 14  
3ZR C21 C13  sing N N 15  
3ZR C21 O41  doub N N 16  
3ZR C13 N12  sing N N 17  
3ZR O30 C29  doub N N 18  
3ZR C25 C29  sing N N 19  
3ZR C25 C26  doub N N 20  
3ZR C29 N28  sing N N 21  
3ZR C26 C27  sing N N 22  
3ZR N12 C02  sing N N 23  
3ZR O01 C02  doub N N 24  
3ZR N28 C27  doub N N 25  
3ZR C02 O03  sing N N 26  
3ZR O03 C04  sing N N 27  
3ZR CL  C09  sing N N 28  
3ZR C11 C09  doub Y N 29  
3ZR C11 C05  sing Y N 30  
3ZR C04 C05  sing N N 31  
3ZR C09 C08  sing Y N 32  
3ZR C05 C06  doub Y N 33  
3ZR C08 C07  doub Y N 34  
3ZR C06 C07  sing Y N 35  
3ZR C13 H1   sing N N 36  
3ZR C14 H2   sing N N 37  
3ZR C14 H3   sing N N 38  
3ZR C15 H4   sing N N 39  
3ZR C16 H5   sing N N 40  
3ZR C16 H6   sing N N 41  
3ZR C17 H7   sing N N 42  
3ZR C17 H8   sing N N 43  
3ZR C18 H9   sing N N 44  
3ZR C18 H10  sing N N 45  
3ZR C19 H11  sing N N 46  
3ZR C19 H12  sing N N 47  
3ZR C20 H13  sing N N 48  
3ZR C20 H14  sing N N 49  
3ZR C24 H15  sing N N 50  
3ZR C24 H16  sing N N 51  
3ZR C27 H17  sing N N 52  
3ZR C31 H18  sing N N 53  
3ZR C04 H20  sing N N 54  
3ZR C04 H21  sing N N 55  
3ZR C06 H22  sing N N 56  
3ZR C07 H23  sing N N 57  
3ZR C08 H24  sing N N 58  
3ZR C11 H25  sing N N 59  
3ZR N12 H26  sing N N 60  
3ZR N22 H27  sing N N 61  
3ZR C23 H28  sing N N 62  
3ZR C26 H29  sing N N 63  
3ZR O32 H30  sing N N 64  
3ZR C31 P1   sing N N 65  
3ZR P1  O1   doub N N 66  
3ZR P1  O2   sing N N 67  
3ZR P1  O3   sing N N 68  
3ZR O3  C5   sing N N 69  
3ZR C5  C6   sing N N 70  
3ZR O2  C7   sing N N 71  
3ZR C7  C8   sing N N 72  
3ZR C5  H19  sing N N 73  
3ZR C5  H31  sing N N 74  
3ZR C6  H32  sing N N 75  
3ZR C6  H33  sing N N 76  
3ZR C6  H34  sing N N 77  
3ZR C7  H35  sing N N 78  
3ZR C7  H36  sing N N 79  
3ZR C8  H37  sing N N 80  
3ZR C8  H38  sing N N 81  
3ZR C8  H39  sing N N 82  
ALA N   CA   sing N N 83  
ALA N   H    sing N N 84  
ALA N   H2   sing N N 85  
ALA CA  C    sing N N 86  
ALA CA  CB   sing N N 87  
ALA CA  HA   sing N N 88  
ALA C   O    doub N N 89  
ALA C   OXT  sing N N 90  
ALA CB  HB1  sing N N 91  
ALA CB  HB2  sing N N 92  
ALA CB  HB3  sing N N 93  
ALA OXT HXT  sing N N 94  
ARG N   CA   sing N N 95  
ARG N   H    sing N N 96  
ARG N   H2   sing N N 97  
ARG CA  C    sing N N 98  
ARG CA  CB   sing N N 99  
ARG CA  HA   sing N N 100 
ARG C   O    doub N N 101 
ARG C   OXT  sing N N 102 
ARG CB  CG   sing N N 103 
ARG CB  HB2  sing N N 104 
ARG CB  HB3  sing N N 105 
ARG CG  CD   sing N N 106 
ARG CG  HG2  sing N N 107 
ARG CG  HG3  sing N N 108 
ARG CD  NE   sing N N 109 
ARG CD  HD2  sing N N 110 
ARG CD  HD3  sing N N 111 
ARG NE  CZ   sing N N 112 
ARG NE  HE   sing N N 113 
ARG CZ  NH1  sing N N 114 
ARG CZ  NH2  doub N N 115 
ARG NH1 HH11 sing N N 116 
ARG NH1 HH12 sing N N 117 
ARG NH2 HH21 sing N N 118 
ARG NH2 HH22 sing N N 119 
ARG OXT HXT  sing N N 120 
ASN N   CA   sing N N 121 
ASN N   H    sing N N 122 
ASN N   H2   sing N N 123 
ASN CA  C    sing N N 124 
ASN CA  CB   sing N N 125 
ASN CA  HA   sing N N 126 
ASN C   O    doub N N 127 
ASN C   OXT  sing N N 128 
ASN CB  CG   sing N N 129 
ASN CB  HB2  sing N N 130 
ASN CB  HB3  sing N N 131 
ASN CG  OD1  doub N N 132 
ASN CG  ND2  sing N N 133 
ASN ND2 HD21 sing N N 134 
ASN ND2 HD22 sing N N 135 
ASN OXT HXT  sing N N 136 
ASP N   CA   sing N N 137 
ASP N   H    sing N N 138 
ASP N   H2   sing N N 139 
ASP CA  C    sing N N 140 
ASP CA  CB   sing N N 141 
ASP CA  HA   sing N N 142 
ASP C   O    doub N N 143 
ASP C   OXT  sing N N 144 
ASP CB  CG   sing N N 145 
ASP CB  HB2  sing N N 146 
ASP CB  HB3  sing N N 147 
ASP CG  OD1  doub N N 148 
ASP CG  OD2  sing N N 149 
ASP OD2 HD2  sing N N 150 
ASP OXT HXT  sing N N 151 
CYS N   CA   sing N N 152 
CYS N   H    sing N N 153 
CYS N   H2   sing N N 154 
CYS CA  C    sing N N 155 
CYS CA  CB   sing N N 156 
CYS CA  HA   sing N N 157 
CYS C   O    doub N N 158 
CYS C   OXT  sing N N 159 
CYS CB  SG   sing N N 160 
CYS CB  HB2  sing N N 161 
CYS CB  HB3  sing N N 162 
CYS SG  HG   sing N N 163 
CYS OXT HXT  sing N N 164 
GLN N   CA   sing N N 165 
GLN N   H    sing N N 166 
GLN N   H2   sing N N 167 
GLN CA  C    sing N N 168 
GLN CA  CB   sing N N 169 
GLN CA  HA   sing N N 170 
GLN C   O    doub N N 171 
GLN C   OXT  sing N N 172 
GLN CB  CG   sing N N 173 
GLN CB  HB2  sing N N 174 
GLN CB  HB3  sing N N 175 
GLN CG  CD   sing N N 176 
GLN CG  HG2  sing N N 177 
GLN CG  HG3  sing N N 178 
GLN CD  OE1  doub N N 179 
GLN CD  NE2  sing N N 180 
GLN NE2 HE21 sing N N 181 
GLN NE2 HE22 sing N N 182 
GLN OXT HXT  sing N N 183 
GLU N   CA   sing N N 184 
GLU N   H    sing N N 185 
GLU N   H2   sing N N 186 
GLU CA  C    sing N N 187 
GLU CA  CB   sing N N 188 
GLU CA  HA   sing N N 189 
GLU C   O    doub N N 190 
GLU C   OXT  sing N N 191 
GLU CB  CG   sing N N 192 
GLU CB  HB2  sing N N 193 
GLU CB  HB3  sing N N 194 
GLU CG  CD   sing N N 195 
GLU CG  HG2  sing N N 196 
GLU CG  HG3  sing N N 197 
GLU CD  OE1  doub N N 198 
GLU CD  OE2  sing N N 199 
GLU OE2 HE2  sing N N 200 
GLU OXT HXT  sing N N 201 
GLY N   CA   sing N N 202 
GLY N   H    sing N N 203 
GLY N   H2   sing N N 204 
GLY CA  C    sing N N 205 
GLY CA  HA2  sing N N 206 
GLY CA  HA3  sing N N 207 
GLY C   O    doub N N 208 
GLY C   OXT  sing N N 209 
GLY OXT HXT  sing N N 210 
HIS N   CA   sing N N 211 
HIS N   H    sing N N 212 
HIS N   H2   sing N N 213 
HIS CA  C    sing N N 214 
HIS CA  CB   sing N N 215 
HIS CA  HA   sing N N 216 
HIS C   O    doub N N 217 
HIS C   OXT  sing N N 218 
HIS CB  CG   sing N N 219 
HIS CB  HB2  sing N N 220 
HIS CB  HB3  sing N N 221 
HIS CG  ND1  sing Y N 222 
HIS CG  CD2  doub Y N 223 
HIS ND1 CE1  doub Y N 224 
HIS ND1 HD1  sing N N 225 
HIS CD2 NE2  sing Y N 226 
HIS CD2 HD2  sing N N 227 
HIS CE1 NE2  sing Y N 228 
HIS CE1 HE1  sing N N 229 
HIS NE2 HE2  sing N N 230 
HIS OXT HXT  sing N N 231 
HOH O   H1   sing N N 232 
HOH O   H2   sing N N 233 
ILE N   CA   sing N N 234 
ILE N   H    sing N N 235 
ILE N   H2   sing N N 236 
ILE CA  C    sing N N 237 
ILE CA  CB   sing N N 238 
ILE CA  HA   sing N N 239 
ILE C   O    doub N N 240 
ILE C   OXT  sing N N 241 
ILE CB  CG1  sing N N 242 
ILE CB  CG2  sing N N 243 
ILE CB  HB   sing N N 244 
ILE CG1 CD1  sing N N 245 
ILE CG1 HG12 sing N N 246 
ILE CG1 HG13 sing N N 247 
ILE CG2 HG21 sing N N 248 
ILE CG2 HG22 sing N N 249 
ILE CG2 HG23 sing N N 250 
ILE CD1 HD11 sing N N 251 
ILE CD1 HD12 sing N N 252 
ILE CD1 HD13 sing N N 253 
ILE OXT HXT  sing N N 254 
LEU N   CA   sing N N 255 
LEU N   H    sing N N 256 
LEU N   H2   sing N N 257 
LEU CA  C    sing N N 258 
LEU CA  CB   sing N N 259 
LEU CA  HA   sing N N 260 
LEU C   O    doub N N 261 
LEU C   OXT  sing N N 262 
LEU CB  CG   sing N N 263 
LEU CB  HB2  sing N N 264 
LEU CB  HB3  sing N N 265 
LEU CG  CD1  sing N N 266 
LEU CG  CD2  sing N N 267 
LEU CG  HG   sing N N 268 
LEU CD1 HD11 sing N N 269 
LEU CD1 HD12 sing N N 270 
LEU CD1 HD13 sing N N 271 
LEU CD2 HD21 sing N N 272 
LEU CD2 HD22 sing N N 273 
LEU CD2 HD23 sing N N 274 
LEU OXT HXT  sing N N 275 
LYS N   CA   sing N N 276 
LYS N   H    sing N N 277 
LYS N   H2   sing N N 278 
LYS CA  C    sing N N 279 
LYS CA  CB   sing N N 280 
LYS CA  HA   sing N N 281 
LYS C   O    doub N N 282 
LYS C   OXT  sing N N 283 
LYS CB  CG   sing N N 284 
LYS CB  HB2  sing N N 285 
LYS CB  HB3  sing N N 286 
LYS CG  CD   sing N N 287 
LYS CG  HG2  sing N N 288 
LYS CG  HG3  sing N N 289 
LYS CD  CE   sing N N 290 
LYS CD  HD2  sing N N 291 
LYS CD  HD3  sing N N 292 
LYS CE  NZ   sing N N 293 
LYS CE  HE2  sing N N 294 
LYS CE  HE3  sing N N 295 
LYS NZ  HZ1  sing N N 296 
LYS NZ  HZ2  sing N N 297 
LYS NZ  HZ3  sing N N 298 
LYS OXT HXT  sing N N 299 
MET N   CA   sing N N 300 
MET N   H    sing N N 301 
MET N   H2   sing N N 302 
MET CA  C    sing N N 303 
MET CA  CB   sing N N 304 
MET CA  HA   sing N N 305 
MET C   O    doub N N 306 
MET C   OXT  sing N N 307 
MET CB  CG   sing N N 308 
MET CB  HB2  sing N N 309 
MET CB  HB3  sing N N 310 
MET CG  SD   sing N N 311 
MET CG  HG2  sing N N 312 
MET CG  HG3  sing N N 313 
MET SD  CE   sing N N 314 
MET CE  HE1  sing N N 315 
MET CE  HE2  sing N N 316 
MET CE  HE3  sing N N 317 
MET OXT HXT  sing N N 318 
PHE N   CA   sing N N 319 
PHE N   H    sing N N 320 
PHE N   H2   sing N N 321 
PHE CA  C    sing N N 322 
PHE CA  CB   sing N N 323 
PHE CA  HA   sing N N 324 
PHE C   O    doub N N 325 
PHE C   OXT  sing N N 326 
PHE CB  CG   sing N N 327 
PHE CB  HB2  sing N N 328 
PHE CB  HB3  sing N N 329 
PHE CG  CD1  doub Y N 330 
PHE CG  CD2  sing Y N 331 
PHE CD1 CE1  sing Y N 332 
PHE CD1 HD1  sing N N 333 
PHE CD2 CE2  doub Y N 334 
PHE CD2 HD2  sing N N 335 
PHE CE1 CZ   doub Y N 336 
PHE CE1 HE1  sing N N 337 
PHE CE2 CZ   sing Y N 338 
PHE CE2 HE2  sing N N 339 
PHE CZ  HZ   sing N N 340 
PHE OXT HXT  sing N N 341 
PRO N   CA   sing N N 342 
PRO N   CD   sing N N 343 
PRO N   H    sing N N 344 
PRO CA  C    sing N N 345 
PRO CA  CB   sing N N 346 
PRO CA  HA   sing N N 347 
PRO C   O    doub N N 348 
PRO C   OXT  sing N N 349 
PRO CB  CG   sing N N 350 
PRO CB  HB2  sing N N 351 
PRO CB  HB3  sing N N 352 
PRO CG  CD   sing N N 353 
PRO CG  HG2  sing N N 354 
PRO CG  HG3  sing N N 355 
PRO CD  HD2  sing N N 356 
PRO CD  HD3  sing N N 357 
PRO OXT HXT  sing N N 358 
SER N   CA   sing N N 359 
SER N   H    sing N N 360 
SER N   H2   sing N N 361 
SER CA  C    sing N N 362 
SER CA  CB   sing N N 363 
SER CA  HA   sing N N 364 
SER C   O    doub N N 365 
SER C   OXT  sing N N 366 
SER CB  OG   sing N N 367 
SER CB  HB2  sing N N 368 
SER CB  HB3  sing N N 369 
SER OG  HG   sing N N 370 
SER OXT HXT  sing N N 371 
SO4 S   O1   doub N N 372 
SO4 S   O2   doub N N 373 
SO4 S   O3   sing N N 374 
SO4 S   O4   sing N N 375 
THR N   CA   sing N N 376 
THR N   H    sing N N 377 
THR N   H2   sing N N 378 
THR CA  C    sing N N 379 
THR CA  CB   sing N N 380 
THR CA  HA   sing N N 381 
THR C   O    doub N N 382 
THR C   OXT  sing N N 383 
THR CB  OG1  sing N N 384 
THR CB  CG2  sing N N 385 
THR CB  HB   sing N N 386 
THR OG1 HG1  sing N N 387 
THR CG2 HG21 sing N N 388 
THR CG2 HG22 sing N N 389 
THR CG2 HG23 sing N N 390 
THR OXT HXT  sing N N 391 
TRP N   CA   sing N N 392 
TRP N   H    sing N N 393 
TRP N   H2   sing N N 394 
TRP CA  C    sing N N 395 
TRP CA  CB   sing N N 396 
TRP CA  HA   sing N N 397 
TRP C   O    doub N N 398 
TRP C   OXT  sing N N 399 
TRP CB  CG   sing N N 400 
TRP CB  HB2  sing N N 401 
TRP CB  HB3  sing N N 402 
TRP CG  CD1  doub Y N 403 
TRP CG  CD2  sing Y N 404 
TRP CD1 NE1  sing Y N 405 
TRP CD1 HD1  sing N N 406 
TRP CD2 CE2  doub Y N 407 
TRP CD2 CE3  sing Y N 408 
TRP NE1 CE2  sing Y N 409 
TRP NE1 HE1  sing N N 410 
TRP CE2 CZ2  sing Y N 411 
TRP CE3 CZ3  doub Y N 412 
TRP CE3 HE3  sing N N 413 
TRP CZ2 CH2  doub Y N 414 
TRP CZ2 HZ2  sing N N 415 
TRP CZ3 CH2  sing Y N 416 
TRP CZ3 HZ3  sing N N 417 
TRP CH2 HH2  sing N N 418 
TRP OXT HXT  sing N N 419 
TYR N   CA   sing N N 420 
TYR N   H    sing N N 421 
TYR N   H2   sing N N 422 
TYR CA  C    sing N N 423 
TYR CA  CB   sing N N 424 
TYR CA  HA   sing N N 425 
TYR C   O    doub N N 426 
TYR C   OXT  sing N N 427 
TYR CB  CG   sing N N 428 
TYR CB  HB2  sing N N 429 
TYR CB  HB3  sing N N 430 
TYR CG  CD1  doub Y N 431 
TYR CG  CD2  sing Y N 432 
TYR CD1 CE1  sing Y N 433 
TYR CD1 HD1  sing N N 434 
TYR CD2 CE2  doub Y N 435 
TYR CD2 HD2  sing N N 436 
TYR CE1 CZ   doub Y N 437 
TYR CE1 HE1  sing N N 438 
TYR CE2 CZ   sing Y N 439 
TYR CE2 HE2  sing N N 440 
TYR CZ  OH   sing N N 441 
TYR OH  HH   sing N N 442 
TYR OXT HXT  sing N N 443 
VAL N   CA   sing N N 444 
VAL N   H    sing N N 445 
VAL N   H2   sing N N 446 
VAL CA  C    sing N N 447 
VAL CA  CB   sing N N 448 
VAL CA  HA   sing N N 449 
VAL C   O    doub N N 450 
VAL C   OXT  sing N N 451 
VAL CB  CG1  sing N N 452 
VAL CB  CG2  sing N N 453 
VAL CB  HB   sing N N 454 
VAL CG1 HG11 sing N N 455 
VAL CG1 HG12 sing N N 456 
VAL CG1 HG13 sing N N 457 
VAL CG2 HG21 sing N N 458 
VAL CG2 HG22 sing N N 459 
VAL CG2 HG23 sing N N 460 
VAL OXT HXT  sing N N 461 
# 
_pdbx_initial_refinement_model.id               1 
_pdbx_initial_refinement_model.entity_id_list   ? 
_pdbx_initial_refinement_model.type             'experimental model' 
_pdbx_initial_refinement_model.source_name      PDB 
_pdbx_initial_refinement_model.accession_code   3UR9 
_pdbx_initial_refinement_model.details          ? 
# 
_atom_sites.entry_id                    4XBB 
_atom_sites.fract_transf_matrix[1][1]   -0.00708793 
_atom_sites.fract_transf_matrix[1][2]   0.00238707 
_atom_sites.fract_transf_matrix[1][3]   -0.00552598 
_atom_sites.fract_transf_matrix[2][1]   -0.00365143 
_atom_sites.fract_transf_matrix[2][2]   0.00853470 
_atom_sites.fract_transf_matrix[2][3]   0.00054536 
_atom_sites.fract_transf_matrix[3][1]   0.01295148 
_atom_sites.fract_transf_matrix[3][2]   0.00642523 
_atom_sites.fract_transf_matrix[3][3]   -0.01383675 
_atom_sites.fract_transf_vector[1]      0.419468 
_atom_sites.fract_transf_vector[2]      0.322447 
_atom_sites.fract_transf_vector[3]      0.036702 
# 
loop_
_atom_type.symbol 
C  
CL 
N  
O  
S  
# 
loop_
_atom_site.group_PDB 
_atom_site.id 
_atom_site.type_symbol 
_atom_site.label_atom_id 
_atom_site.label_alt_id 
_atom_site.label_comp_id 
_atom_site.label_asym_id 
_atom_site.label_entity_id 
_atom_site.label_seq_id 
_atom_site.pdbx_PDB_ins_code 
_atom_site.Cartn_x 
_atom_site.Cartn_y 
_atom_site.Cartn_z 
_atom_site.occupancy 
_atom_site.B_iso_or_equiv 
_atom_site.pdbx_formal_charge 
_atom_site.auth_seq_id 
_atom_site.auth_comp_id 
_atom_site.auth_asym_id 
_atom_site.auth_atom_id 
_atom_site.pdbx_PDB_model_num 
ATOM   1    N  N   . HIS A 1 6   ? 15.157  -10.679 5.919   1.00 51.14 ? -1  HIS A N   1 
ATOM   2    C  CA  . HIS A 1 6   ? 13.820  -10.706 6.593   1.00 45.76 ? -1  HIS A CA  1 
ATOM   3    C  C   . HIS A 1 6   ? 12.690  -11.037 5.607   1.00 31.88 ? -1  HIS A C   1 
ATOM   4    O  O   . HIS A 1 6   ? 12.460  -10.307 4.651   1.00 37.91 ? -1  HIS A O   1 
ATOM   5    C  CB  . HIS A 1 6   ? 13.549  -9.363  7.275   1.00 50.81 ? -1  HIS A CB  1 
ATOM   6    C  CG  . HIS A 1 6   ? 14.317  -9.163  8.548   1.00 62.05 ? -1  HIS A CG  1 
ATOM   7    N  ND1 . HIS A 1 6   ? 14.568  -10.188 9.438   1.00 54.18 ? -1  HIS A ND1 1 
ATOM   8    C  CD2 . HIS A 1 6   ? 14.887  -8.054  9.081   1.00 57.71 ? -1  HIS A CD2 1 
ATOM   9    C  CE1 . HIS A 1 6   ? 15.258  -9.719  10.463  1.00 52.42 ? -1  HIS A CE1 1 
ATOM   10   N  NE2 . HIS A 1 6   ? 15.467  -8.428  10.270  1.00 57.94 ? -1  HIS A NE2 1 
ATOM   11   N  N   . MET A 1 7   ? 11.989  -12.138 5.863   1.00 31.83 ? 0   MET A N   1 
ATOM   12   C  CA  . MET A 1 7   ? 10.979  -12.677 4.959   1.00 25.11 ? 0   MET A CA  1 
ATOM   13   C  C   . MET A 1 7   ? 9.594   -12.423 5.543   1.00 21.99 ? 0   MET A C   1 
ATOM   14   O  O   . MET A 1 7   ? 9.342   -12.742 6.707   1.00 16.96 ? 0   MET A O   1 
ATOM   15   C  CB  . MET A 1 7   ? 11.184  -14.181 4.748   1.00 27.78 ? 0   MET A CB  1 
ATOM   16   C  CG  . MET A 1 7   ? 12.640  -14.590 4.502   1.00 52.37 ? 0   MET A CG  1 
ATOM   17   S  SD  . MET A 1 7   ? 13.126  -14.565 2.766   1.00 79.14 ? 0   MET A SD  1 
ATOM   18   C  CE  . MET A 1 7   ? 14.884  -14.288 2.938   1.00 66.70 ? 0   MET A CE  1 
ATOM   19   N  N   . ALA A 1 8   ? 8.700   -11.877 4.734   1.00 17.58 ? 1   ALA A N   1 
ATOM   20   C  CA  . ALA A 1 8   ? 7.357   -11.588 5.198   1.00 16.63 ? 1   ALA A CA  1 
ATOM   21   C  C   . ALA A 1 8   ? 6.632   -12.905 5.468   1.00 15.94 ? 1   ALA A C   1 
ATOM   22   O  O   . ALA A 1 8   ? 6.647   -13.790 4.604   1.00 14.76 ? 1   ALA A O   1 
ATOM   23   C  CB  . ALA A 1 8   ? 6.628   -10.776 4.136   1.00 18.55 ? 1   ALA A CB  1 
ATOM   24   N  N   . PRO A 1 9   ? 5.983   -13.071 6.620   1.00 15.97 ? 2   PRO A N   1 
ATOM   25   C  CA  . PRO A 1 9   ? 5.301   -14.344 6.918   1.00 13.53 ? 2   PRO A CA  1 
ATOM   26   C  C   . PRO A 1 9   ? 3.964   -14.444 6.203   1.00 15.66 ? 2   PRO A C   1 
ATOM   27   O  O   . PRO A 1 9   ? 3.450   -13.451 5.667   1.00 11.92 ? 2   PRO A O   1 
ATOM   28   C  CB  . PRO A 1 9   ? 5.102   -14.295 8.437   1.00 15.57 ? 2   PRO A CB  1 
ATOM   29   C  CG  . PRO A 1 9   ? 5.061   -12.876 8.771   1.00 21.46 ? 2   PRO A CG  1 
ATOM   30   C  CD  . PRO A 1 9   ? 5.966   -12.173 7.792   1.00 17.50 ? 2   PRO A CD  1 
ATOM   31   N  N   . PRO A 1 10  ? 3.351   -15.629 6.207   1.00 13.74 ? 3   PRO A N   1 
ATOM   32   C  CA  . PRO A 1 10  ? 2.062   -15.784 5.507   1.00 15.22 ? 3   PRO A CA  1 
ATOM   33   C  C   . PRO A 1 10  ? 0.967   -14.830 5.960   1.00 11.73 ? 3   PRO A C   1 
ATOM   34   O  O   . PRO A 1 10  ? 0.242   -14.314 5.105   1.00 10.85 ? 3   PRO A O   1 
ATOM   35   C  CB  . PRO A 1 10  ? 1.686   -17.250 5.792   1.00 16.57 ? 3   PRO A CB  1 
ATOM   36   C  CG  . PRO A 1 10  ? 3.019   -17.940 5.998   1.00 15.38 ? 3   PRO A CG  1 
ATOM   37   C  CD  . PRO A 1 10  ? 3.905   -16.922 6.660   1.00 16.64 ? 3   PRO A CD  1 
ATOM   38   N  N   . THR A 1 11  ? 0.782   -14.591 7.264   1.00 11.73 ? 4   THR A N   1 
ATOM   39   C  CA  A THR A 1 11  ? -0.300  -13.713 7.716   0.50 13.13 ? 4   THR A CA  1 
ATOM   40   C  CA  B THR A 1 11  ? -0.341  -13.732 7.645   0.50 13.11 ? 4   THR A CA  1 
ATOM   41   C  C   . THR A 1 11  ? -0.146  -12.309 7.137   1.00 13.84 ? 4   THR A C   1 
ATOM   42   O  O   . THR A 1 11  ? -1.134  -11.647 6.794   1.00 13.29 ? 4   THR A O   1 
ATOM   43   C  CB  A THR A 1 11  ? -0.313  -13.657 9.247   0.50 14.07 ? 4   THR A CB  1 
ATOM   44   C  CB  B THR A 1 11  ? -0.567  -13.718 9.159   0.50 14.10 ? 4   THR A CB  1 
ATOM   45   O  OG1 A THR A 1 11  ? -0.506  -14.975 9.785   0.50 17.72 ? 4   THR A OG1 1 
ATOM   46   O  OG1 B THR A 1 11  ? 0.652   -13.391 9.822   0.50 18.51 ? 4   THR A OG1 1 
ATOM   47   C  CG2 A THR A 1 11  ? -1.411  -12.762 9.741   0.50 13.59 ? 4   THR A CG2 1 
ATOM   48   C  CG2 B THR A 1 11  ? -1.079  -15.076 9.652   0.50 17.40 ? 4   THR A CG2 1 
ATOM   49   N  N   . LEU A 1 12  ? 1.100   -11.838 7.041   1.00 13.44 ? 5   LEU A N   1 
ATOM   50   C  CA  . LEU A 1 12  ? 1.364   -10.510 6.489   1.00 14.11 ? 5   LEU A CA  1 
ATOM   51   C  C   . LEU A 1 12  ? 0.965   -10.456 5.019   1.00 14.67 ? 5   LEU A C   1 
ATOM   52   O  O   . LEU A 1 12  ? 0.266   -9.533  4.581   1.00 11.92 ? 5   LEU A O   1 
ATOM   53   C  CB  . LEU A 1 12  ? 2.844   -10.150 6.694   1.00 14.41 ? 5   LEU A CB  1 
ATOM   54   C  CG  . LEU A 1 12  ? 3.317   -8.789  6.158   1.00 12.01 ? 5   LEU A CG  1 
ATOM   55   C  CD1 . LEU A 1 12  ? 2.454   -7.668  6.679   1.00 18.32 ? 5   LEU A CD1 1 
ATOM   56   C  CD2 . LEU A 1 12  ? 4.788   -8.455  6.484   1.00 13.15 ? 5   LEU A CD2 1 
ATOM   57   N  N   . TRP A 1 13  ? 1.337   -11.473 4.252   1.00 10.77 ? 6   TRP A N   1 
ATOM   58   C  CA  . TRP A 1 13  ? 0.914   -11.523 2.861   1.00 11.86 ? 6   TRP A CA  1 
ATOM   59   C  C   . TRP A 1 13  ? -0.599  -11.597 2.747   1.00 9.52  ? 6   TRP A C   1 
ATOM   60   O  O   . TRP A 1 13  ? -1.168  -11.061 1.791   1.00 10.15 ? 6   TRP A O   1 
ATOM   61   C  CB  . TRP A 1 13  ? 1.542   -12.726 2.153   1.00 11.38 ? 6   TRP A CB  1 
ATOM   62   C  CG  . TRP A 1 13  ? 2.965   -12.563 1.704   1.00 12.07 ? 6   TRP A CG  1 
ATOM   63   C  CD1 . TRP A 1 13  ? 4.073   -13.133 2.265   1.00 13.82 ? 6   TRP A CD1 1 
ATOM   64   C  CD2 . TRP A 1 13  ? 3.440   -11.796 0.578   1.00 11.72 ? 6   TRP A CD2 1 
ATOM   65   N  NE1 . TRP A 1 13  ? 5.200   -12.775 1.560   1.00 12.57 ? 6   TRP A NE1 1 
ATOM   66   C  CE2 . TRP A 1 13  ? 4.839   -11.966 0.519   1.00 10.45 ? 6   TRP A CE2 1 
ATOM   67   C  CE3 . TRP A 1 13  ? 2.812   -11.005 -0.391  1.00 12.28 ? 6   TRP A CE3 1 
ATOM   68   C  CZ2 . TRP A 1 13  ? 5.625   -11.357 -0.456  1.00 14.04 ? 6   TRP A CZ2 1 
ATOM   69   C  CZ3 . TRP A 1 13  ? 3.600   -10.404 -1.370  1.00 12.05 ? 6   TRP A CZ3 1 
ATOM   70   C  CH2 . TRP A 1 13  ? 4.984   -10.598 -1.402  1.00 9.81  ? 6   TRP A CH2 1 
ATOM   71   N  N   . SER A 1 14  ? -1.267  -12.278 3.694   1.00 9.68  ? 7   SER A N   1 
ATOM   72   C  CA  . SER A 1 14  ? -2.728  -12.388 3.673   1.00 13.14 ? 7   SER A CA  1 
ATOM   73   C  C   . SER A 1 14  ? -3.431  -11.055 3.891   1.00 12.04 ? 7   SER A C   1 
ATOM   74   O  O   . SER A 1 14  ? -4.633  -10.964 3.630   1.00 11.34 ? 7   SER A O   1 
ATOM   75   C  CB  . SER A 1 14  ? -3.206  -13.388 4.721   1.00 14.03 ? 7   SER A CB  1 
ATOM   76   O  OG  . SER A 1 14  ? -3.435  -12.784 5.986   1.00 12.24 ? 7   SER A OG  1 
ATOM   77   N  N   . ARG A 1 15  ? -2.703  -10.015 4.313   1.00 11.65 ? 8   ARG A N   1 
ATOM   78   C  CA  . ARG A 1 15  ? -3.265  -8.665  4.390   1.00 13.48 ? 8   ARG A CA  1 
ATOM   79   C  C   . ARG A 1 15  ? -3.372  -7.997  3.022   1.00 11.68 ? 8   ARG A C   1 
ATOM   80   O  O   . ARG A 1 15  ? -4.163  -7.058  2.860   1.00 11.72 ? 8   ARG A O   1 
ATOM   81   C  CB  . ARG A 1 15  ? -2.395  -7.808  5.304   1.00 10.68 ? 8   ARG A CB  1 
ATOM   82   C  CG  . ARG A 1 15  ? -2.360  -8.290  6.769   1.00 13.27 ? 8   ARG A CG  1 
ATOM   83   C  CD  . ARG A 1 15  ? -1.360  -7.495  7.565   1.00 9.35  ? 8   ARG A CD  1 
ATOM   84   N  NE  . ARG A 1 15  ? -1.187  -7.936  8.961   1.00 11.08 ? 8   ARG A NE  1 
ATOM   85   C  CZ  . ARG A 1 15  ? -1.752  -7.363  10.018  1.00 10.70 ? 8   ARG A CZ  1 
ATOM   86   N  NH1 . ARG A 1 15  ? -2.563  -6.334  9.874   1.00 12.87 ? 8   ARG A NH1 1 
ATOM   87   N  NH2 . ARG A 1 15  ? -1.491  -7.819  11.246  1.00 14.58 ? 8   ARG A NH2 1 
ATOM   88   N  N   . VAL A 1 16  ? -2.564  -8.434  2.058   1.00 8.08  ? 9   VAL A N   1 
ATOM   89   C  CA  . VAL A 1 16  ? -2.567  -7.878  0.712   1.00 10.06 ? 9   VAL A CA  1 
ATOM   90   C  C   . VAL A 1 16  ? -3.763  -8.458  -0.035  1.00 12.86 ? 9   VAL A C   1 
ATOM   91   O  O   . VAL A 1 16  ? -3.863  -9.676  -0.211  1.00 12.30 ? 9   VAL A O   1 
ATOM   92   C  CB  . VAL A 1 16  ? -1.251  -8.193  -0.016  1.00 8.87  ? 9   VAL A CB  1 
ATOM   93   C  CG1 . VAL A 1 16  ? -1.207  -7.495  -1.395  1.00 11.80 ? 9   VAL A CG1 1 
ATOM   94   C  CG2 . VAL A 1 16  ? -0.026  -7.825  0.839   1.00 12.22 ? 9   VAL A CG2 1 
ATOM   95   N  N   . THR A 1 17  ? -4.651  -7.581  -0.485  1.00 9.72  ? 10  THR A N   1 
ATOM   96   C  CA  . THR A 1 17  ? -6.017  -7.908  -0.876  1.00 11.26 ? 10  THR A CA  1 
ATOM   97   C  C   . THR A 1 17  ? -6.350  -7.323  -2.247  1.00 13.69 ? 10  THR A C   1 
ATOM   98   O  O   . THR A 1 17  ? -6.159  -6.126  -2.492  1.00 10.42 ? 10  THR A O   1 
ATOM   99   C  CB  . THR A 1 17  ? -6.980  -7.372  0.180   1.00 12.81 ? 10  THR A CB  1 
ATOM   100  O  OG1 . THR A 1 17  ? -6.588  -7.904  1.450   1.00 15.65 ? 10  THR A OG1 1 
ATOM   101  C  CG2 . THR A 1 17  ? -8.415  -7.740  -0.151  1.00 15.91 ? 10  THR A CG2 1 
ATOM   102  N  N   . LYS A 1 18  ? -6.855  -8.168  -3.140  1.00 13.62 ? 11  LYS A N   1 
ATOM   103  C  CA  . LYS A 1 18  ? -7.264  -7.689  -4.457  1.00 12.68 ? 11  LYS A CA  1 
ATOM   104  C  C   . LYS A 1 18  ? -8.393  -6.677  -4.312  1.00 13.46 ? 11  LYS A C   1 
ATOM   105  O  O   . LYS A 1 18  ? -9.323  -6.871  -3.524  1.00 15.26 ? 11  LYS A O   1 
ATOM   106  C  CB  . LYS A 1 18  ? -7.704  -8.868  -5.324  1.00 16.05 ? 11  LYS A CB  1 
ATOM   107  C  CG  . LYS A 1 18  ? -7.797  -8.516  -6.781  1.00 20.78 ? 11  LYS A CG  1 
ATOM   108  C  CD  . LYS A 1 18  ? -8.070  -9.757  -7.650  1.00 26.81 ? 11  LYS A CD  1 
ATOM   109  N  N   . PHE A 1 19  ? -8.281  -5.558  -5.026  1.00 11.83 ? 12  PHE A N   1 
ATOM   110  C  CA  . PHE A 1 19  ? -9.188  -4.436  -4.805  1.00 12.34 ? 12  PHE A CA  1 
ATOM   111  C  C   . PHE A 1 19  ? -9.221  -3.570  -6.058  1.00 17.13 ? 12  PHE A C   1 
ATOM   112  O  O   . PHE A 1 19  ? -8.192  -3.012  -6.453  1.00 15.65 ? 12  PHE A O   1 
ATOM   113  C  CB  . PHE A 1 19  ? -8.748  -3.619  -3.606  1.00 14.43 ? 12  PHE A CB  1 
ATOM   114  C  CG  . PHE A 1 19  ? -9.753  -2.592  -3.185  1.00 14.45 ? 12  PHE A CG  1 
ATOM   115  C  CD1 . PHE A 1 19  ? -10.944 -2.990  -2.597  1.00 19.91 ? 12  PHE A CD1 1 
ATOM   116  C  CD2 . PHE A 1 19  ? -9.529  -1.241  -3.384  1.00 14.81 ? 12  PHE A CD2 1 
ATOM   117  C  CE1 . PHE A 1 19  ? -11.881 -2.068  -2.216  1.00 21.66 ? 12  PHE A CE1 1 
ATOM   118  C  CE2 . PHE A 1 19  ? -10.473 -0.311  -2.998  1.00 18.00 ? 12  PHE A CE2 1 
ATOM   119  C  CZ  . PHE A 1 19  ? -11.647 -0.724  -2.414  1.00 23.90 ? 12  PHE A CZ  1 
ATOM   120  N  N   . GLY A 1 20  ? -10.394 -3.438  -6.674  1.00 19.53 ? 13  GLY A N   1 
ATOM   121  C  CA  . GLY A 1 20  ? -10.487 -2.595  -7.860  1.00 19.76 ? 13  GLY A CA  1 
ATOM   122  C  C   . GLY A 1 20  ? -9.502  -3.040  -8.908  1.00 13.87 ? 13  GLY A C   1 
ATOM   123  O  O   . GLY A 1 20  ? -9.378  -4.230  -9.203  1.00 18.80 ? 13  GLY A O   1 
ATOM   124  N  N   . SER A 1 21  ? -8.771  -2.071  -9.480  1.00 18.57 ? 14  SER A N   1 
ATOM   125  C  CA  . SER A 1 21  ? -7.770  -2.349  -10.507 1.00 17.90 ? 14  SER A CA  1 
ATOM   126  C  C   . SER A 1 21  ? -6.399  -2.641  -9.917  1.00 19.44 ? 14  SER A C   1 
ATOM   127  O  O   . SER A 1 21  ? -5.413  -2.710  -10.661 1.00 16.48 ? 14  SER A O   1 
ATOM   128  C  CB  . SER A 1 21  ? -7.665  -1.176  -11.489 1.00 17.15 ? 14  SER A CB  1 
ATOM   129  O  OG  . SER A 1 21  ? -7.448  0.068   -10.835 1.00 21.82 ? 14  SER A OG  1 
ATOM   130  N  N   . GLY A 1 22  ? -6.318  -2.825  -8.601  1.00 17.78 ? 15  GLY A N   1 
ATOM   131  C  CA  . GLY A 1 22  ? -5.058  -3.124  -7.972  1.00 14.51 ? 15  GLY A CA  1 
ATOM   132  C  C   . GLY A 1 22  ? -5.240  -3.941  -6.715  1.00 16.72 ? 15  GLY A C   1 
ATOM   133  O  O   . GLY A 1 22  ? -5.834  -5.028  -6.741  1.00 12.84 ? 15  GLY A O   1 
ATOM   134  N  N   . TRP A 1 23  ? -4.750  -3.384  -5.610  1.00 11.88 ? 16  TRP A N   1 
ATOM   135  C  CA  . TRP A 1 23  ? -4.637  -4.047  -4.323  1.00 11.43 ? 16  TRP A CA  1 
ATOM   136  C  C   . TRP A 1 23  ? -4.858  -3.037  -3.208  1.00 13.22 ? 16  TRP A C   1 
ATOM   137  O  O   . TRP A 1 23  ? -4.804  -1.818  -3.409  1.00 12.03 ? 16  TRP A O   1 
ATOM   138  C  CB  . TRP A 1 23  ? -3.246  -4.706  -4.173  1.00 11.58 ? 16  TRP A CB  1 
ATOM   139  C  CG  . TRP A 1 23  ? -2.981  -5.581  -5.318  1.00 13.45 ? 16  TRP A CG  1 
ATOM   140  C  CD1 . TRP A 1 23  ? -2.491  -5.224  -6.542  1.00 13.92 ? 16  TRP A CD1 1 
ATOM   141  C  CD2 . TRP A 1 23  ? -3.282  -6.974  -5.394  1.00 12.38 ? 16  TRP A CD2 1 
ATOM   142  N  NE1 . TRP A 1 23  ? -2.472  -6.318  -7.373  1.00 16.96 ? 16  TRP A NE1 1 
ATOM   143  C  CE2 . TRP A 1 23  ? -2.950  -7.407  -6.682  1.00 16.53 ? 16  TRP A CE2 1 
ATOM   144  C  CE3 . TRP A 1 23  ? -3.805  -7.892  -4.488  1.00 12.58 ? 16  TRP A CE3 1 
ATOM   145  C  CZ2 . TRP A 1 23  ? -3.121  -8.741  -7.094  1.00 15.01 ? 16  TRP A CZ2 1 
ATOM   146  C  CZ3 . TRP A 1 23  ? -3.956  -9.231  -4.899  1.00 14.27 ? 16  TRP A CZ3 1 
ATOM   147  C  CH2 . TRP A 1 23  ? -3.626  -9.625  -6.185  1.00 17.16 ? 16  TRP A CH2 1 
ATOM   148  N  N   . GLY A 1 24  ? -5.108  -3.561  -2.012  1.00 9.91  ? 17  GLY A N   1 
ATOM   149  C  CA  . GLY A 1 24  ? -5.015  -2.781  -0.811  1.00 11.98 ? 17  GLY A CA  1 
ATOM   150  C  C   . GLY A 1 24  ? -4.480  -3.624  0.331   1.00 10.31 ? 17  GLY A C   1 
ATOM   151  O  O   . GLY A 1 24  ? -4.051  -4.762  0.108   1.00 12.34 ? 17  GLY A O   1 
ATOM   152  N  N   . PHE A 1 25  ? -4.525  -3.096  1.556   1.00 10.70 ? 18  PHE A N   1 
ATOM   153  C  CA  . PHE A 1 25  ? -3.801  -3.705  2.662   1.00 10.41 ? 18  PHE A CA  1 
ATOM   154  C  C   . PHE A 1 25  ? -4.574  -3.516  3.957   1.00 11.33 ? 18  PHE A C   1 
ATOM   155  O  O   . PHE A 1 25  ? -4.924  -2.385  4.315   1.00 9.75  ? 18  PHE A O   1 
ATOM   156  C  CB  . PHE A 1 25  ? -2.403  -3.097  2.775   1.00 9.26  ? 18  PHE A CB  1 
ATOM   157  C  CG  . PHE A 1 25  ? -1.544  -3.721  3.807   1.00 9.48  ? 18  PHE A CG  1 
ATOM   158  C  CD1 . PHE A 1 25  ? -0.858  -4.882  3.534   1.00 12.85 ? 18  PHE A CD1 1 
ATOM   159  C  CD2 . PHE A 1 25  ? -1.361  -3.116  5.034   1.00 12.04 ? 18  PHE A CD2 1 
ATOM   160  C  CE1 . PHE A 1 25  ? -0.007  -5.431  4.466   1.00 10.30 ? 18  PHE A CE1 1 
ATOM   161  C  CE2 . PHE A 1 25  ? -0.505  -3.665  5.974   1.00 10.55 ? 18  PHE A CE2 1 
ATOM   162  C  CZ  . PHE A 1 25  ? 0.167   -4.835  5.680   1.00 10.32 ? 18  PHE A CZ  1 
ATOM   163  N  N   . TRP A 1 26  ? -4.827  -4.622  4.653   1.00 11.73 ? 19  TRP A N   1 
ATOM   164  C  CA  . TRP A 1 26  ? -5.471  -4.600  5.961   1.00 11.07 ? 19  TRP A CA  1 
ATOM   165  C  C   . TRP A 1 26  ? -4.428  -4.275  7.020   1.00 11.11 ? 19  TRP A C   1 
ATOM   166  O  O   . TRP A 1 26  ? -3.604  -5.124  7.384   1.00 8.72  ? 19  TRP A O   1 
ATOM   167  C  CB  . TRP A 1 26  ? -6.161  -5.936  6.273   1.00 12.52 ? 19  TRP A CB  1 
ATOM   168  C  CG  . TRP A 1 26  ? -7.410  -6.147  5.454   1.00 9.99  ? 19  TRP A CG  1 
ATOM   169  C  CD1 . TRP A 1 26  ? -7.537  -6.969  4.375   1.00 13.09 ? 19  TRP A CD1 1 
ATOM   170  C  CD2 . TRP A 1 26  ? -8.687  -5.507  5.623   1.00 11.06 ? 19  TRP A CD2 1 
ATOM   171  N  NE1 . TRP A 1 26  ? -8.812  -6.884  3.859   1.00 11.67 ? 19  TRP A NE1 1 
ATOM   172  C  CE2 . TRP A 1 26  ? -9.538  -5.999  4.612   1.00 10.08 ? 19  TRP A CE2 1 
ATOM   173  C  CE3 . TRP A 1 26  ? -9.192  -4.573  6.522   1.00 11.03 ? 19  TRP A CE3 1 
ATOM   174  C  CZ2 . TRP A 1 26  ? -10.858 -5.572  4.466   1.00 15.26 ? 19  TRP A CZ2 1 
ATOM   175  C  CZ3 . TRP A 1 26  ? -10.513 -4.147  6.379   1.00 13.59 ? 19  TRP A CZ3 1 
ATOM   176  C  CH2 . TRP A 1 26  ? -11.328 -4.651  5.369   1.00 14.56 ? 19  TRP A CH2 1 
ATOM   177  N  N   . VAL A 1 27  ? -4.516  -3.065  7.559   1.00 9.04  ? 20  VAL A N   1 
ATOM   178  C  CA  . VAL A 1 27  ? -3.666  -2.634  8.660   1.00 9.80  ? 20  VAL A CA  1 
ATOM   179  C  C   . VAL A 1 27  ? -4.149  -3.238  9.976   1.00 11.07 ? 20  VAL A C   1 
ATOM   180  O  O   . VAL A 1 27  ? -3.348  -3.496  10.888  1.00 11.41 ? 20  VAL A O   1 
ATOM   181  C  CB  . VAL A 1 27  ? -3.665  -1.096  8.735   1.00 10.03 ? 20  VAL A CB  1 
ATOM   182  C  CG1 . VAL A 1 27  ? -2.769  -0.619  9.829   1.00 11.30 ? 20  VAL A CG1 1 
ATOM   183  C  CG2 . VAL A 1 27  ? -3.252  -0.481  7.419   1.00 12.11 ? 20  VAL A CG2 1 
ATOM   184  N  N   . SER A 1 28  ? -5.448  -3.463  10.099  1.00 12.68 ? 21  SER A N   1 
ATOM   185  C  CA  . SER A 1 28  ? -6.047  -3.966  11.322  1.00 13.01 ? 21  SER A CA  1 
ATOM   186  C  C   . SER A 1 28  ? -7.354  -4.649  10.946  1.00 13.78 ? 21  SER A C   1 
ATOM   187  O  O   . SER A 1 28  ? -7.704  -4.699  9.758   1.00 12.31 ? 21  SER A O   1 
ATOM   188  C  CB  . SER A 1 28  ? -6.289  -2.819  12.297  1.00 13.51 ? 21  SER A CB  1 
ATOM   189  O  OG  . SER A 1 28  ? -7.409  -2.068  11.857  1.00 13.31 ? 21  SER A OG  1 
ATOM   190  N  N   . PRO A 1 29  ? -8.117  -5.162  11.912  1.00 12.18 ? 22  PRO A N   1 
ATOM   191  C  CA  . PRO A 1 29  ? -9.414  -5.760  11.559  1.00 12.08 ? 22  PRO A CA  1 
ATOM   192  C  C   . PRO A 1 29  ? -10.378 -4.798  10.889  1.00 16.51 ? 22  PRO A C   1 
ATOM   193  O  O   . PRO A 1 29  ? -11.310 -5.267  10.220  1.00 13.79 ? 22  PRO A O   1 
ATOM   194  C  CB  . PRO A 1 29  ? -9.953  -6.231  12.914  1.00 14.15 ? 22  PRO A CB  1 
ATOM   195  C  CG  . PRO A 1 29  ? -8.714  -6.551  13.705  1.00 18.28 ? 22  PRO A CG  1 
ATOM   196  C  CD  . PRO A 1 29  ? -7.747  -5.445  13.306  1.00 18.40 ? 22  PRO A CD  1 
ATOM   197  N  N   . THR A 1 30  ? -10.226 -3.472  11.103  1.00 12.08 ? 23  THR A N   1 
ATOM   198  C  CA  . THR A 1 30  ? -11.175 -2.493  10.586  1.00 12.25 ? 23  THR A CA  1 
ATOM   199  C  C   . THR A 1 30  ? -10.598 -1.493  9.599   1.00 10.82 ? 23  THR A C   1 
ATOM   200  O  O   . THR A 1 30  ? -11.387 -0.765  8.979   1.00 13.71 ? 23  THR A O   1 
ATOM   201  C  CB  . THR A 1 30  ? -11.818 -1.689  11.722  1.00 14.22 ? 23  THR A CB  1 
ATOM   202  O  OG1 . THR A 1 30  ? -10.797 -1.022  12.472  1.00 15.10 ? 23  THR A OG1 1 
ATOM   203  C  CG2 . THR A 1 30  ? -12.638 -2.616  12.629  1.00 16.04 ? 23  THR A CG2 1 
ATOM   204  N  N   . VAL A 1 31  ? -9.280  -1.432  9.420   1.00 11.66 ? 24  VAL A N   1 
ATOM   205  C  CA  . VAL A 1 31  ? -8.640  -0.379  8.623   1.00 12.13 ? 24  VAL A CA  1 
ATOM   206  C  C   . VAL A 1 31  ? -7.939  -0.996  7.417   1.00 13.06 ? 24  VAL A C   1 
ATOM   207  O  O   . VAL A 1 31  ? -7.085  -1.883  7.564   1.00 12.47 ? 24  VAL A O   1 
ATOM   208  C  CB  . VAL A 1 31  ? -7.650  0.458   9.464   1.00 11.26 ? 24  VAL A CB  1 
ATOM   209  C  CG1 . VAL A 1 31  ? -6.915  1.481   8.593   1.00 14.45 ? 24  VAL A CG1 1 
ATOM   210  C  CG2 . VAL A 1 31  ? -8.362  1.183   10.561  1.00 14.42 ? 24  VAL A CG2 1 
ATOM   211  N  N   . PHE A 1 32  ? -8.275  -0.473  6.233   1.00 10.85 ? 25  PHE A N   1 
ATOM   212  C  CA  . PHE A 1 32  ? -7.808  -0.899  4.925   1.00 9.65  ? 25  PHE A CA  1 
ATOM   213  C  C   . PHE A 1 32  ? -7.221  0.316   4.212   1.00 11.83 ? 25  PHE A C   1 
ATOM   214  O  O   . PHE A 1 32  ? -7.874  1.364   4.153   1.00 13.25 ? 25  PHE A O   1 
ATOM   215  C  CB  . PHE A 1 32  ? -8.995  -1.471  4.129   1.00 10.58 ? 25  PHE A CB  1 
ATOM   216  C  CG  . PHE A 1 32  ? -8.631  -2.158  2.832   1.00 12.21 ? 25  PHE A CG  1 
ATOM   217  C  CD1 . PHE A 1 32  ? -8.084  -3.435  2.845   1.00 12.18 ? 25  PHE A CD1 1 
ATOM   218  C  CD2 . PHE A 1 32  ? -8.894  -1.563  1.604   1.00 13.70 ? 25  PHE A CD2 1 
ATOM   219  C  CE1 . PHE A 1 32  ? -7.772  -4.094  1.659   1.00 15.12 ? 25  PHE A CE1 1 
ATOM   220  C  CE2 . PHE A 1 32  ? -8.598  -2.221  0.418   1.00 14.34 ? 25  PHE A CE2 1 
ATOM   221  C  CZ  . PHE A 1 32  ? -8.037  -3.498  0.451   1.00 15.38 ? 25  PHE A CZ  1 
ATOM   222  N  N   . ILE A 1 33  ? -6.023  0.179   3.640   1.00 10.70 ? 26  ILE A N   1 
ATOM   223  C  CA  . ILE A 1 33  ? -5.426  1.285   2.889   1.00 8.54  ? 26  ILE A CA  1 
ATOM   224  C  C   . ILE A 1 33  ? -5.157  0.841   1.459   1.00 9.91  ? 26  ILE A C   1 
ATOM   225  O  O   . ILE A 1 33  ? -4.898  -0.334  1.181   1.00 8.85  ? 26  ILE A O   1 
ATOM   226  C  CB  . ILE A 1 33  ? -4.132  1.829   3.537   1.00 10.14 ? 26  ILE A CB  1 
ATOM   227  C  CG1 . ILE A 1 33  ? -3.072  0.726   3.609   1.00 14.54 ? 26  ILE A CG1 1 
ATOM   228  C  CG2 . ILE A 1 33  ? -4.447  2.395   4.910   1.00 13.18 ? 26  ILE A CG2 1 
ATOM   229  C  CD1 . ILE A 1 33  ? -1.751  1.199   4.174   1.00 13.51 ? 26  ILE A CD1 1 
ATOM   230  N  N   . THR A 1 34  ? -5.201  1.811   0.540   1.00 9.70  ? 27  THR A N   1 
ATOM   231  C  CA  . THR A 1 34  ? -5.003  1.528   -0.870  1.00 9.22  ? 27  THR A CA  1 
ATOM   232  C  C   . THR A 1 34  ? -4.607  2.826   -1.570  1.00 10.01 ? 27  THR A C   1 
ATOM   233  O  O   . THR A 1 34  ? -4.530  3.887   -0.953  1.00 11.45 ? 27  THR A O   1 
ATOM   234  C  CB  . THR A 1 34  ? -6.264  0.919   -1.501  1.00 14.03 ? 27  THR A CB  1 
ATOM   235  O  OG1 . THR A 1 34  ? -5.969  0.500   -2.838  1.00 16.00 ? 27  THR A OG1 1 
ATOM   236  C  CG2 . THR A 1 34  ? -7.411  1.938   -1.526  1.00 16.98 ? 27  THR A CG2 1 
ATOM   237  N  N   . THR A 1 35  ? -4.343  2.720   -2.860  1.00 11.98 ? 28  THR A N   1 
ATOM   238  C  CA  . THR A 1 35  ? -3.950  3.858   -3.680  1.00 12.18 ? 28  THR A CA  1 
ATOM   239  C  C   . THR A 1 35  ? -5.210  4.403   -4.352  1.00 14.09 ? 28  THR A C   1 
ATOM   240  O  O   . THR A 1 35  ? -6.003  3.636   -4.908  1.00 15.22 ? 28  THR A O   1 
ATOM   241  C  CB  . THR A 1 35  ? -2.907  3.428   -4.711  1.00 15.24 ? 28  THR A CB  1 
ATOM   242  O  OG1 . THR A 1 35  ? -1.760  2.925   -4.011  1.00 17.76 ? 28  THR A OG1 1 
ATOM   243  C  CG2 . THR A 1 35  ? -2.510  4.601   -5.587  1.00 19.12 ? 28  THR A CG2 1 
ATOM   244  N  N   . THR A 1 36  ? -5.397  5.712   -4.275  1.00 13.16 ? 29  THR A N   1 
ATOM   245  C  CA  . THR A 1 36  ? -6.680  6.323   -4.618  1.00 13.65 ? 29  THR A CA  1 
ATOM   246  C  C   . THR A 1 36  ? -7.137  5.957   -6.026  1.00 15.75 ? 29  THR A C   1 
ATOM   247  O  O   . THR A 1 36  ? -8.307  5.611   -6.236  1.00 13.38 ? 29  THR A O   1 
ATOM   248  C  CB  . THR A 1 36  ? -6.568  7.834   -4.430  1.00 13.84 ? 29  THR A CB  1 
ATOM   249  O  OG1 . THR A 1 36  ? -6.205  8.098   -3.080  1.00 13.83 ? 29  THR A OG1 1 
ATOM   250  C  CG2 . THR A 1 36  ? -7.888  8.500   -4.694  1.00 19.77 ? 29  THR A CG2 1 
ATOM   251  N  N   . HIS A 1 37  ? -6.227  5.949   -6.996  1.00 13.84 ? 30  HIS A N   1 
ATOM   252  C  CA  . HIS A 1 37  ? -6.673  5.755   -8.372  1.00 14.93 ? 30  HIS A CA  1 
ATOM   253  C  C   . HIS A 1 37  ? -7.058  4.318   -8.687  1.00 19.32 ? 30  HIS A C   1 
ATOM   254  O  O   . HIS A 1 37  ? -7.586  4.073   -9.773  1.00 19.65 ? 30  HIS A O   1 
ATOM   255  C  CB  . HIS A 1 37  ? -5.613  6.233   -9.367  1.00 17.70 ? 30  HIS A CB  1 
ATOM   256  C  CG  . HIS A 1 37  ? -4.453  5.301   -9.531  1.00 14.41 ? 30  HIS A CG  1 
ATOM   257  N  ND1 . HIS A 1 37  ? -3.225  5.532   -8.944  1.00 16.99 ? 30  HIS A ND1 1 
ATOM   258  C  CD2 . HIS A 1 37  ? -4.314  4.169   -10.259 1.00 18.61 ? 30  HIS A CD2 1 
ATOM   259  C  CE1 . HIS A 1 37  ? -2.392  4.565   -9.276  1.00 16.78 ? 30  HIS A CE1 1 
ATOM   260  N  NE2 . HIS A 1 37  ? -3.024  3.727   -10.079 1.00 19.44 ? 30  HIS A NE2 1 
ATOM   261  N  N   . VAL A 1 38  ? -6.850  3.362   -7.768  1.00 15.43 ? 31  VAL A N   1 
ATOM   262  C  CA  . VAL A 1 38  ? -7.315  1.998   -8.023  1.00 14.37 ? 31  VAL A CA  1 
ATOM   263  C  C   . VAL A 1 38  ? -8.699  1.752   -7.445  1.00 17.43 ? 31  VAL A C   1 
ATOM   264  O  O   . VAL A 1 38  ? -9.291  0.698   -7.734  1.00 18.57 ? 31  VAL A O   1 
ATOM   265  C  CB  . VAL A 1 38  ? -6.363  0.903   -7.485  1.00 18.53 ? 31  VAL A CB  1 
ATOM   266  C  CG1 . VAL A 1 38  ? -4.928  1.261   -7.770  1.00 19.50 ? 31  VAL A CG1 1 
ATOM   267  C  CG2 . VAL A 1 38  ? -6.553  0.636   -6.026  1.00 19.63 ? 31  VAL A CG2 1 
ATOM   268  N  N   . VAL A 1 39  ? -9.232  2.682   -6.653  1.00 16.08 ? 32  VAL A N   1 
ATOM   269  C  CA  . VAL A 1 39  ? -10.504 2.468   -5.951  1.00 15.10 ? 32  VAL A CA  1 
ATOM   270  C  C   . VAL A 1 39  ? -11.639 2.392   -6.973  1.00 21.90 ? 32  VAL A C   1 
ATOM   271  O  O   . VAL A 1 39  ? -11.735 3.265   -7.849  1.00 21.01 ? 32  VAL A O   1 
ATOM   272  C  CB  . VAL A 1 39  ? -10.757 3.589   -4.935  1.00 18.04 ? 32  VAL A CB  1 
ATOM   273  C  CG1 . VAL A 1 39  ? -12.163 3.447   -4.302  1.00 20.33 ? 32  VAL A CG1 1 
ATOM   274  C  CG2 . VAL A 1 39  ? -9.698  3.589   -3.822  1.00 20.60 ? 32  VAL A CG2 1 
ATOM   275  N  N   . PRO A 1 40  ? -12.514 1.385   -6.907  1.00 21.27 ? 33  PRO A N   1 
ATOM   276  C  CA  . PRO A 1 40  ? -13.621 1.306   -7.869  1.00 27.20 ? 33  PRO A CA  1 
ATOM   277  C  C   . PRO A 1 40  ? -14.565 2.497   -7.749  1.00 24.14 ? 33  PRO A C   1 
ATOM   278  O  O   . PRO A 1 40  ? -14.787 3.041   -6.667  1.00 23.67 ? 33  PRO A O   1 
ATOM   279  C  CB  . PRO A 1 40  ? -14.327 -0.002  -7.497  1.00 24.84 ? 33  PRO A CB  1 
ATOM   280  C  CG  . PRO A 1 40  ? -13.382 -0.764  -6.690  1.00 33.29 ? 33  PRO A CG  1 
ATOM   281  C  CD  . PRO A 1 40  ? -12.466 0.208   -6.026  1.00 23.93 ? 33  PRO A CD  1 
ATOM   282  N  N   . THR A 1 41  ? -15.109 2.915   -8.885  1.00 30.87 ? 34  THR A N   1 
ATOM   283  C  CA  . THR A 1 41  ? -16.012 4.054   -8.940  1.00 36.36 ? 34  THR A CA  1 
ATOM   284  C  C   . THR A 1 41  ? -17.429 3.581   -9.243  1.00 29.02 ? 34  THR A C   1 
ATOM   285  O  O   . THR A 1 41  ? -17.629 2.541   -9.873  1.00 29.09 ? 34  THR A O   1 
ATOM   286  C  CB  . THR A 1 41  ? -15.564 5.052   -10.001 1.00 35.68 ? 34  THR A CB  1 
ATOM   287  O  OG1 . THR A 1 41  ? -15.257 4.339   -11.202 1.00 37.10 ? 34  THR A OG1 1 
ATOM   288  C  CG2 . THR A 1 41  ? -14.338 5.798   -9.530  1.00 47.09 ? 34  THR A CG2 1 
ATOM   289  N  N   . GLY A 1 42  ? -18.407 4.352   -8.775  1.00 30.75 ? 35  GLY A N   1 
ATOM   290  C  CA  . GLY A 1 42  ? -19.805 4.035   -9.018  1.00 35.12 ? 35  GLY A CA  1 
ATOM   291  C  C   . GLY A 1 42  ? -20.324 2.784   -8.345  1.00 36.27 ? 35  GLY A C   1 
ATOM   292  O  O   . GLY A 1 42  ? -21.272 2.173   -8.847  1.00 39.20 ? 35  GLY A O   1 
ATOM   293  N  N   . VAL A 1 43  ? -19.741 2.384   -7.218  1.00 28.16 ? 36  VAL A N   1 
ATOM   294  C  CA  . VAL A 1 43  ? -20.209 1.228   -6.470  1.00 30.96 ? 36  VAL A CA  1 
ATOM   295  C  C   . VAL A 1 43  ? -20.947 1.731   -5.240  1.00 27.94 ? 36  VAL A C   1 
ATOM   296  O  O   . VAL A 1 43  ? -20.806 2.887   -4.829  1.00 28.48 ? 36  VAL A O   1 
ATOM   297  C  CB  . VAL A 1 43  ? -19.049 0.292   -6.082  1.00 26.71 ? 36  VAL A CB  1 
ATOM   298  C  CG1 . VAL A 1 43  ? -18.354 -0.178  -7.329  1.00 27.64 ? 36  VAL A CG1 1 
ATOM   299  C  CG2 . VAL A 1 43  ? -18.067 1.004   -5.138  1.00 28.40 ? 36  VAL A CG2 1 
ATOM   300  N  N   . LYS A 1 44  ? -21.742 0.836   -4.636  1.00 26.49 ? 37  LYS A N   1 
ATOM   301  C  CA  . LYS A 1 44  ? -22.529 1.170   -3.458  1.00 29.23 ? 37  LYS A CA  1 
ATOM   302  C  C   . LYS A 1 44  ? -21.968 0.560   -2.189  1.00 22.92 ? 37  LYS A C   1 
ATOM   303  O  O   . LYS A 1 44  ? -22.482 0.856   -1.104  1.00 25.21 ? 37  LYS A O   1 
ATOM   304  C  CB  . LYS A 1 44  ? -23.986 0.697   -3.622  1.00 30.52 ? 37  LYS A CB  1 
ATOM   305  C  CG  . LYS A 1 44  ? -24.697 1.243   -4.838  1.00 32.01 ? 37  LYS A CG  1 
ATOM   306  C  CD  . LYS A 1 44  ? -26.123 0.699   -4.932  1.00 45.15 ? 37  LYS A CD  1 
ATOM   307  N  N   . GLU A 1 45  ? -20.934 -0.270  -2.307  1.00 25.38 ? 38  GLU A N   1 
ATOM   308  C  CA  . GLU A 1 45  ? -20.407 -1.037  -1.191  1.00 26.72 ? 38  GLU A CA  1 
ATOM   309  C  C   . GLU A 1 45  ? -18.970 -1.421  -1.497  1.00 28.12 ? 38  GLU A C   1 
ATOM   310  O  O   . GLU A 1 45  ? -18.562 -1.506  -2.660  1.00 23.46 ? 38  GLU A O   1 
ATOM   311  C  CB  . GLU A 1 45  ? -21.240 -2.297  -0.928  1.00 25.05 ? 38  GLU A CB  1 
ATOM   312  C  CG  . GLU A 1 45  ? -21.347 -3.254  -2.112  1.00 29.09 ? 38  GLU A CG  1 
ATOM   313  C  CD  . GLU A 1 45  ? -20.110 -4.097  -2.370  1.00 37.38 ? 38  GLU A CD  1 
ATOM   314  O  OE1 . GLU A 1 45  ? -19.873 -4.415  -3.558  1.00 51.87 ? 38  GLU A OE1 1 
ATOM   315  O  OE2 . GLU A 1 45  ? -19.384 -4.454  -1.415  1.00 34.62 ? 38  GLU A OE2 1 
ATOM   316  N  N   . PHE A 1 46  ? -18.211 -1.657  -0.430  1.00 23.36 ? 39  PHE A N   1 
ATOM   317  C  CA  . PHE A 1 46  ? -16.905 -2.296  -0.516  1.00 20.82 ? 39  PHE A CA  1 
ATOM   318  C  C   . PHE A 1 46  ? -16.888 -3.461  0.459   1.00 18.20 ? 39  PHE A C   1 
ATOM   319  O  O   . PHE A 1 46  ? -17.245 -3.291  1.630   1.00 17.00 ? 39  PHE A O   1 
ATOM   320  C  CB  . PHE A 1 46  ? -15.777 -1.338  -0.166  1.00 19.96 ? 39  PHE A CB  1 
ATOM   321  C  CG  . PHE A 1 46  ? -15.588 -0.226  -1.137  1.00 24.31 ? 39  PHE A CG  1 
ATOM   322  C  CD1 . PHE A 1 46  ? -15.752 1.081   -0.732  1.00 26.38 ? 39  PHE A CD1 1 
ATOM   323  C  CD2 . PHE A 1 46  ? -15.220 -0.479  -2.437  1.00 27.35 ? 39  PHE A CD2 1 
ATOM   324  C  CE1 . PHE A 1 46  ? -15.560 2.122   -1.613  1.00 34.16 ? 39  PHE A CE1 1 
ATOM   325  C  CE2 . PHE A 1 46  ? -15.032 0.554   -3.315  1.00 24.23 ? 39  PHE A CE2 1 
ATOM   326  C  CZ  . PHE A 1 46  ? -15.201 1.859   -2.891  1.00 20.80 ? 39  PHE A CZ  1 
ATOM   327  N  N   . PHE A 1 47  ? -16.462 -4.633  -0.024  1.00 20.01 ? 40  PHE A N   1 
ATOM   328  C  CA  . PHE A 1 47  ? -16.381 -5.842  0.795   1.00 20.70 ? 40  PHE A CA  1 
ATOM   329  C  C   . PHE A 1 47  ? -17.729 -6.141  1.450   1.00 25.88 ? 40  PHE A C   1 
ATOM   330  O  O   . PHE A 1 47  ? -17.804 -6.558  2.603   1.00 22.49 ? 40  PHE A O   1 
ATOM   331  C  CB  . PHE A 1 47  ? -15.283 -5.725  1.856   1.00 22.37 ? 40  PHE A CB  1 
ATOM   332  C  CG  . PHE A 1 47  ? -13.901 -5.536  1.295   1.00 21.22 ? 40  PHE A CG  1 
ATOM   333  C  CD1 . PHE A 1 47  ? -13.179 -4.392  1.580   1.00 21.77 ? 40  PHE A CD1 1 
ATOM   334  C  CD2 . PHE A 1 47  ? -13.321 -6.505  0.489   1.00 21.75 ? 40  PHE A CD2 1 
ATOM   335  C  CE1 . PHE A 1 47  ? -11.902 -4.222  1.068   1.00 19.38 ? 40  PHE A CE1 1 
ATOM   336  C  CE2 . PHE A 1 47  ? -12.057 -6.347  -0.016  1.00 22.74 ? 40  PHE A CE2 1 
ATOM   337  C  CZ  . PHE A 1 47  ? -11.341 -5.196  0.268   1.00 16.61 ? 40  PHE A CZ  1 
ATOM   338  N  N   . GLY A 1 48  ? -18.811 -5.857  0.723   1.00 24.53 ? 41  GLY A N   1 
ATOM   339  C  CA  . GLY A 1 48  ? -20.150 -6.097  1.226   1.00 25.64 ? 41  GLY A CA  1 
ATOM   340  C  C   . GLY A 1 48  ? -20.688 -5.045  2.168   1.00 27.03 ? 41  GLY A C   1 
ATOM   341  O  O   . GLY A 1 48  ? -21.826 -5.176  2.626   1.00 29.93 ? 41  GLY A O   1 
ATOM   342  N  N   . GLU A 1 49  ? -19.936 -4.017  2.462   1.00 21.54 ? 42  GLU A N   1 
ATOM   343  C  CA  . GLU A 1 49  ? -20.331 -3.009  3.427   1.00 21.76 ? 42  GLU A CA  1 
ATOM   344  C  C   . GLU A 1 49  ? -20.788 -1.759  2.698   1.00 19.83 ? 42  GLU A C   1 
ATOM   345  O  O   . GLU A 1 49  ? -20.039 -1.240  1.861   1.00 23.24 ? 42  GLU A O   1 
ATOM   346  C  CB  . GLU A 1 49  ? -19.169 -2.669  4.356   1.00 26.48 ? 42  GLU A CB  1 
ATOM   347  C  CG  . GLU A 1 49  ? -18.731 -3.844  5.225   1.00 26.89 ? 42  GLU A CG  1 
ATOM   348  C  CD  . GLU A 1 49  ? -19.822 -4.289  6.187   1.00 35.10 ? 42  GLU A CD  1 
ATOM   349  O  OE1 . GLU A 1 49  ? -20.097 -3.555  7.161   1.00 29.83 ? 42  GLU A OE1 1 
ATOM   350  O  OE2 . GLU A 1 49  ? -20.407 -5.372  5.959   1.00 34.44 ? 42  GLU A OE2 1 
ATOM   351  N  N   . PRO A 1 50  ? -21.979 -1.240  2.994   1.00 23.25 ? 43  PRO A N   1 
ATOM   352  C  CA  . PRO A 1 50  ? -22.441 -0.015  2.325   1.00 28.52 ? 43  PRO A CA  1 
ATOM   353  C  C   . PRO A 1 50  ? -21.545 1.177   2.629   1.00 24.42 ? 43  PRO A C   1 
ATOM   354  O  O   . PRO A 1 50  ? -21.011 1.314   3.731   1.00 26.24 ? 43  PRO A O   1 
ATOM   355  C  CB  . PRO A 1 50  ? -23.851 0.189   2.895   1.00 26.49 ? 43  PRO A CB  1 
ATOM   356  C  CG  . PRO A 1 50  ? -23.847 -0.534  4.186   1.00 37.67 ? 43  PRO A CG  1 
ATOM   357  C  CD  . PRO A 1 50  ? -22.961 -1.733  3.974   1.00 28.45 ? 43  PRO A CD  1 
ATOM   358  N  N   . LEU A 1 51  ? -21.403 2.066   1.634   1.00 26.56 ? 44  LEU A N   1 
ATOM   359  C  CA  . LEU A 1 51  ? -20.431 3.155   1.757   1.00 27.48 ? 44  LEU A CA  1 
ATOM   360  C  C   . LEU A 1 51  ? -20.704 4.019   2.976   1.00 30.86 ? 44  LEU A C   1 
ATOM   361  O  O   . LEU A 1 51  ? -19.770 4.549   3.585   1.00 26.62 ? 44  LEU A O   1 
ATOM   362  C  CB  . LEU A 1 51  ? -20.421 4.028   0.496   1.00 29.86 ? 44  LEU A CB  1 
ATOM   363  C  CG  . LEU A 1 51  ? -19.990 3.340   -0.800  1.00 28.76 ? 44  LEU A CG  1 
ATOM   364  C  CD1 . LEU A 1 51  ? -20.062 4.330   -1.961  1.00 42.60 ? 44  LEU A CD1 1 
ATOM   365  C  CD2 . LEU A 1 51  ? -18.595 2.742   -0.701  1.00 28.94 ? 44  LEU A CD2 1 
ATOM   366  N  N   . SER A 1 52  ? -21.966 4.145   3.365   1.00 28.80 ? 45  SER A N   1 
ATOM   367  C  CA  . SER A 1 52  ? -22.328 5.002   4.481   1.00 30.39 ? 45  SER A CA  1 
ATOM   368  C  C   . SER A 1 52  ? -21.863 4.447   5.821   1.00 32.75 ? 45  SER A C   1 
ATOM   369  O  O   . SER A 1 52  ? -21.818 5.198   6.800   1.00 32.35 ? 45  SER A O   1 
ATOM   370  C  CB  . SER A 1 52  ? -23.843 5.195   4.501   1.00 38.99 ? 45  SER A CB  1 
ATOM   371  O  OG  . SER A 1 52  ? -24.468 4.018   4.999   1.00 48.02 ? 45  SER A OG  1 
ATOM   372  N  N   . SER A 1 53  ? -21.527 3.158   5.891   1.00 30.07 ? 46  SER A N   1 
ATOM   373  C  CA  . SER A 1 53  ? -20.983 2.544   7.099   1.00 23.64 ? 46  SER A CA  1 
ATOM   374  C  C   . SER A 1 53  ? -19.463 2.553   7.129   1.00 21.72 ? 46  SER A C   1 
ATOM   375  O  O   . SER A 1 53  ? -18.868 1.923   8.014   1.00 25.70 ? 46  SER A O   1 
ATOM   376  C  CB  . SER A 1 53  ? -21.463 1.098   7.220   1.00 30.52 ? 46  SER A CB  1 
ATOM   377  O  OG  . SER A 1 53  ? -20.796 0.256   6.286   1.00 31.13 ? 46  SER A OG  1 
ATOM   378  N  N   . ILE A 1 54  ? -18.825 3.219   6.165   1.00 24.18 ? 47  ILE A N   1 
ATOM   379  C  CA  . ILE A 1 54  ? -17.369 3.286   6.064   1.00 22.83 ? 47  ILE A CA  1 
ATOM   380  C  C   . ILE A 1 54  ? -16.944 4.737   6.228   1.00 22.10 ? 47  ILE A C   1 
ATOM   381  O  O   . ILE A 1 54  ? -17.572 5.637   5.661   1.00 22.51 ? 47  ILE A O   1 
ATOM   382  C  CB  . ILE A 1 54  ? -16.857 2.737   4.713   1.00 21.48 ? 47  ILE A CB  1 
ATOM   383  C  CG1 . ILE A 1 54  ? -17.462 1.363   4.386   1.00 18.48 ? 47  ILE A CG1 1 
ATOM   384  C  CG2 . ILE A 1 54  ? -15.317 2.669   4.745   1.00 20.00 ? 47  ILE A CG2 1 
ATOM   385  C  CD1 . ILE A 1 54  ? -17.084 0.844   3.011   1.00 21.73 ? 47  ILE A CD1 1 
ATOM   386  N  N   . ALA A 1 55  ? -15.883 4.967   6.997   1.00 19.24 ? 48  ALA A N   1 
ATOM   387  C  CA  . ALA A 1 55  ? -15.245 6.278   7.060   1.00 17.36 ? 48  ALA A CA  1 
ATOM   388  C  C   . ALA A 1 55  ? -14.114 6.248   6.040   1.00 23.83 ? 48  ALA A C   1 
ATOM   389  O  O   . ALA A 1 55  ? -13.152 5.488   6.194   1.00 20.97 ? 48  ALA A O   1 
ATOM   390  C  CB  . ALA A 1 55  ? -14.727 6.600   8.457   1.00 19.76 ? 48  ALA A CB  1 
ATOM   391  N  N   . ILE A 1 56  ? -14.273 6.998   4.958   1.00 20.59 ? 49  ILE A N   1 
ATOM   392  C  CA  . ILE A 1 56  ? -13.336 6.969   3.835   1.00 19.49 ? 49  ILE A CA  1 
ATOM   393  C  C   . ILE A 1 56  ? -12.547 8.260   3.880   1.00 24.89 ? 49  ILE A C   1 
ATOM   394  O  O   . ILE A 1 56  ? -13.134 9.335   3.745   1.00 22.47 ? 49  ILE A O   1 
ATOM   395  C  CB  . ILE A 1 56  ? -14.068 6.803   2.496   1.00 21.43 ? 49  ILE A CB  1 
ATOM   396  C  CG1 . ILE A 1 56  ? -14.943 5.548   2.541   1.00 25.53 ? 49  ILE A CG1 1 
ATOM   397  C  CG2 . ILE A 1 56  ? -13.062 6.766   1.338   1.00 20.77 ? 49  ILE A CG2 1 
ATOM   398  C  CD1 . ILE A 1 56  ? -15.612 5.199   1.237   1.00 26.40 ? 49  ILE A CD1 1 
ATOM   399  N  N   . HIS A 1 57  ? -11.228 8.155   4.084   1.00 19.72 ? 50  HIS A N   1 
ATOM   400  C  CA  . HIS A 1 57  ? -10.318 9.294   4.142   1.00 21.35 ? 50  HIS A CA  1 
ATOM   401  C  C   . HIS A 1 57  ? -9.402  9.236   2.935   1.00 22.52 ? 50  HIS A C   1 
ATOM   402  O  O   . HIS A 1 57  ? -8.803  8.189   2.657   1.00 21.10 ? 50  HIS A O   1 
ATOM   403  C  CB  . HIS A 1 57  ? -9.476  9.294   5.420   1.00 24.93 ? 50  HIS A CB  1 
ATOM   404  C  CG  . HIS A 1 57  ? -10.267 9.484   6.678   1.00 41.50 ? 50  HIS A CG  1 
ATOM   405  N  ND1 . HIS A 1 57  ? -9.682  9.500   7.928   1.00 53.19 ? 50  HIS A ND1 1 
ATOM   406  C  CD2 . HIS A 1 57  ? -11.595 9.666   6.884   1.00 48.89 ? 50  HIS A CD2 1 
ATOM   407  C  CE1 . HIS A 1 57  ? -10.614 9.678   8.847   1.00 46.39 ? 50  HIS A CE1 1 
ATOM   408  N  NE2 . HIS A 1 57  ? -11.783 9.785   8.240   1.00 42.16 ? 50  HIS A NE2 1 
ATOM   409  N  N   . GLN A 1 58  ? -9.278  10.350  2.227   1.00 17.74 ? 51  GLN A N   1 
ATOM   410  C  CA  . GLN A 1 58  ? -8.477  10.389  1.013   1.00 15.88 ? 51  GLN A CA  1 
ATOM   411  C  C   . GLN A 1 58  ? -7.578  11.601  1.091   1.00 21.32 ? 51  GLN A C   1 
ATOM   412  O  O   . GLN A 1 58  ? -8.042  12.693  1.416   1.00 24.02 ? 51  GLN A O   1 
ATOM   413  C  CB  . GLN A 1 58  ? -9.345  10.447  -0.235  1.00 24.51 ? 51  GLN A CB  1 
ATOM   414  C  CG  . GLN A 1 58  ? -8.554  10.615  -1.509  1.00 27.11 ? 51  GLN A CG  1 
ATOM   415  C  CD  . GLN A 1 58  ? -9.390  11.042  -2.677  1.00 39.03 ? 51  GLN A CD  1 
ATOM   416  O  OE1 . GLN A 1 58  ? -10.280 10.317  -3.128  1.00 42.96 ? 51  GLN A OE1 1 
ATOM   417  N  NE2 . GLN A 1 58  ? -9.101  12.228  -3.191  1.00 48.81 ? 51  GLN A NE2 1 
ATOM   418  N  N   . ALA A 1 59  ? -6.297  11.402  0.811   1.00 21.12 ? 52  ALA A N   1 
ATOM   419  C  CA  . ALA A 1 59  ? -5.322  12.491  0.773   1.00 21.64 ? 52  ALA A CA  1 
ATOM   420  C  C   . ALA A 1 59  ? -4.449  12.231  -0.446  1.00 18.37 ? 52  ALA A C   1 
ATOM   421  O  O   . ALA A 1 59  ? -3.527  11.412  -0.400  1.00 16.70 ? 52  ALA A O   1 
ATOM   422  C  CB  . ALA A 1 59  ? -4.510  12.558  2.053   1.00 23.34 ? 52  ALA A CB  1 
ATOM   423  N  N   . GLY A 1 60  ? -4.759  12.908  -1.539  1.00 16.80 ? 53  GLY A N   1 
ATOM   424  C  CA  . GLY A 1 60  ? -4.038  12.644  -2.764  1.00 18.05 ? 53  GLY A CA  1 
ATOM   425  C  C   . GLY A 1 60  ? -4.204  11.184  -3.120  1.00 17.49 ? 53  GLY A C   1 
ATOM   426  O  O   . GLY A 1 60  ? -5.316  10.631  -3.069  1.00 15.02 ? 53  GLY A O   1 
ATOM   427  N  N   . GLU A 1 61  ? -3.082  10.524  -3.418  1.00 15.12 ? 54  GLU A N   1 
ATOM   428  C  CA  . GLU A 1 61  ? -3.072  9.127   -3.835  1.00 12.96 ? 54  GLU A CA  1 
ATOM   429  C  C   . GLU A 1 61  ? -3.175  8.136   -2.679  1.00 12.31 ? 54  GLU A C   1 
ATOM   430  O  O   . GLU A 1 61  ? -3.108  6.928   -2.923  1.00 16.83 ? 54  GLU A O   1 
ATOM   431  C  CB  . GLU A 1 61  ? -1.807  8.840   -4.640  1.00 13.23 ? 54  GLU A CB  1 
ATOM   432  C  CG  . GLU A 1 61  ? -1.974  9.207   -6.084  1.00 18.14 ? 54  GLU A CG  1 
ATOM   433  C  CD  . GLU A 1 61  ? -2.625  8.077   -6.875  1.00 27.20 ? 54  GLU A CD  1 
ATOM   434  O  OE1 . GLU A 1 61  ? -3.869  7.967   -6.880  1.00 23.48 ? 54  GLU A OE1 1 
ATOM   435  O  OE2 . GLU A 1 61  ? -1.881  7.291   -7.494  1.00 30.28 ? 54  GLU A OE2 1 
ATOM   436  N  N   . PHE A 1 62  ? -3.345  8.601   -1.460  1.00 13.75 ? 55  PHE A N   1 
ATOM   437  C  CA  . PHE A 1 62  ? -3.495  7.735   -0.298  1.00 13.43 ? 55  PHE A CA  1 
ATOM   438  C  C   . PHE A 1 62  ? -4.963  7.699   0.104   1.00 15.26 ? 55  PHE A C   1 
ATOM   439  O  O   . PHE A 1 62  ? -5.546  8.748   0.390   1.00 14.27 ? 55  PHE A O   1 
ATOM   440  C  CB  . PHE A 1 62  ? -2.661  8.249   0.861   1.00 15.57 ? 55  PHE A CB  1 
ATOM   441  C  CG  . PHE A 1 62  ? -2.541  7.267   1.986   1.00 14.76 ? 55  PHE A CG  1 
ATOM   442  C  CD1 . PHE A 1 62  ? -1.545  6.308   1.969   1.00 18.05 ? 55  PHE A CD1 1 
ATOM   443  C  CD2 . PHE A 1 62  ? -3.439  7.278   3.035   1.00 17.75 ? 55  PHE A CD2 1 
ATOM   444  C  CE1 . PHE A 1 62  ? -1.423  5.394   2.998   1.00 20.56 ? 55  PHE A CE1 1 
ATOM   445  C  CE2 . PHE A 1 62  ? -3.314  6.355   4.077   1.00 19.52 ? 55  PHE A CE2 1 
ATOM   446  C  CZ  . PHE A 1 62  ? -2.315  5.422   4.040   1.00 16.94 ? 55  PHE A CZ  1 
ATOM   447  N  N   . THR A 1 63  ? -5.547  6.499   0.156   1.00 14.29 ? 56  THR A N   1 
ATOM   448  C  CA  . THR A 1 63  ? -6.912  6.321   0.649   1.00 14.33 ? 56  THR A CA  1 
ATOM   449  C  C   . THR A 1 63  ? -6.914  5.332   1.809   1.00 15.93 ? 56  THR A C   1 
ATOM   450  O  O   . THR A 1 63  ? -6.255  4.286   1.751   1.00 12.28 ? 56  THR A O   1 
ATOM   451  C  CB  . THR A 1 63  ? -7.862  5.837   -0.472  1.00 16.24 ? 56  THR A CB  1 
ATOM   452  O  OG1 . THR A 1 63  ? -8.040  6.874   -1.451  1.00 16.47 ? 56  THR A OG1 1 
ATOM   453  C  CG2 . THR A 1 63  ? -9.247  5.478   0.073   1.00 16.73 ? 56  THR A CG2 1 
ATOM   454  N  N   . GLN A 1 64  ? -7.669  5.670   2.854   1.00 12.87 ? 57  GLN A N   1 
ATOM   455  C  CA  . GLN A 1 64  ? -7.855  4.815   4.014   1.00 14.69 ? 57  GLN A CA  1 
ATOM   456  C  C   . GLN A 1 64  ? -9.348  4.603   4.245   1.00 21.18 ? 57  GLN A C   1 
ATOM   457  O  O   . GLN A 1 64  ? -10.121 5.567   4.218   1.00 16.76 ? 57  GLN A O   1 
ATOM   458  C  CB  . GLN A 1 64  ? -7.208  5.428   5.253   1.00 16.30 ? 57  GLN A CB  1 
ATOM   459  C  CG  . GLN A 1 64  ? -7.494  4.630   6.502   1.00 21.57 ? 57  GLN A CG  1 
ATOM   460  C  CD  . GLN A 1 64  ? -6.962  5.289   7.752   1.00 27.63 ? 57  GLN A CD  1 
ATOM   461  O  OE1 . GLN A 1 64  ? -5.776  5.214   8.041   1.00 27.97 ? 57  GLN A OE1 1 
ATOM   462  N  NE2 . GLN A 1 64  ? -7.848  5.912   8.515   1.00 33.97 ? 57  GLN A NE2 1 
ATOM   463  N  N   . PHE A 1 65  ? -9.743  3.346   4.473   1.00 13.71 ? 58  PHE A N   1 
ATOM   464  C  CA  . PHE A 1 65  ? -11.112 2.975   4.842   1.00 12.56 ? 58  PHE A CA  1 
ATOM   465  C  C   . PHE A 1 65  ? -11.096 2.508   6.292   1.00 18.11 ? 58  PHE A C   1 
ATOM   466  O  O   . PHE A 1 65  ? -10.259 1.672   6.652   1.00 15.74 ? 58  PHE A O   1 
ATOM   467  C  CB  . PHE A 1 65  ? -11.654 1.830   3.974   1.00 14.80 ? 58  PHE A CB  1 
ATOM   468  C  CG  . PHE A 1 65  ? -11.653 2.107   2.505   1.00 16.80 ? 58  PHE A CG  1 
ATOM   469  C  CD1 . PHE A 1 65  ? -12.690 2.785   1.910   1.00 33.49 ? 58  PHE A CD1 1 
ATOM   470  C  CD2 . PHE A 1 65  ? -10.612 1.674   1.713   1.00 35.58 ? 58  PHE A CD2 1 
ATOM   471  C  CE1 . PHE A 1 65  ? -12.690 3.032   0.545   1.00 31.00 ? 58  PHE A CE1 1 
ATOM   472  C  CE2 . PHE A 1 65  ? -10.612 1.910   0.354   1.00 38.79 ? 58  PHE A CE2 1 
ATOM   473  C  CZ  . PHE A 1 65  ? -11.655 2.593   -0.228  1.00 20.42 ? 58  PHE A CZ  1 
ATOM   474  N  N   . ARG A 1 66  ? -12.017 3.021   7.111   1.00 14.62 ? 59  ARG A N   1 
ATOM   475  C  CA  . ARG A 1 66  ? -12.243 2.492   8.456   1.00 12.64 ? 59  ARG A CA  1 
ATOM   476  C  C   . ARG A 1 66  ? -13.660 1.937   8.490   1.00 17.10 ? 59  ARG A C   1 
ATOM   477  O  O   . ARG A 1 66  ? -14.637 2.692   8.419   1.00 18.32 ? 59  ARG A O   1 
ATOM   478  C  CB  . ARG A 1 66  ? -12.031 3.537   9.563   1.00 20.75 ? 59  ARG A CB  1 
ATOM   479  C  CG  . ARG A 1 66  ? -12.182 2.911   10.999  1.00 22.43 ? 59  ARG A CG  1 
ATOM   480  C  CD  . ARG A 1 66  ? -11.914 3.899   12.178  1.00 25.94 ? 59  ARG A CD  1 
ATOM   481  N  NE  . ARG A 1 66  ? -10.582 4.513   12.129  1.00 30.55 ? 59  ARG A NE  1 
ATOM   482  C  CZ  . ARG A 1 66  ? -9.466  4.019   12.672  1.00 33.67 ? 59  ARG A CZ  1 
ATOM   483  N  NH1 . ARG A 1 66  ? -9.466  2.875   13.361  1.00 43.38 ? 59  ARG A NH1 1 
ATOM   484  N  NH2 . ARG A 1 66  ? -8.329  4.690   12.534  1.00 27.17 ? 59  ARG A NH2 1 
ATOM   485  N  N   . PHE A 1 67  ? -13.769 0.623   8.568   1.00 14.00 ? 60  PHE A N   1 
ATOM   486  C  CA  . PHE A 1 67  ? -15.064 -0.033  8.585   1.00 14.50 ? 60  PHE A CA  1 
ATOM   487  C  C   . PHE A 1 67  ? -15.660 -0.023  9.983   1.00 18.21 ? 60  PHE A C   1 
ATOM   488  O  O   . PHE A 1 67  ? -14.941 -0.006  10.983  1.00 20.62 ? 60  PHE A O   1 
ATOM   489  C  CB  . PHE A 1 67  ? -14.930 -1.468  8.082   1.00 16.99 ? 60  PHE A CB  1 
ATOM   490  C  CG  . PHE A 1 67  ? -14.602 -1.552  6.631   1.00 14.95 ? 60  PHE A CG  1 
ATOM   491  C  CD1 . PHE A 1 67  ? -13.293 -1.460  6.198   1.00 14.97 ? 60  PHE A CD1 1 
ATOM   492  C  CD2 . PHE A 1 67  ? -15.598 -1.683  5.688   1.00 17.43 ? 60  PHE A CD2 1 
ATOM   493  C  CE1 . PHE A 1 67  ? -12.983 -1.512  4.850   1.00 14.20 ? 60  PHE A CE1 1 
ATOM   494  C  CE2 . PHE A 1 67  ? -15.290 -1.733  4.334   1.00 15.83 ? 60  PHE A CE2 1 
ATOM   495  C  CZ  . PHE A 1 67  ? -13.981 -1.642  3.918   1.00 16.17 ? 60  PHE A CZ  1 
ATOM   496  N  N   . SER A 1 68  ? -17.001 -0.075  10.034  1.00 18.62 ? 61  SER A N   1 
ATOM   497  C  CA  . SER A 1 68  ? -17.732 -0.111  11.293  1.00 20.96 ? 61  SER A CA  1 
ATOM   498  C  C   . SER A 1 68  ? -17.762 -1.493  11.935  1.00 25.07 ? 61  SER A C   1 
ATOM   499  O  O   . SER A 1 68  ? -18.030 -1.589  13.130  1.00 38.15 ? 61  SER A O   1 
ATOM   500  C  CB  . SER A 1 68  ? -19.169 0.358   11.076  1.00 26.83 ? 61  SER A CB  1 
ATOM   501  O  OG  . SER A 1 68  ? -19.187 1.730   10.759  1.00 37.42 ? 61  SER A OG  1 
ATOM   502  N  N   . LYS A 1 69  ? -17.536 -2.557  11.178  1.00 23.28 ? 62  LYS A N   1 
ATOM   503  C  CA  . LYS A 1 69  ? -17.448 -3.894  11.739  1.00 26.38 ? 62  LYS A CA  1 
ATOM   504  C  C   . LYS A 1 69  ? -16.046 -4.451  11.533  1.00 21.88 ? 62  LYS A C   1 
ATOM   505  O  O   . LYS A 1 69  ? -15.267 -3.970  10.698  1.00 17.31 ? 62  LYS A O   1 
ATOM   506  C  CB  . LYS A 1 69  ? -18.492 -4.839  11.124  1.00 32.10 ? 62  LYS A CB  1 
ATOM   507  C  CG  . LYS A 1 69  ? -18.218 -5.325  9.731   1.00 40.39 ? 62  LYS A CG  1 
ATOM   508  C  CD  . LYS A 1 69  ? -19.168 -6.482  9.363   1.00 39.81 ? 62  LYS A CD  1 
ATOM   509  N  N   . LYS A 1 70  ? -15.725 -5.466  12.326  1.00 19.14 ? 63  LYS A N   1 
ATOM   510  C  CA  . LYS A 1 70  ? -14.458 -6.163  12.171  1.00 19.95 ? 63  LYS A CA  1 
ATOM   511  C  C   . LYS A 1 70  ? -14.512 -6.999  10.899  1.00 23.80 ? 63  LYS A C   1 
ATOM   512  O  O   . LYS A 1 70  ? -15.261 -7.975  10.812  1.00 21.56 ? 63  LYS A O   1 
ATOM   513  C  CB  . LYS A 1 70  ? -14.169 -7.009  13.402  1.00 21.18 ? 63  LYS A CB  1 
ATOM   514  C  CG  . LYS A 1 70  ? -13.862 -6.196  14.647  1.00 28.52 ? 63  LYS A CG  1 
ATOM   515  C  CD  . LYS A 1 70  ? -13.520 -7.093  15.839  1.00 42.41 ? 63  LYS A CD  1 
ATOM   516  N  N   . MET A 1 71  ? -13.723 -6.609  9.907   1.00 14.57 ? 64  MET A N   1 
ATOM   517  C  CA  . MET A 1 71  ? -13.689 -7.283  8.622   1.00 12.16 ? 64  MET A CA  1 
ATOM   518  C  C   . MET A 1 71  ? -12.649 -8.385  8.586   1.00 13.56 ? 64  MET A C   1 
ATOM   519  O  O   . MET A 1 71  ? -12.838 -9.377  7.876   1.00 17.25 ? 64  MET A O   1 
ATOM   520  C  CB  . MET A 1 71  ? -13.398 -6.273  7.500   1.00 13.58 ? 64  MET A CB  1 
ATOM   521  C  CG  . MET A 1 71  ? -14.302 -5.056  7.501   1.00 16.87 ? 64  MET A CG  1 
ATOM   522  S  SD  . MET A 1 71  ? -16.000 -5.521  7.054   1.00 21.36 ? 64  MET A SD  1 
ATOM   523  C  CE  . MET A 1 71  ? -15.719 -5.978  5.351   1.00 26.12 ? 64  MET A CE  1 
ATOM   524  N  N   . ARG A 1 72  ? -11.571 -8.232  9.351   1.00 13.57 ? 65  ARG A N   1 
ATOM   525  C  CA  . ARG A 1 72  ? -10.499 -9.215  9.445   1.00 12.60 ? 65  ARG A CA  1 
ATOM   526  C  C   . ARG A 1 72  ? -10.165 -9.424  10.921  1.00 14.01 ? 65  ARG A C   1 
ATOM   527  O  O   . ARG A 1 72  ? -9.079  -9.064  11.402  1.00 14.99 ? 65  ARG A O   1 
ATOM   528  C  CB  . ARG A 1 72  ? -9.286  -8.763  8.628   1.00 12.70 ? 65  ARG A CB  1 
ATOM   529  C  CG  . ARG A 1 72  ? -9.513  -8.845  7.134   1.00 12.77 ? 65  ARG A CG  1 
ATOM   530  C  CD  . ARG A 1 72  ? -9.606  -10.310 6.638   1.00 14.48 ? 65  ARG A CD  1 
ATOM   531  N  NE  . ARG A 1 72  ? -8.412  -11.056 7.027   1.00 11.76 ? 65  ARG A NE  1 
ATOM   532  C  CZ  . ARG A 1 72  ? -7.307  -11.173 6.300   1.00 13.38 ? 65  ARG A CZ  1 
ATOM   533  N  NH1 . ARG A 1 72  ? -7.224  -10.637 5.076   1.00 13.68 ? 65  ARG A NH1 1 
ATOM   534  N  NH2 . ARG A 1 72  ? -6.271  -11.831 6.809   1.00 13.40 ? 65  ARG A NH2 1 
ATOM   535  N  N   . PRO A 1 73  ? -11.097 -10.009 11.681  1.00 18.51 ? 66  PRO A N   1 
ATOM   536  C  CA  . PRO A 1 73  ? -10.858 -10.209 13.124  1.00 19.71 ? 66  PRO A CA  1 
ATOM   537  C  C   . PRO A 1 73  ? -9.706  -11.138 13.413  1.00 25.09 ? 66  PRO A C   1 
ATOM   538  O  O   . PRO A 1 73  ? -9.264  -11.208 14.565  1.00 22.94 ? 66  PRO A O   1 
ATOM   539  C  CB  . PRO A 1 73  ? -12.190 -10.796 13.634  1.00 19.97 ? 66  PRO A CB  1 
ATOM   540  C  CG  . PRO A 1 73  ? -12.839 -11.357 12.449  1.00 21.47 ? 66  PRO A CG  1 
ATOM   541  C  CD  . PRO A 1 73  ? -12.409 -10.522 11.258  1.00 20.61 ? 66  PRO A CD  1 
ATOM   542  N  N   . ASP A 1 74  ? -9.200  -11.837 12.403  1.00 17.24 ? 67  ASP A N   1 
ATOM   543  C  CA  . ASP A 1 74  ? -8.077  -12.733 12.573  1.00 20.40 ? 67  ASP A CA  1 
ATOM   544  C  C   . ASP A 1 74  ? -6.753  -11.998 12.716  1.00 20.93 ? 67  ASP A C   1 
ATOM   545  O  O   . ASP A 1 74  ? -5.773  -12.610 13.151  1.00 19.09 ? 67  ASP A O   1 
ATOM   546  C  CB  . ASP A 1 74  ? -7.990  -13.665 11.380  1.00 21.32 ? 67  ASP A CB  1 
ATOM   547  C  CG  . ASP A 1 74  ? -7.854  -12.910 10.062  1.00 19.08 ? 67  ASP A CG  1 
ATOM   548  O  OD1 . ASP A 1 74  ? -8.826  -12.222 9.638   1.00 17.76 ? 67  ASP A OD1 1 
ATOM   549  O  OD2 . ASP A 1 74  ? -6.773  -13.011 9.451   1.00 16.12 ? 67  ASP A OD2 1 
ATOM   550  N  N   . LEU A 1 75  ? -6.708  -10.720 12.355  1.00 13.61 ? 68  LEU A N   1 
ATOM   551  C  CA  . LEU A 1 75  ? -5.474  -9.941  12.297  1.00 15.13 ? 68  LEU A CA  1 
ATOM   552  C  C   . LEU A 1 75  ? -5.307  -9.102  13.545  1.00 19.25 ? 68  LEU A C   1 
ATOM   553  O  O   . LEU A 1 75  ? -6.290  -8.635  14.124  1.00 22.15 ? 68  LEU A O   1 
ATOM   554  C  CB  . LEU A 1 75  ? -5.487  -8.983  11.093  1.00 13.76 ? 68  LEU A CB  1 
ATOM   555  C  CG  . LEU A 1 75  ? -5.521  -9.594  9.708   1.00 11.25 ? 68  LEU A CG  1 
ATOM   556  C  CD1 . LEU A 1 75  ? -5.641  -8.478  8.653   1.00 13.42 ? 68  LEU A CD1 1 
ATOM   557  C  CD2 . LEU A 1 75  ? -4.304  -10.442 9.466   1.00 15.53 ? 68  LEU A CD2 1 
ATOM   558  N  N   . THR A 1 76  ? -4.048  -8.901  13.936  1.00 17.00 ? 69  THR A N   1 
ATOM   559  C  CA  . THR A 1 76  ? -3.676  -7.890  14.912  1.00 24.08 ? 69  THR A CA  1 
ATOM   560  C  C   . THR A 1 76  ? -3.501  -6.541  14.207  1.00 17.73 ? 69  THR A C   1 
ATOM   561  O  O   . THR A 1 76  ? -3.188  -6.479  13.013  1.00 15.77 ? 69  THR A O   1 
ATOM   562  C  CB  . THR A 1 76  ? -2.366  -8.277  15.616  1.00 17.92 ? 69  THR A CB  1 
ATOM   563  O  OG1 . THR A 1 76  ? -1.308  -8.334  14.660  1.00 23.99 ? 69  THR A OG1 1 
ATOM   564  C  CG2 . THR A 1 76  ? -2.491  -9.624  16.278  1.00 28.38 ? 69  THR A CG2 1 
ATOM   565  N  N   . GLY A 1 77  ? -3.759  -5.458  14.935  1.00 14.00 ? 70  GLY A N   1 
ATOM   566  C  CA  . GLY A 1 77  ? -3.378  -4.153  14.421  1.00 16.85 ? 70  GLY A CA  1 
ATOM   567  C  C   . GLY A 1 77  ? -1.869  -4.083  14.270  1.00 16.22 ? 70  GLY A C   1 
ATOM   568  O  O   . GLY A 1 77  ? -1.124  -4.633  15.078  1.00 14.73 ? 70  GLY A O   1 
ATOM   569  N  N   . MET A 1 78  ? -1.411  -3.421  13.214  1.00 13.81 ? 71  MET A N   1 
ATOM   570  C  CA  . MET A 1 78  ? 0.014   -3.153  13.071  1.00 11.96 ? 71  MET A CA  1 
ATOM   571  C  C   . MET A 1 78  ? 0.186   -1.652  12.867  1.00 11.45 ? 71  MET A C   1 
ATOM   572  O  O   . MET A 1 78  ? -0.779  -0.919  12.649  1.00 13.22 ? 71  MET A O   1 
ATOM   573  C  CB  . MET A 1 78  ? 0.650   -3.979  11.936  1.00 14.86 ? 71  MET A CB  1 
ATOM   574  C  CG  . MET A 1 78  ? 0.115   -3.709  10.588  1.00 14.96 ? 71  MET A CG  1 
ATOM   575  S  SD  . MET A 1 78  ? 0.714   -4.884  9.314   1.00 15.82 ? 71  MET A SD  1 
ATOM   576  C  CE  . MET A 1 78  ? 2.338   -4.185  8.962   1.00 12.80 ? 71  MET A CE  1 
ATOM   577  N  N   . VAL A 1 79  ? 1.420   -1.181  13.007  1.00 11.14 ? 72  VAL A N   1 
ATOM   578  C  CA  . VAL A 1 79  ? 1.686   0.248   12.918  1.00 11.07 ? 72  VAL A CA  1 
ATOM   579  C  C   . VAL A 1 79  ? 1.650   0.694   11.458  1.00 13.21 ? 72  VAL A C   1 
ATOM   580  O  O   . VAL A 1 79  ? 2.288   0.088   10.598  1.00 13.88 ? 72  VAL A O   1 
ATOM   581  C  CB  . VAL A 1 79  ? 3.044   0.592   13.553  1.00 11.64 ? 72  VAL A CB  1 
ATOM   582  C  CG1 . VAL A 1 79  ? 3.358   2.058   13.329  1.00 16.11 ? 72  VAL A CG1 1 
ATOM   583  C  CG2 . VAL A 1 79  ? 3.025   0.251   15.046  1.00 15.69 ? 72  VAL A CG2 1 
ATOM   584  N  N   . LEU A 1 80  ? 0.969   1.815   11.209  1.00 12.71 ? 73  LEU A N   1 
ATOM   585  C  CA  . LEU A 1 80  ? 1.026   2.533   9.948   1.00 13.81 ? 73  LEU A CA  1 
ATOM   586  C  C   . LEU A 1 80  ? 1.818   3.815   10.193  1.00 13.66 ? 73  LEU A C   1 
ATOM   587  O  O   . LEU A 1 80  ? 1.359   4.693   10.926  1.00 14.38 ? 73  LEU A O   1 
ATOM   588  C  CB  . LEU A 1 80  ? -0.384  2.825   9.439   1.00 15.66 ? 73  LEU A CB  1 
ATOM   589  C  CG  . LEU A 1 80  ? -0.482  3.856   8.303   1.00 13.07 ? 73  LEU A CG  1 
ATOM   590  C  CD1 . LEU A 1 80  ? 0.201   3.418   7.027   1.00 15.27 ? 73  LEU A CD1 1 
ATOM   591  C  CD2 . LEU A 1 80  ? -1.942  4.131   8.019   1.00 16.10 ? 73  LEU A CD2 1 
ATOM   592  N  N   . GLU A 1 81  ? 3.010   3.907   9.599   1.00 11.82 ? 74  GLU A N   1 
ATOM   593  C  CA  . GLU A 1 81  ? 3.833   5.105   9.667   1.00 16.11 ? 74  GLU A CA  1 
ATOM   594  C  C   . GLU A 1 81  ? 3.332   6.116   8.647   1.00 16.80 ? 74  GLU A C   1 
ATOM   595  O  O   . GLU A 1 81  ? 2.644   5.770   7.685   1.00 15.23 ? 74  GLU A O   1 
ATOM   596  C  CB  . GLU A 1 81  ? 5.314   4.775   9.411   1.00 18.38 ? 74  GLU A CB  1 
ATOM   597  C  CG  . GLU A 1 81  ? 5.926   3.908   10.485  1.00 24.26 ? 74  GLU A CG  1 
ATOM   598  C  CD  . GLU A 1 81  ? 7.355   3.449   10.160  1.00 26.77 ? 74  GLU A CD  1 
ATOM   599  O  OE1 . GLU A 1 81  ? 7.695   3.239   8.987   1.00 23.60 ? 74  GLU A OE1 1 
ATOM   600  O  OE2 . GLU A 1 81  ? 8.143   3.267   11.088  1.00 34.10 ? 74  GLU A OE2 1 
ATOM   601  N  N   . GLU A 1 82  ? 3.664   7.389   8.879   1.00 16.71 ? 75  GLU A N   1 
ATOM   602  C  CA  . GLU A 1 82  ? 3.178   8.443   7.997   1.00 18.80 ? 75  GLU A CA  1 
ATOM   603  C  C   . GLU A 1 82  ? 3.985   8.539   6.712   1.00 20.29 ? 75  GLU A C   1 
ATOM   604  O  O   . GLU A 1 82  ? 3.563   9.226   5.780   1.00 26.55 ? 75  GLU A O   1 
ATOM   605  C  CB  . GLU A 1 82  ? 3.160   9.774   8.740   1.00 22.49 ? 75  GLU A CB  1 
ATOM   606  C  CG  . GLU A 1 82  ? 1.976   9.852   9.727   1.00 24.05 ? 75  GLU A CG  1 
ATOM   607  C  CD  . GLU A 1 82  ? 1.724   11.266  10.273  1.00 40.48 ? 75  GLU A CD  1 
ATOM   608  O  OE1 . GLU A 1 82  ? 2.396   12.218  9.816   1.00 37.53 ? 75  GLU A OE1 1 
ATOM   609  O  OE2 . GLU A 1 82  ? 0.856   11.424  11.167  1.00 32.37 ? 75  GLU A OE2 1 
ATOM   610  N  N   . GLY A 1 83  ? 5.092   7.823   6.650   1.00 19.41 ? 76  GLY A N   1 
ATOM   611  C  CA  . GLY A 1 83  ? 5.913   7.678   5.476   1.00 19.80 ? 76  GLY A CA  1 
ATOM   612  C  C   . GLY A 1 83  ? 7.013   6.709   5.849   1.00 17.94 ? 76  GLY A C   1 
ATOM   613  O  O   . GLY A 1 83  ? 7.173   6.335   7.021   1.00 17.80 ? 76  GLY A O   1 
ATOM   614  N  N   . CYS A 1 84  ? 7.756   6.299   4.850   1.00 15.02 ? 77  CYS A N   1 
ATOM   615  C  CA  . CYS A 1 84  ? 8.827   5.339   5.087   1.00 14.98 ? 77  CYS A CA  1 
ATOM   616  C  C   . CYS A 1 84  ? 10.081  6.057   5.580   1.00 21.62 ? 77  CYS A C   1 
ATOM   617  O  O   . CYS A 1 84  ? 10.346  7.201   5.184   1.00 18.80 ? 77  CYS A O   1 
ATOM   618  C  CB  . CYS A 1 84  ? 9.166   4.586   3.822   1.00 17.09 ? 77  CYS A CB  1 
ATOM   619  S  SG  . CYS A 1 84  ? 7.782   3.644   3.074   1.00 23.42 ? 77  CYS A SG  1 
ATOM   620  N  N   . PRO A 1 85  ? 10.899  5.388   6.394   1.00 18.68 ? 78  PRO A N   1 
ATOM   621  C  CA  . PRO A 1 85  ? 12.153  6.011   6.870   1.00 23.09 ? 78  PRO A CA  1 
ATOM   622  C  C   . PRO A 1 85  ? 13.115  6.268   5.714   1.00 18.74 ? 78  PRO A C   1 
ATOM   623  O  O   . PRO A 1 85  ? 13.512  5.344   5.001   1.00 20.51 ? 78  PRO A O   1 
ATOM   624  C  CB  . PRO A 1 85  ? 12.719  4.973   7.848   1.00 26.88 ? 78  PRO A CB  1 
ATOM   625  C  CG  . PRO A 1 85  ? 11.557  4.082   8.206   1.00 27.90 ? 78  PRO A CG  1 
ATOM   626  C  CD  . PRO A 1 85  ? 10.708  4.043   6.977   1.00 25.50 ? 78  PRO A CD  1 
ATOM   627  N  N   . GLU A 1 86  ? 13.484  7.536   5.524   1.00 19.77 ? 79  GLU A N   1 
ATOM   628  C  CA  . GLU A 1 86  ? 14.364  7.879   4.412   1.00 19.17 ? 79  GLU A CA  1 
ATOM   629  C  C   . GLU A 1 86  ? 15.673  7.124   4.550   1.00 16.96 ? 79  GLU A C   1 
ATOM   630  O  O   . GLU A 1 86  ? 16.238  7.050   5.640   1.00 19.17 ? 79  GLU A O   1 
ATOM   631  C  CB  . GLU A 1 86  ? 14.615  9.388   4.381   1.00 22.81 ? 79  GLU A CB  1 
ATOM   632  C  CG  . GLU A 1 86  ? 15.391  9.841   3.158   1.00 26.18 ? 79  GLU A CG  1 
ATOM   633  C  CD  . GLU A 1 86  ? 15.572  11.344  3.120   1.00 28.63 ? 79  GLU A CD  1 
ATOM   634  O  OE1 . GLU A 1 86  ? 15.727  11.900  2.013   1.00 29.18 ? 79  GLU A OE1 1 
ATOM   635  O  OE2 . GLU A 1 86  ? 15.555  11.963  4.206   1.00 28.09 ? 79  GLU A OE2 1 
ATOM   636  N  N   . GLY A 1 87  ? 16.151  6.550   3.446   1.00 22.47 ? 80  GLY A N   1 
ATOM   637  C  CA  . GLY A 1 87  ? 17.412  5.833   3.426   1.00 23.47 ? 80  GLY A CA  1 
ATOM   638  C  C   . GLY A 1 87  ? 17.324  4.357   3.750   1.00 28.85 ? 80  GLY A C   1 
ATOM   639  O  O   . GLY A 1 87  ? 18.301  3.631   3.524   1.00 31.09 ? 80  GLY A O   1 
ATOM   640  N  N   . THR A 1 88  ? 16.197  3.908   4.286   1.00 21.42 ? 81  THR A N   1 
ATOM   641  C  CA  . THR A 1 88  ? 15.975  2.534   4.702   1.00 28.98 ? 81  THR A CA  1 
ATOM   642  C  C   . THR A 1 88  ? 15.584  1.680   3.505   1.00 25.64 ? 81  THR A C   1 
ATOM   643  O  O   . THR A 1 88  ? 14.976  2.162   2.549   1.00 22.24 ? 81  THR A O   1 
ATOM   644  C  CB  . THR A 1 88  ? 14.865  2.501   5.755   1.00 25.98 ? 81  THR A CB  1 
ATOM   645  O  OG1 . THR A 1 88  ? 15.403  2.909   7.020   1.00 45.86 ? 81  THR A OG1 1 
ATOM   646  C  CG2 . THR A 1 88  ? 14.210  1.119   5.901   1.00 49.24 ? 81  THR A CG2 1 
ATOM   647  N  N   . VAL A 1 89  ? 15.934  0.401   3.564   1.00 21.92 ? 82  VAL A N   1 
ATOM   648  C  CA  . VAL A 1 89  ? 15.448  -0.571  2.586   1.00 17.05 ? 82  VAL A CA  1 
ATOM   649  C  C   . VAL A 1 89  ? 14.113  -1.127  3.082   1.00 20.29 ? 82  VAL A C   1 
ATOM   650  O  O   . VAL A 1 89  ? 14.044  -1.753  4.143   1.00 22.06 ? 82  VAL A O   1 
ATOM   651  C  CB  . VAL A 1 89  ? 16.467  -1.697  2.354   1.00 24.22 ? 82  VAL A CB  1 
ATOM   652  C  CG1 . VAL A 1 89  ? 15.926  -2.694  1.286   1.00 26.43 ? 82  VAL A CG1 1 
ATOM   653  C  CG2 . VAL A 1 89  ? 17.819  -1.128  1.907   1.00 26.12 ? 82  VAL A CG2 1 
ATOM   654  N  N   . CYS A 1 90  ? 13.047  -0.871  2.332   1.00 15.84 ? 83  CYS A N   1 
ATOM   655  C  CA  . CYS A 1 90  ? 11.747  -1.463  2.568   1.00 15.55 ? 83  CYS A CA  1 
ATOM   656  C  C   . CYS A 1 90  ? 11.484  -2.569  1.546   1.00 18.20 ? 83  CYS A C   1 
ATOM   657  O  O   . CYS A 1 90  ? 12.261  -2.777  0.605   1.00 17.53 ? 83  CYS A O   1 
ATOM   658  C  CB  . CYS A 1 90  ? 10.662  -0.378  2.507   1.00 19.96 ? 83  CYS A CB  1 
ATOM   659  S  SG  . CYS A 1 90  ? 10.906  0.859   3.831   1.00 26.20 ? 83  CYS A SG  1 
ATOM   660  N  N   . SER A 1 91  ? 10.397  -3.306  1.767   1.00 15.86 ? 84  SER A N   1 
ATOM   661  C  CA  A SER A 1 91  ? 9.925   -4.331  0.843   0.50 15.55 ? 84  SER A CA  1 
ATOM   662  C  CA  B SER A 1 91  ? 9.922   -4.333  0.847   0.50 15.55 ? 84  SER A CA  1 
ATOM   663  C  C   . SER A 1 91  ? 8.556   -3.925  0.320   1.00 13.82 ? 84  SER A C   1 
ATOM   664  O  O   . SER A 1 91  ? 7.692   -3.505  1.098   1.00 13.35 ? 84  SER A O   1 
ATOM   665  C  CB  A SER A 1 91  ? 9.834   -5.704  1.518   0.50 14.91 ? 84  SER A CB  1 
ATOM   666  C  CB  B SER A 1 91  ? 9.824   -5.700  1.529   0.50 14.91 ? 84  SER A CB  1 
ATOM   667  O  OG  A SER A 1 91  ? 9.550   -6.719  0.568   0.50 14.32 ? 84  SER A OG  1 
ATOM   668  O  OG  B SER A 1 91  ? 11.082  -6.103  2.035   0.50 21.04 ? 84  SER A OG  1 
ATOM   669  N  N   . VAL A 1 92  ? 8.367   -4.035  -0.995  1.00 12.08 ? 85  VAL A N   1 
ATOM   670  C  CA  . VAL A 1 92  ? 7.060   -3.867  -1.612  1.00 11.19 ? 85  VAL A CA  1 
ATOM   671  C  C   . VAL A 1 92  ? 6.484   -5.267  -1.766  1.00 12.34 ? 85  VAL A C   1 
ATOM   672  O  O   . VAL A 1 92  ? 7.064   -6.101  -2.463  1.00 11.86 ? 85  VAL A O   1 
ATOM   673  C  CB  . VAL A 1 92  ? 7.131   -3.139  -2.969  1.00 13.08 ? 85  VAL A CB  1 
ATOM   674  C  CG1 . VAL A 1 92  ? 5.679   -2.850  -3.449  1.00 14.42 ? 85  VAL A CG1 1 
ATOM   675  C  CG2 . VAL A 1 92  ? 7.961   -1.850  -2.869  1.00 13.60 ? 85  VAL A CG2 1 
ATOM   676  N  N   . LEU A 1 93  ? 5.360   -5.540  -1.089  1.00 12.44 ? 86  LEU A N   1 
ATOM   677  C  CA  . LEU A 1 93  ? 4.757   -6.883  -1.095  1.00 14.13 ? 86  LEU A CA  1 
ATOM   678  C  C   . LEU A 1 93  ? 3.804   -7.008  -2.284  1.00 10.75 ? 86  LEU A C   1 
ATOM   679  O  O   . LEU A 1 93  ? 2.580   -6.835  -2.187  1.00 11.87 ? 86  LEU A O   1 
ATOM   680  C  CB  . LEU A 1 93  ? 4.047   -7.157  0.218   1.00 10.45 ? 86  LEU A CB  1 
ATOM   681  C  CG  . LEU A 1 93  ? 4.866   -7.028  1.509   1.00 13.63 ? 86  LEU A CG  1 
ATOM   682  C  CD1 . LEU A 1 93  ? 4.025   -7.494  2.692   1.00 15.21 ? 86  LEU A CD1 1 
ATOM   683  C  CD2 . LEU A 1 93  ? 6.146   -7.871  1.456   1.00 14.86 ? 86  LEU A CD2 1 
ATOM   684  N  N   . ILE A 1 94  ? 4.392   -7.290  -3.439  1.00 11.69 ? 87  ILE A N   1 
ATOM   685  C  CA  . ILE A 1 94  ? 3.617   -7.384  -4.669  1.00 10.84 ? 87  ILE A CA  1 
ATOM   686  C  C   . ILE A 1 94  ? 2.998   -8.771  -4.764  1.00 11.06 ? 87  ILE A C   1 
ATOM   687  O  O   . ILE A 1 94  ? 3.709   -9.776  -4.721  1.00 12.04 ? 87  ILE A O   1 
ATOM   688  C  CB  . ILE A 1 94  ? 4.492   -7.127  -5.904  1.00 14.35 ? 87  ILE A CB  1 
ATOM   689  C  CG1 . ILE A 1 94  ? 5.107   -5.725  -5.875  1.00 19.06 ? 87  ILE A CG1 1 
ATOM   690  C  CG2 . ILE A 1 94  ? 3.641   -7.387  -7.189  1.00 15.03 ? 87  ILE A CG2 1 
ATOM   691  C  CD1 . ILE A 1 94  ? 4.190   -4.681  -6.374  1.00 25.69 ? 87  ILE A CD1 1 
ATOM   692  N  N   . LYS A 1 95  ? 1.689   -8.809  -4.997  1.00 15.48 ? 88  LYS A N   1 
ATOM   693  C  CA  . LYS A 1 95  ? 0.981   -9.983  -5.492  1.00 14.93 ? 88  LYS A CA  1 
ATOM   694  C  C   . LYS A 1 95  ? 0.618   -9.757  -6.959  1.00 17.26 ? 88  LYS A C   1 
ATOM   695  O  O   . LYS A 1 95  ? 0.090   -8.694  -7.327  1.00 13.91 ? 88  LYS A O   1 
ATOM   696  C  CB  . LYS A 1 95  ? -0.296  -10.255 -4.683  1.00 15.98 ? 88  LYS A CB  1 
ATOM   697  C  CG  . LYS A 1 95  ? -0.077  -10.924 -3.330  1.00 17.41 ? 88  LYS A CG  1 
ATOM   698  C  CD  . LYS A 1 95  ? -1.400  -11.166 -2.649  1.00 15.77 ? 88  LYS A CD  1 
ATOM   699  C  CE  . LYS A 1 95  ? -1.236  -11.885 -1.307  1.00 13.41 ? 88  LYS A CE  1 
ATOM   700  N  NZ  . LYS A 1 95  ? -2.570  -12.139 -0.692  1.00 12.50 ? 88  LYS A NZ  1 
ATOM   701  N  N   . ARG A 1 96  ? 0.906   -10.740 -7.794  1.00 14.57 ? 89  ARG A N   1 
ATOM   702  C  CA  . ARG A 1 96  ? 0.460   -10.710 -9.178  1.00 13.49 ? 89  ARG A CA  1 
ATOM   703  C  C   . ARG A 1 96  ? -0.914  -11.380 -9.319  1.00 19.96 ? 89  ARG A C   1 
ATOM   704  O  O   . ARG A 1 96  ? -1.351  -12.145 -8.462  1.00 16.91 ? 89  ARG A O   1 
ATOM   705  C  CB  . ARG A 1 96  ? 1.504   -11.375 -10.062 1.00 14.58 ? 89  ARG A CB  1 
ATOM   706  C  CG  . ARG A 1 96  ? 2.793   -10.579 -10.152 1.00 17.35 ? 89  ARG A CG  1 
ATOM   707  C  CD  . ARG A 1 96  ? 2.619   -9.410  -11.146 1.00 21.19 ? 89  ARG A CD  1 
ATOM   708  N  NE  . ARG A 1 96  ? 3.464   -8.249  -10.852 1.00 21.41 ? 89  ARG A NE  1 
ATOM   709  C  CZ  . ARG A 1 96  ? 4.745   -8.132  -11.186 1.00 23.27 ? 89  ARG A CZ  1 
ATOM   710  N  NH1 . ARG A 1 96  ? 5.377   -9.116  -11.823 1.00 23.31 ? 89  ARG A NH1 1 
ATOM   711  N  NH2 . ARG A 1 96  ? 5.408   -7.020  -10.866 1.00 23.18 ? 89  ARG A NH2 1 
ATOM   712  N  N   . ASP A 1 97  ? -1.614  -11.053 -10.413 1.00 17.17 ? 90  ASP A N   1 
ATOM   713  C  CA  . ASP A 1 97  ? -2.938  -11.618 -10.639 1.00 18.79 ? 90  ASP A CA  1 
ATOM   714  C  C   . ASP A 1 97  ? -2.900  -13.141 -10.694 1.00 13.30 ? 90  ASP A C   1 
ATOM   715  O  O   . ASP A 1 97  ? -3.883  -13.795 -10.340 1.00 18.90 ? 90  ASP A O   1 
ATOM   716  C  CB  . ASP A 1 97  ? -3.520  -11.068 -11.940 1.00 21.80 ? 90  ASP A CB  1 
ATOM   717  C  CG  . ASP A 1 97  ? -3.827  -9.590  -11.846 1.00 31.26 ? 90  ASP A CG  1 
ATOM   718  O  OD1 . ASP A 1 97  ? -3.962  -9.071  -10.712 1.00 23.70 ? 90  ASP A OD1 1 
ATOM   719  O  OD2 . ASP A 1 97  ? -3.924  -8.946  -12.901 1.00 31.13 ? 90  ASP A OD2 1 
ATOM   720  N  N   . SER A 1 98  ? -1.765  -13.705 -11.096 1.00 14.54 ? 91  SER A N   1 
ATOM   721  C  CA  . SER A 1 98  ? -1.578  -15.156 -11.123 1.00 18.98 ? 91  SER A CA  1 
ATOM   722  C  C   . SER A 1 98  ? -1.493  -15.784 -9.734  1.00 19.57 ? 91  SER A C   1 
ATOM   723  O  O   . SER A 1 98  ? -1.585  -17.017 -9.621  1.00 16.14 ? 91  SER A O   1 
ATOM   724  C  CB  . SER A 1 98  ? -0.299  -15.481 -11.856 1.00 15.87 ? 91  SER A CB  1 
ATOM   725  O  OG  . SER A 1 98  ? 0.805   -15.084 -11.052 1.00 16.08 ? 91  SER A OG  1 
ATOM   726  N  N   . GLY A 1 99  ? -1.277  -14.976 -8.696  1.00 15.07 ? 92  GLY A N   1 
ATOM   727  C  CA  . GLY A 1 99  ? -1.015  -15.447 -7.344  1.00 15.12 ? 92  GLY A CA  1 
ATOM   728  C  C   . GLY A 1 99  ? 0.453   -15.382 -6.946  1.00 11.64 ? 92  GLY A C   1 
ATOM   729  O  O   . GLY A 1 99  ? 0.755   -15.485 -5.745  1.00 14.46 ? 92  GLY A O   1 
ATOM   730  N  N   . GLU A 1 100 ? 1.360   -15.203 -7.908  1.00 11.03 ? 93  GLU A N   1 
ATOM   731  C  CA  . GLU A 1 100 ? 2.797   -15.129 -7.622  1.00 15.52 ? 93  GLU A CA  1 
ATOM   732  C  C   . GLU A 1 100 ? 3.094   -14.036 -6.605  1.00 13.71 ? 93  GLU A C   1 
ATOM   733  O  O   . GLU A 1 100 ? 2.590   -12.923 -6.721  1.00 14.24 ? 93  GLU A O   1 
ATOM   734  C  CB  . GLU A 1 100 ? 3.610   -14.845 -8.888  1.00 15.75 ? 93  GLU A CB  1 
ATOM   735  C  CG  . GLU A 1 100 ? 5.111   -14.716 -8.598  1.00 18.20 ? 93  GLU A CG  1 
ATOM   736  C  CD  . GLU A 1 100 ? 5.950   -14.262 -9.793  1.00 23.62 ? 93  GLU A CD  1 
ATOM   737  O  OE1 . GLU A 1 100 ? 5.389   -13.969 -10.848 1.00 27.55 ? 93  GLU A OE1 1 
ATOM   738  O  OE2 . GLU A 1 100 ? 7.179   -14.226 -9.653  1.00 28.95 ? 93  GLU A OE2 1 
ATOM   739  N  N   . LEU A 1 101 ? 3.932   -14.358 -5.625  1.00 14.15 ? 94  LEU A N   1 
ATOM   740  C  CA  . LEU A 1 101 ? 4.424   -13.390 -4.647  1.00 14.54 ? 94  LEU A CA  1 
ATOM   741  C  C   . LEU A 1 101 ? 5.753   -12.834 -5.137  1.00 18.48 ? 94  LEU A C   1 
ATOM   742  O  O   . LEU A 1 101 ? 6.663   -13.594 -5.475  1.00 13.32 ? 94  LEU A O   1 
ATOM   743  C  CB  . LEU A 1 101 ? 4.632   -14.021 -3.279  1.00 14.39 ? 94  LEU A CB  1 
ATOM   744  C  CG  . LEU A 1 101 ? 3.479   -14.822 -2.676  1.00 13.64 ? 94  LEU A CG  1 
ATOM   745  C  CD1 . LEU A 1 101 ? 3.896   -15.344 -1.332  1.00 15.74 ? 94  LEU A CD1 1 
ATOM   746  C  CD2 . LEU A 1 101 ? 2.213   -13.992 -2.570  1.00 15.37 ? 94  LEU A CD2 1 
ATOM   747  N  N   . LEU A 1 102 ? 5.887   -11.519 -5.134  1.00 14.93 ? 95  LEU A N   1 
ATOM   748  C  CA  . LEU A 1 102 ? 7.086   -10.866 -5.663  1.00 15.67 ? 95  LEU A CA  1 
ATOM   749  C  C   . LEU A 1 102 ? 7.488   -9.735  -4.723  1.00 13.57 ? 95  LEU A C   1 
ATOM   750  O  O   . LEU A 1 102 ? 7.221   -8.561  -4.986  1.00 17.88 ? 95  LEU A O   1 
ATOM   751  C  CB  . LEU A 1 102 ? 6.831   -10.369 -7.083  1.00 15.67 ? 95  LEU A CB  1 
ATOM   752  C  CG  . LEU A 1 102 ? 8.085   -9.865  -7.797  1.00 21.88 ? 95  LEU A CG  1 
ATOM   753  C  CD1 . LEU A 1 102 ? 8.934   -11.055 -8.201  1.00 26.38 ? 95  LEU A CD1 1 
ATOM   754  C  CD2 . LEU A 1 102 ? 7.710   -9.043  -8.998  1.00 26.98 ? 95  LEU A CD2 1 
ATOM   755  N  N   . PRO A 1 103 ? 8.125   -10.053 -3.600  1.00 13.10 ? 96  PRO A N   1 
ATOM   756  C  CA  . PRO A 1 103 ? 8.604   -8.989  -2.707  1.00 13.78 ? 96  PRO A CA  1 
ATOM   757  C  C   . PRO A 1 103 ? 9.809   -8.304  -3.340  1.00 19.62 ? 96  PRO A C   1 
ATOM   758  O  O   . PRO A 1 103 ? 10.763  -8.964  -3.746  1.00 17.29 ? 96  PRO A O   1 
ATOM   759  C  CB  . PRO A 1 103 ? 8.969   -9.738  -1.425  1.00 16.45 ? 96  PRO A CB  1 
ATOM   760  C  CG  . PRO A 1 103 ? 9.374   -11.114 -1.930  1.00 17.68 ? 96  PRO A CG  1 
ATOM   761  C  CD  . PRO A 1 103 ? 8.473   -11.393 -3.094  1.00 18.46 ? 96  PRO A CD  1 
ATOM   762  N  N   . LEU A 1 104 ? 9.743   -6.984  -3.462  1.00 13.07 ? 97  LEU A N   1 
ATOM   763  C  CA  . LEU A 1 104 ? 10.804  -6.203  -4.094  1.00 12.65 ? 97  LEU A CA  1 
ATOM   764  C  C   . LEU A 1 104 ? 11.459  -5.295  -3.062  1.00 18.38 ? 97  LEU A C   1 
ATOM   765  O  O   . LEU A 1 104 ? 10.767  -4.592  -2.322  1.00 15.58 ? 97  LEU A O   1 
ATOM   766  C  CB  . LEU A 1 104 ? 10.246  -5.376  -5.250  1.00 14.37 ? 97  LEU A CB  1 
ATOM   767  C  CG  . LEU A 1 104 ? 9.680   -6.125  -6.454  1.00 19.39 ? 97  LEU A CG  1 
ATOM   768  C  CD1 . LEU A 1 104 ? 9.117   -5.126  -7.455  1.00 26.47 ? 97  LEU A CD1 1 
ATOM   769  C  CD2 . LEU A 1 104 ? 10.761  -6.978  -7.085  1.00 21.47 ? 97  LEU A CD2 1 
ATOM   770  N  N   . ALA A 1 105 ? 12.789  -5.287  -3.033  1.00 16.11 ? 98  ALA A N   1 
ATOM   771  C  CA  . ALA A 1 105 ? 13.535  -4.433  -2.116  1.00 17.08 ? 98  ALA A CA  1 
ATOM   772  C  C   . ALA A 1 105 ? 13.734  -3.059  -2.748  1.00 13.73 ? 98  ALA A C   1 
ATOM   773  O  O   . ALA A 1 105 ? 14.140  -2.964  -3.917  1.00 17.04 ? 98  ALA A O   1 
ATOM   774  C  CB  . ALA A 1 105 ? 14.880  -5.059  -1.781  1.00 17.42 ? 98  ALA A CB  1 
ATOM   775  N  N   . VAL A 1 106 ? 13.473  -2.006  -1.961  1.00 14.48 ? 99  VAL A N   1 
ATOM   776  C  CA  A VAL A 1 106 ? 13.498  -0.621  -2.432  0.50 13.52 ? 99  VAL A CA  1 
ATOM   777  C  CA  B VAL A 1 106 ? 13.516  -0.624  -2.437  0.50 13.52 ? 99  VAL A CA  1 
ATOM   778  C  C   . VAL A 1 106 ? 14.177  0.238   -1.370  1.00 16.13 ? 99  VAL A C   1 
ATOM   779  O  O   . VAL A 1 106 ? 13.825  0.163   -0.190  1.00 15.08 ? 99  VAL A O   1 
ATOM   780  C  CB  A VAL A 1 106 ? 12.072  -0.092  -2.703  0.50 12.59 ? 99  VAL A CB  1 
ATOM   781  C  CB  B VAL A 1 106 ? 12.112  -0.061  -2.757  0.50 12.59 ? 99  VAL A CB  1 
ATOM   782  C  CG1 A VAL A 1 106 ? 12.100  1.294   -3.334  0.50 10.93 ? 99  VAL A CG1 1 
ATOM   783  C  CG1 B VAL A 1 106 ? 11.579  -0.646  -4.059  0.50 16.69 ? 99  VAL A CG1 1 
ATOM   784  C  CG2 A VAL A 1 106 ? 11.312  -1.068  -3.588  0.50 15.05 ? 99  VAL A CG2 1 
ATOM   785  C  CG2 B VAL A 1 106 ? 11.146  -0.317  -1.613  0.50 14.00 ? 99  VAL A CG2 1 
ATOM   786  N  N   . ARG A 1 107 ? 15.122  1.076   -1.780  1.00 15.72 ? 100 ARG A N   1 
ATOM   787  C  CA  . ARG A 1 107 ? 15.695  2.042   -0.852  1.00 18.19 ? 100 ARG A CA  1 
ATOM   788  C  C   . ARG A 1 107 ? 14.893  3.327   -0.968  1.00 13.10 ? 100 ARG A C   1 
ATOM   789  O  O   . ARG A 1 107 ? 14.800  3.910   -2.055  1.00 14.49 ? 100 ARG A O   1 
ATOM   790  C  CB  . ARG A 1 107 ? 17.168  2.332   -1.129  1.00 25.44 ? 100 ARG A CB  1 
ATOM   791  C  CG  . ARG A 1 107 ? 17.744  3.186   0.015   1.00 27.28 ? 100 ARG A CG  1 
ATOM   792  C  CD  . ARG A 1 107 ? 19.170  3.574   -0.188  1.00 34.46 ? 100 ARG A CD  1 
ATOM   793  N  NE  . ARG A 1 107 ? 20.062  2.431   -0.206  1.00 24.36 ? 100 ARG A NE  1 
ATOM   794  C  CZ  . ARG A 1 107 ? 20.452  1.756   0.867   1.00 30.85 ? 100 ARG A CZ  1 
ATOM   795  N  NH1 . ARG A 1 107 ? 20.017  2.084   2.080   1.00 28.63 ? 100 ARG A NH1 1 
ATOM   796  N  NH2 . ARG A 1 107 ? 21.288  0.741   0.718   1.00 38.05 ? 100 ARG A NH2 1 
ATOM   797  N  N   . MET A 1 108 ? 14.311  3.753   0.142   1.00 14.00 ? 101 MET A N   1 
ATOM   798  C  CA  . MET A 1 108 ? 13.371  4.852   0.120   1.00 13.46 ? 101 MET A CA  1 
ATOM   799  C  C   . MET A 1 108 ? 14.114  6.187   0.170   1.00 16.22 ? 101 MET A C   1 
ATOM   800  O  O   . MET A 1 108 ? 15.132  6.340   0.865   1.00 16.07 ? 101 MET A O   1 
ATOM   801  C  CB  . MET A 1 108 ? 12.394  4.717   1.296   1.00 15.24 ? 101 MET A CB  1 
ATOM   802  C  CG  . MET A 1 108 ? 11.472  3.458   1.210   1.00 15.97 ? 101 MET A CG  1 
ATOM   803  S  SD  . MET A 1 108 ? 10.697  3.281   -0.389  1.00 17.89 ? 101 MET A SD  1 
ATOM   804  C  CE  . MET A 1 108 ? 9.560   4.674   -0.360  1.00 19.53 ? 101 MET A CE  1 
ATOM   805  N  N   . GLY A 1 109 ? 13.601  7.143   -0.588  1.00 15.07 ? 102 GLY A N   1 
ATOM   806  C  CA  . GLY A 1 109 ? 14.089  8.510   -0.602  1.00 18.76 ? 102 GLY A CA  1 
ATOM   807  C  C   . GLY A 1 109 ? 13.173  9.440   0.159   1.00 21.24 ? 102 GLY A C   1 
ATOM   808  O  O   . GLY A 1 109 ? 12.594  9.073   1.190   1.00 15.22 ? 102 GLY A O   1 
ATOM   809  N  N   . ALA A 1 110 ? 13.013  10.644  -0.377  1.00 15.75 ? 103 ALA A N   1 
ATOM   810  C  CA  . ALA A 1 110 ? 12.304  11.718  0.297   1.00 19.77 ? 103 ALA A CA  1 
ATOM   811  C  C   . ALA A 1 110 ? 10.838  11.770  -0.111  1.00 15.39 ? 103 ALA A C   1 
ATOM   812  O  O   . ALA A 1 110 ? 10.458  11.408  -1.236  1.00 16.61 ? 103 ALA A O   1 
ATOM   813  C  CB  . ALA A 1 110 ? 12.952  13.064  -0.035  1.00 21.59 ? 103 ALA A CB  1 
ATOM   814  N  N   . ILE A 1 111 ? 10.016  12.250  0.820   1.00 13.76 ? 104 ILE A N   1 
ATOM   815  C  CA  . ILE A 1 111 ? 8.648   12.615  0.485   1.00 14.84 ? 104 ILE A CA  1 
ATOM   816  C  C   . ILE A 1 111 ? 8.691   13.922  -0.292  1.00 19.22 ? 104 ILE A C   1 
ATOM   817  O  O   . ILE A 1 111 ? 9.320   14.893  0.147   1.00 23.35 ? 104 ILE A O   1 
ATOM   818  C  CB  . ILE A 1 111 ? 7.797   12.756  1.753   1.00 16.28 ? 104 ILE A CB  1 
ATOM   819  C  CG1 . ILE A 1 111 ? 7.666   11.408  2.465   1.00 24.98 ? 104 ILE A CG1 1 
ATOM   820  C  CG2 . ILE A 1 111 ? 6.415   13.277  1.404   1.00 24.82 ? 104 ILE A CG2 1 
ATOM   821  C  CD1 . ILE A 1 111 ? 7.077   11.517  3.861   1.00 27.92 ? 104 ILE A CD1 1 
ATOM   822  N  N   . ALA A 1 112 ? 8.060   13.940  -1.459  1.00 18.33 ? 105 ALA A N   1 
ATOM   823  C  CA  . ALA A 1 112 ? 8.150   15.074  -2.376  1.00 22.02 ? 105 ALA A CA  1 
ATOM   824  C  C   . ALA A 1 112 ? 6.963   14.990  -3.327  1.00 27.58 ? 105 ALA A C   1 
ATOM   825  O  O   . ALA A 1 112 ? 6.087   14.131  -3.174  1.00 24.93 ? 105 ALA A O   1 
ATOM   826  C  CB  . ALA A 1 112 ? 9.492   15.075  -3.121  1.00 24.24 ? 105 ALA A CB  1 
ATOM   827  N  N   . SER A 1 113 ? 6.930   15.878  -4.316  1.00 23.15 ? 106 SER A N   1 
ATOM   828  C  CA  . SER A 1 113 ? 5.931   15.811  -5.372  1.00 23.98 ? 106 SER A CA  1 
ATOM   829  C  C   . SER A 1 113 ? 6.642   15.494  -6.667  1.00 23.36 ? 106 SER A C   1 
ATOM   830  O  O   . SER A 1 113 ? 7.607   16.171  -7.047  1.00 27.30 ? 106 SER A O   1 
ATOM   831  C  CB  . SER A 1 113 ? 5.110   17.094  -5.460  1.00 26.99 ? 106 SER A CB  1 
ATOM   832  O  OG  . SER A 1 113 ? 4.305   17.211  -4.292  1.00 27.28 ? 106 SER A OG  1 
ATOM   833  N  N   . MET A 1 114 ? 6.194   14.435  -7.307  1.00 21.30 ? 107 MET A N   1 
ATOM   834  C  CA  . MET A 1 114 ? 6.753   13.946  -8.552  1.00 22.10 ? 107 MET A CA  1 
ATOM   835  C  C   . MET A 1 114 ? 5.801   14.301  -9.691  1.00 28.20 ? 107 MET A C   1 
ATOM   836  O  O   . MET A 1 114 ? 4.579   14.196  -9.544  1.00 21.72 ? 107 MET A O   1 
ATOM   837  C  CB  . MET A 1 114 ? 6.959   12.429  -8.479  1.00 26.49 ? 107 MET A CB  1 
ATOM   838  C  CG  . MET A 1 114 ? 8.219   11.947  -7.709  1.00 41.35 ? 107 MET A CG  1 
ATOM   839  S  SD  . MET A 1 114 ? 8.362   12.383  -5.953  1.00 41.32 ? 107 MET A SD  1 
ATOM   840  C  CE  . MET A 1 114 ? 7.017   11.506  -5.152  1.00 31.39 ? 107 MET A CE  1 
ATOM   841  N  N   . ARG A 1 115 ? 6.353   14.736  -10.822 1.00 26.31 ? 108 ARG A N   1 
ATOM   842  C  CA  . ARG A 1 115 ? 5.531   15.038  -11.994 1.00 24.25 ? 108 ARG A CA  1 
ATOM   843  C  C   . ARG A 1 115 ? 5.191   13.717  -12.669 1.00 26.88 ? 108 ARG A C   1 
ATOM   844  O  O   . ARG A 1 115 ? 6.084   13.006  -13.132 1.00 24.79 ? 108 ARG A O   1 
ATOM   845  C  CB  . ARG A 1 115 ? 6.259   15.990  -12.946 1.00 30.28 ? 108 ARG A CB  1 
ATOM   846  C  CG  . ARG A 1 115 ? 5.432   16.389  -14.177 1.00 31.17 ? 108 ARG A CG  1 
ATOM   847  N  N   . ILE A 1 116 ? 3.911   13.361  -12.681 1.00 18.76 ? 109 ILE A N   1 
ATOM   848  C  CA  . ILE A 1 116 ? 3.455   12.081  -13.202 1.00 19.26 ? 109 ILE A CA  1 
ATOM   849  C  C   . ILE A 1 116 ? 2.242   12.357  -14.075 1.00 18.85 ? 109 ILE A C   1 
ATOM   850  O  O   . ILE A 1 116 ? 1.174   12.708  -13.562 1.00 22.82 ? 109 ILE A O   1 
ATOM   851  C  CB  . ILE A 1 116 ? 3.092   11.072  -12.091 1.00 19.58 ? 109 ILE A CB  1 
ATOM   852  C  CG1 . ILE A 1 116 ? 4.260   10.849  -11.122 1.00 21.93 ? 109 ILE A CG1 1 
ATOM   853  C  CG2 . ILE A 1 116 ? 2.698   9.735   -12.713 1.00 25.17 ? 109 ILE A CG2 1 
ATOM   854  C  CD1 . ILE A 1 116 ? 3.896   10.018  -9.910  1.00 25.83 ? 109 ILE A CD1 1 
ATOM   855  N  N   . GLN A 1 117 ? 2.392   12.158  -15.382 1.00 25.10 ? 110 GLN A N   1 
ATOM   856  C  CA  . GLN A 1 117 ? 1.271   12.221  -16.323 1.00 29.02 ? 110 GLN A CA  1 
ATOM   857  C  C   . GLN A 1 117 ? 0.448   13.500  -16.124 1.00 24.06 ? 110 GLN A C   1 
ATOM   858  O  O   . GLN A 1 117 ? -0.776  13.469  -15.957 1.00 22.88 ? 110 GLN A O   1 
ATOM   859  C  CB  . GLN A 1 117 ? 0.420   10.959  -16.197 1.00 28.86 ? 110 GLN A CB  1 
ATOM   860  C  CG  . GLN A 1 117 ? 1.291   9.701   -16.359 1.00 32.54 ? 110 GLN A CG  1 
ATOM   861  C  CD  . GLN A 1 117 ? 0.534   8.373   -16.243 1.00 33.00 ? 110 GLN A CD  1 
ATOM   862  O  OE1 . GLN A 1 117 ? -0.306  8.184   -15.369 1.00 32.05 ? 110 GLN A OE1 1 
ATOM   863  N  NE2 . GLN A 1 117 ? 0.864   7.441   -17.124 1.00 33.45 ? 110 GLN A NE2 1 
ATOM   864  N  N   . GLY A 1 118 ? 1.159   14.636  -16.140 1.00 24.88 ? 111 GLY A N   1 
ATOM   865  C  CA  . GLY A 1 118 ? 0.581   15.968  -16.041 1.00 25.50 ? 111 GLY A CA  1 
ATOM   866  C  C   . GLY A 1 118 ? 0.249   16.414  -14.639 1.00 29.84 ? 111 GLY A C   1 
ATOM   867  O  O   . GLY A 1 118 ? -0.037  17.601  -14.432 1.00 25.46 ? 111 GLY A O   1 
ATOM   868  N  N   . ARG A 1 119 ? 0.260   15.505  -13.674 1.00 24.87 ? 112 ARG A N   1 
ATOM   869  C  CA  . ARG A 1 119 ? -0.063  15.821  -12.294 1.00 26.10 ? 112 ARG A CA  1 
ATOM   870  C  C   . ARG A 1 119 ? 1.201   15.987  -11.469 1.00 27.94 ? 112 ARG A C   1 
ATOM   871  O  O   . ARG A 1 119 ? 2.268   15.467  -11.796 1.00 23.42 ? 112 ARG A O   1 
ATOM   872  C  CB  . ARG A 1 119 ? -0.937  14.720  -11.687 1.00 27.34 ? 112 ARG A CB  1 
ATOM   873  C  CG  . ARG A 1 119 ? -2.224  14.500  -12.438 1.00 25.09 ? 112 ARG A CG  1 
ATOM   874  C  CD  . ARG A 1 119 ? -2.915  13.231  -12.003 1.00 25.72 ? 112 ARG A CD  1 
ATOM   875  N  NE  . ARG A 1 119 ? -4.142  13.044  -12.771 1.00 25.63 ? 112 ARG A NE  1 
ATOM   876  C  CZ  . ARG A 1 119 ? -5.324  13.547  -12.432 1.00 28.45 ? 112 ARG A CZ  1 
ATOM   877  N  NH1 . ARG A 1 119 ? -5.464  14.241  -11.303 1.00 29.47 ? 112 ARG A NH1 1 
ATOM   878  N  NH2 . ARG A 1 119 ? -6.374  13.326  -13.221 1.00 31.05 ? 112 ARG A NH2 1 
ATOM   879  N  N   . LEU A 1 120 ? 1.059   16.726  -10.387 1.00 24.22 ? 113 LEU A N   1 
ATOM   880  C  CA  . LEU A 1 120 ? 2.094   16.882  -9.388  1.00 26.12 ? 113 LEU A CA  1 
ATOM   881  C  C   . LEU A 1 120 ? 1.653   16.035  -8.199  1.00 23.63 ? 113 LEU A C   1 
ATOM   882  O  O   . LEU A 1 120 ? 0.731   16.417  -7.475  1.00 25.10 ? 113 LEU A O   1 
ATOM   883  C  CB  . LEU A 1 120 ? 2.243   18.348  -9.011  1.00 31.95 ? 113 LEU A CB  1 
ATOM   884  C  CG  . LEU A 1 120 ? 3.615   18.639  -8.483  1.00 39.23 ? 113 LEU A CG  1 
ATOM   885  C  CD1 . LEU A 1 120 ? 4.472   19.219  -9.605  1.00 46.30 ? 113 LEU A CD1 1 
ATOM   886  C  CD2 . LEU A 1 120 ? 3.441   19.550  -7.285  1.00 54.87 ? 113 LEU A CD2 1 
ATOM   887  N  N   . VAL A 1 121 ? 2.292   14.884  -8.015  1.00 23.71 ? 114 VAL A N   1 
ATOM   888  C  CA  . VAL A 1 121 ? 1.789   13.826  -7.138  1.00 19.43 ? 114 VAL A CA  1 
ATOM   889  C  C   . VAL A 1 121 ? 2.612   13.800  -5.859  1.00 22.67 ? 114 VAL A C   1 
ATOM   890  O  O   . VAL A 1 121 ? 3.795   13.438  -5.884  1.00 20.19 ? 114 VAL A O   1 
ATOM   891  C  CB  . VAL A 1 121 ? 1.838   12.466  -7.841  1.00 21.36 ? 114 VAL A CB  1 
ATOM   892  C  CG1 . VAL A 1 121 ? 1.240   11.374  -6.934  1.00 22.10 ? 114 VAL A CG1 1 
ATOM   893  C  CG2 . VAL A 1 121 ? 1.116   12.553  -9.185  1.00 28.73 ? 114 VAL A CG2 1 
ATOM   894  N  N   . HIS A 1 122 ? 1.978   14.158  -4.743  1.00 16.72 ? 115 HIS A N   1 
ATOM   895  C  CA  . HIS A 1 122 ? 2.601   14.025  -3.440  1.00 19.45 ? 115 HIS A CA  1 
ATOM   896  C  C   . HIS A 1 122 ? 2.792   12.542  -3.103  1.00 24.90 ? 115 HIS A C   1 
ATOM   897  O  O   . HIS A 1 122 ? 1.866   11.747  -3.231  1.00 15.08 ? 115 HIS A O   1 
ATOM   898  C  CB  . HIS A 1 122 ? 1.730   14.704  -2.397  1.00 20.02 ? 115 HIS A CB  1 
ATOM   899  C  CG  . HIS A 1 122 ? 2.292   14.654  -1.019  1.00 19.67 ? 115 HIS A CG  1 
ATOM   900  N  ND1 . HIS A 1 122 ? 3.408   15.372  -0.642  1.00 21.17 ? 115 HIS A ND1 1 
ATOM   901  C  CD2 . HIS A 1 122 ? 1.893   13.970  0.077   1.00 23.59 ? 115 HIS A CD2 1 
ATOM   902  C  CE1 . HIS A 1 122 ? 3.664   15.135  0.633   1.00 21.69 ? 115 HIS A CE1 1 
ATOM   903  N  NE2 . HIS A 1 122 ? 2.759   14.289  1.091   1.00 22.86 ? 115 HIS A NE2 1 
ATOM   904  N  N   . GLY A 1 123 ? 3.997   12.166  -2.703  1.00 17.38 ? 116 GLY A N   1 
ATOM   905  C  CA  . GLY A 1 123 ? 4.286   10.766  -2.417  1.00 14.88 ? 116 GLY A CA  1 
ATOM   906  C  C   . GLY A 1 123 ? 5.725   10.635  -1.969  1.00 20.01 ? 116 GLY A C   1 
ATOM   907  O  O   . GLY A 1 123 ? 6.376   11.624  -1.612  1.00 21.32 ? 116 GLY A O   1 
ATOM   908  N  N   . GLN A 1 124 ? 6.217   9.407   -1.978  1.00 13.71 ? 117 GLN A N   1 
ATOM   909  C  CA  . GLN A 1 124 ? 7.604   9.145   -1.590  1.00 16.23 ? 117 GLN A CA  1 
ATOM   910  C  C   . GLN A 1 124 ? 8.261   8.291   -2.663  1.00 19.53 ? 117 GLN A C   1 
ATOM   911  O  O   . GLN A 1 124 ? 7.702   7.276   -3.088  1.00 15.15 ? 117 GLN A O   1 
ATOM   912  C  CB  . GLN A 1 124 ? 7.666   8.479   -0.214  1.00 14.34 ? 117 GLN A CB  1 
ATOM   913  C  CG  . GLN A 1 124 ? 9.070   8.338   0.335   1.00 14.85 ? 117 GLN A CG  1 
ATOM   914  C  CD  . GLN A 1 124 ? 9.091   7.840   1.748   1.00 17.44 ? 117 GLN A CD  1 
ATOM   915  O  OE1 . GLN A 1 124 ? 8.072   7.401   2.301   1.00 20.34 ? 117 GLN A OE1 1 
ATOM   916  N  NE2 . GLN A 1 124 ? 10.262  7.891   2.350   1.00 13.60 ? 117 GLN A NE2 1 
ATOM   917  N  N   . SER A 1 125 ? 9.449   8.696   -3.105  1.00 13.03 ? 118 SER A N   1 
ATOM   918  C  CA  . SER A 1 125 ? 10.134  7.919   -4.115  1.00 11.67 ? 118 SER A CA  1 
ATOM   919  C  C   . SER A 1 125 ? 11.035  6.884   -3.457  1.00 14.38 ? 118 SER A C   1 
ATOM   920  O  O   . SER A 1 125 ? 11.406  6.991   -2.282  1.00 17.53 ? 118 SER A O   1 
ATOM   921  C  CB  . SER A 1 125 ? 10.960  8.826   -5.032  1.00 17.17 ? 118 SER A CB  1 
ATOM   922  O  OG  . SER A 1 125 ? 11.981  9.448   -4.299  1.00 22.99 ? 118 SER A OG  1 
ATOM   923  N  N   . GLY A 1 126 ? 11.399  5.881   -4.244  1.00 16.70 ? 119 GLY A N   1 
ATOM   924  C  CA  . GLY A 1 126 ? 12.386  4.908   -3.818  1.00 17.51 ? 119 GLY A CA  1 
ATOM   925  C  C   . GLY A 1 126 ? 13.068  4.340   -5.043  1.00 12.81 ? 119 GLY A C   1 
ATOM   926  O  O   . GLY A 1 126 ? 12.559  4.446   -6.164  1.00 16.33 ? 119 GLY A O   1 
ATOM   927  N  N   . MET A 1 127 ? 14.220  3.712   -4.810  1.00 16.04 ? 120 MET A N   1 
ATOM   928  C  CA  . MET A 1 127 ? 14.982  3.059   -5.863  1.00 15.75 ? 120 MET A CA  1 
ATOM   929  C  C   . MET A 1 127 ? 14.946  1.550   -5.687  1.00 12.87 ? 120 MET A C   1 
ATOM   930  O  O   . MET A 1 127 ? 15.324  1.027   -4.635  1.00 15.05 ? 120 MET A O   1 
ATOM   931  C  CB  . MET A 1 127 ? 16.432  3.529   -5.886  1.00 18.77 ? 120 MET A CB  1 
ATOM   932  C  CG  . MET A 1 127 ? 17.136  3.016   -7.126  1.00 21.43 ? 120 MET A CG  1 
ATOM   933  S  SD  . MET A 1 127 ? 18.875  3.426   -7.211  1.00 31.94 ? 120 MET A SD  1 
ATOM   934  C  CE  . MET A 1 127 ? 19.542  2.440   -5.878  1.00 27.51 ? 120 MET A CE  1 
ATOM   935  N  N   . LEU A 1 128 ? 14.506  0.863   -6.731  1.00 14.93 ? 121 LEU A N   1 
ATOM   936  C  CA  . LEU A 1 128 ? 14.491  -0.591  -6.732  1.00 19.87 ? 121 LEU A CA  1 
ATOM   937  C  C   . LEU A 1 128 ? 15.919  -1.133  -6.622  1.00 18.87 ? 121 LEU A C   1 
ATOM   938  O  O   . LEU A 1 128 ? 16.820  -0.702  -7.344  1.00 19.48 ? 121 LEU A O   1 
ATOM   939  C  CB  . LEU A 1 128 ? 13.809  -1.065  -8.020  1.00 21.30 ? 121 LEU A CB  1 
ATOM   940  C  CG  . LEU A 1 128 ? 13.373  -2.507  -8.185  1.00 36.47 ? 121 LEU A CG  1 
ATOM   941  C  CD1 . LEU A 1 128 ? 12.406  -2.884  -7.090  1.00 28.81 ? 121 LEU A CD1 1 
ATOM   942  C  CD2 . LEU A 1 128 ? 12.710  -2.677  -9.564  1.00 38.52 ? 121 LEU A CD2 1 
ATOM   943  N  N   . LEU A 1 129 ? 16.138  -2.057  -5.697  1.00 15.16 ? 122 LEU A N   1 
ATOM   944  C  CA  . LEU A 1 129 ? 17.468  -2.647  -5.542  1.00 22.25 ? 122 LEU A CA  1 
ATOM   945  C  C   . LEU A 1 129 ? 17.585  -3.969  -6.286  1.00 28.05 ? 122 LEU A C   1 
ATOM   946  O  O   . LEU A 1 129 ? 16.748  -4.843  -6.085  1.00 34.04 ? 122 LEU A O   1 
ATOM   947  C  CB  . LEU A 1 129 ? 17.775  -2.846  -4.074  1.00 16.70 ? 122 LEU A CB  1 
ATOM   948  C  CG  . LEU A 1 129 ? 17.763  -1.567  -3.240  1.00 25.19 ? 122 LEU A CG  1 
ATOM   949  C  CD1 . LEU A 1 129 ? 18.065  -1.907  -1.835  1.00 24.93 ? 122 LEU A CD1 1 
ATOM   950  C  CD2 . LEU A 1 129 ? 18.754  -0.539  -3.768  1.00 28.49 ? 122 LEU A CD2 1 
ATOM   951  N  N   . GLY A 1 140 ? 10.756  -5.885  -11.500 1.00 29.62 ? 133 GLY A N   1 
ATOM   952  C  CA  . GLY A 1 140 ? 10.109  -4.572  -11.529 1.00 27.68 ? 133 GLY A CA  1 
ATOM   953  C  C   . GLY A 1 140 ? 8.594   -4.577  -11.326 1.00 28.89 ? 133 GLY A C   1 
ATOM   954  O  O   . GLY A 1 140 ? 7.943   -5.620  -11.431 1.00 23.11 ? 133 GLY A O   1 
ATOM   955  N  N   . THR A 1 141 ? 8.036   -3.401  -11.026 1.00 20.80 ? 134 THR A N   1 
ATOM   956  C  CA  . THR A 1 141 ? 6.596   -3.235  -10.901 1.00 20.54 ? 134 THR A CA  1 
ATOM   957  C  C   . THR A 1 141 ? 5.955   -3.000  -12.265 1.00 23.44 ? 134 THR A C   1 
ATOM   958  O  O   . THR A 1 141 ? 6.593   -2.529  -13.208 1.00 21.59 ? 134 THR A O   1 
ATOM   959  C  CB  . THR A 1 141 ? 6.264   -2.077  -9.946  1.00 22.54 ? 134 THR A CB  1 
ATOM   960  O  OG1 . THR A 1 141 ? 6.855   -0.855  -10.425 1.00 21.97 ? 134 THR A OG1 1 
ATOM   961  C  CG2 . THR A 1 141 ? 6.792   -2.369  -8.546  1.00 24.07 ? 134 THR A CG2 1 
ATOM   962  N  N   . ILE A 1 142 ? 4.677   -3.353  -12.364 1.00 21.69 ? 135 ILE A N   1 
ATOM   963  C  CA  . ILE A 1 142 ? 3.952   -3.354  -13.630 1.00 18.38 ? 135 ILE A CA  1 
ATOM   964  C  C   . ILE A 1 142 ? 2.552   -2.804  -13.407 1.00 20.85 ? 135 ILE A C   1 
ATOM   965  O  O   . ILE A 1 142 ? 2.110   -2.684  -12.253 1.00 19.26 ? 135 ILE A O   1 
ATOM   966  C  CB  . ILE A 1 142 ? 3.891   -4.773  -14.230 1.00 18.62 ? 135 ILE A CB  1 
ATOM   967  C  CG1 . ILE A 1 142 ? 3.038   -5.706  -13.356 1.00 25.97 ? 135 ILE A CG1 1 
ATOM   968  C  CG2 . ILE A 1 142 ? 5.297   -5.326  -14.408 1.00 23.71 ? 135 ILE A CG2 1 
ATOM   969  C  CD1 . ILE A 1 142 ? 2.708   -7.036  -14.021 1.00 27.59 ? 135 ILE A CD1 1 
ATOM   970  N  N   . PRO A 1 143 ? 1.822   -2.463  -14.470 1.00 21.38 ? 136 PRO A N   1 
ATOM   971  C  CA  . PRO A 1 143 ? 0.404   -2.132  -14.306 1.00 23.71 ? 136 PRO A CA  1 
ATOM   972  C  C   . PRO A 1 143 ? -0.326  -3.283  -13.630 1.00 21.79 ? 136 PRO A C   1 
ATOM   973  O  O   . PRO A 1 143 ? -0.085  -4.457  -13.926 1.00 23.60 ? 136 PRO A O   1 
ATOM   974  C  CB  . PRO A 1 143 ? -0.078  -1.913  -15.740 1.00 24.85 ? 136 PRO A CB  1 
ATOM   975  C  CG  . PRO A 1 143 ? 1.193   -1.484  -16.484 1.00 22.39 ? 136 PRO A CG  1 
ATOM   976  C  CD  . PRO A 1 143 ? 2.268   -2.325  -15.872 1.00 22.23 ? 136 PRO A CD  1 
ATOM   977  N  N   . GLY A 1 144 ? -1.203  -2.931  -12.714 1.00 20.63 ? 137 GLY A N   1 
ATOM   978  C  CA  . GLY A 1 144 ? -1.929  -3.885  -11.902 1.00 19.73 ? 137 GLY A CA  1 
ATOM   979  C  C   . GLY A 1 144 ? -1.407  -4.023  -10.486 1.00 14.62 ? 137 GLY A C   1 
ATOM   980  O  O   . GLY A 1 144 ? -2.128  -4.542  -9.639  1.00 15.68 ? 137 GLY A O   1 
ATOM   981  N  N   . ASP A 1 145 ? -0.177  -3.568  -10.218 1.00 12.24 ? 138 ASP A N   1 
ATOM   982  C  CA  . ASP A 1 145 ? 0.485   -3.646  -8.918  1.00 15.47 ? 138 ASP A CA  1 
ATOM   983  C  C   . ASP A 1 145 ? 0.126   -2.508  -7.958  1.00 13.51 ? 138 ASP A C   1 
ATOM   984  O  O   . ASP A 1 145 ? 0.553   -2.548  -6.796  1.00 13.83 ? 138 ASP A O   1 
ATOM   985  C  CB  . ASP A 1 145 ? 2.014   -3.607  -9.072  1.00 16.69 ? 138 ASP A CB  1 
ATOM   986  C  CG  . ASP A 1 145 ? 2.618   -4.861  -9.690  1.00 20.85 ? 138 ASP A CG  1 
ATOM   987  O  OD1 . ASP A 1 145 ? 1.935   -5.891  -9.872  1.00 20.39 ? 138 ASP A OD1 1 
ATOM   988  O  OD2 . ASP A 1 145 ? 3.841   -4.805  -9.994  1.00 18.26 ? 138 ASP A OD2 1 
ATOM   989  N  N   . CYS A 1 146 ? -0.604  -1.483  -8.381  1.00 12.83 ? 139 CYS A N   1 
ATOM   990  C  CA  . CYS A 1 146 ? -0.833  -0.353  -7.485  1.00 13.57 ? 139 CYS A CA  1 
ATOM   991  C  C   . CYS A 1 146 ? -1.681  -0.759  -6.276  1.00 13.92 ? 139 CYS A C   1 
ATOM   992  O  O   . CYS A 1 146 ? -2.583  -1.598  -6.372  1.00 12.26 ? 139 CYS A O   1 
ATOM   993  C  CB  . CYS A 1 146 ? -1.480  0.806   -8.233  1.00 14.83 ? 139 CYS A CB  1 
ATOM   994  S  SG  . CYS A 1 146 ? -0.224  1.709   -9.217  1.00 15.77 ? 139 CYS A SG  1 
ATOM   995  N  N   . GLY A 1 147 ? -1.337  -0.184  -5.118  1.00 11.69 ? 140 GLY A N   1 
ATOM   996  C  CA  . GLY A 1 147 ? -1.937  -0.523  -3.850  1.00 12.26 ? 140 GLY A CA  1 
ATOM   997  C  C   . GLY A 1 147 ? -1.128  -1.493  -3.018  1.00 10.03 ? 140 GLY A C   1 
ATOM   998  O  O   . GLY A 1 147 ? -1.452  -1.675  -1.837  1.00 11.02 ? 140 GLY A O   1 
ATOM   999  N  N   . ALA A 1 148 ? -0.100  -2.122  -3.588  1.00 11.41 ? 141 ALA A N   1 
ATOM   1000 C  CA  . ALA A 1 148 ? 0.712   -3.049  -2.822  1.00 10.46 ? 141 ALA A CA  1 
ATOM   1001 C  C   . ALA A 1 148 ? 1.462   -2.292  -1.732  1.00 13.49 ? 141 ALA A C   1 
ATOM   1002 O  O   . ALA A 1 148 ? 1.923   -1.167  -1.967  1.00 11.76 ? 141 ALA A O   1 
ATOM   1003 C  CB  . ALA A 1 148 ? 1.712   -3.769  -3.729  1.00 12.39 ? 141 ALA A CB  1 
ATOM   1004 N  N   . PRO A 1 149 ? 1.600   -2.869  -0.545  1.00 11.43 ? 142 PRO A N   1 
ATOM   1005 C  CA  . PRO A 1 149 ? 2.163   -2.123  0.583   1.00 11.20 ? 142 PRO A CA  1 
ATOM   1006 C  C   . PRO A 1 149 ? 3.678   -2.081  0.592   1.00 11.16 ? 142 PRO A C   1 
ATOM   1007 O  O   . PRO A 1 149 ? 4.360   -3.014  0.171   1.00 10.46 ? 142 PRO A O   1 
ATOM   1008 C  CB  . PRO A 1 149 ? 1.665   -2.914  1.795   1.00 10.61 ? 142 PRO A CB  1 
ATOM   1009 C  CG  . PRO A 1 149 ? 1.686   -4.341  1.259   1.00 9.87  ? 142 PRO A CG  1 
ATOM   1010 C  CD  . PRO A 1 149 ? 1.179   -4.230  -0.138  1.00 11.53 ? 142 PRO A CD  1 
ATOM   1011 N  N   . TYR A 1 150 ? 4.191   -0.977  1.129   1.00 9.21  ? 143 TYR A N   1 
ATOM   1012 C  CA  . TYR A 1 150 ? 5.609   -0.808  1.402   1.00 9.21  ? 143 TYR A CA  1 
ATOM   1013 C  C   . TYR A 1 150 ? 5.773   -1.068  2.889   1.00 10.11 ? 143 TYR A C   1 
ATOM   1014 O  O   . TYR A 1 150 ? 5.130   -0.392  3.701   1.00 11.06 ? 143 TYR A O   1 
ATOM   1015 C  CB  . TYR A 1 150 ? 6.051   0.614   1.033   1.00 9.03  ? 143 TYR A CB  1 
ATOM   1016 C  CG  . TYR A 1 150 ? 6.248   0.885   -0.457  1.00 10.41 ? 143 TYR A CG  1 
ATOM   1017 C  CD1 . TYR A 1 150 ? 5.265   0.592   -1.384  1.00 10.15 ? 143 TYR A CD1 1 
ATOM   1018 C  CD2 . TYR A 1 150 ? 7.425   1.471   -0.922  1.00 10.85 ? 143 TYR A CD2 1 
ATOM   1019 C  CE1 . TYR A 1 150 ? 5.461   0.816   -2.748  1.00 9.89  ? 143 TYR A CE1 1 
ATOM   1020 C  CE2 . TYR A 1 150 ? 7.610   1.736   -2.265  1.00 11.46 ? 143 TYR A CE2 1 
ATOM   1021 C  CZ  . TYR A 1 150 ? 6.642   1.402   -3.169  1.00 12.96 ? 143 TYR A CZ  1 
ATOM   1022 O  OH  . TYR A 1 150 ? 6.842   1.654   -4.487  1.00 11.02 ? 143 TYR A OH  1 
ATOM   1023 N  N   . VAL A 1 151 ? 6.577   -2.075  3.252   1.00 10.31 ? 144 VAL A N   1 
ATOM   1024 C  CA  . VAL A 1 151 ? 6.712   -2.481  4.643   1.00 11.20 ? 144 VAL A CA  1 
ATOM   1025 C  C   . VAL A 1 151 ? 8.185   -2.609  5.028   1.00 12.59 ? 144 VAL A C   1 
ATOM   1026 O  O   . VAL A 1 151 ? 9.071   -2.711  4.180   1.00 13.58 ? 144 VAL A O   1 
ATOM   1027 C  CB  . VAL A 1 151 ? 5.991   -3.815  4.936   1.00 11.07 ? 144 VAL A CB  1 
ATOM   1028 C  CG1 . VAL A 1 151 ? 4.552   -3.743  4.545   1.00 13.67 ? 144 VAL A CG1 1 
ATOM   1029 C  CG2 . VAL A 1 151 ? 6.649   -4.967  4.215   1.00 13.03 ? 144 VAL A CG2 1 
ATOM   1030 N  N   . HIS A 1 152 ? 8.429   -2.594  6.338   1.00 12.68 ? 145 HIS A N   1 
ATOM   1031 C  CA  . HIS A 1 152 ? 9.739   -2.968  6.866   1.00 14.78 ? 145 HIS A CA  1 
ATOM   1032 C  C   . HIS A 1 152 ? 9.561   -3.524  8.269   1.00 13.26 ? 145 HIS A C   1 
ATOM   1033 O  O   . HIS A 1 152 ? 8.525   -3.337  8.916   1.00 15.68 ? 145 HIS A O   1 
ATOM   1034 C  CB  . HIS A 1 152 ? 10.740  -1.796  6.840   1.00 16.76 ? 145 HIS A CB  1 
ATOM   1035 C  CG  . HIS A 1 152 ? 10.349  -0.628  7.682   1.00 16.54 ? 145 HIS A CG  1 
ATOM   1036 N  ND1 . HIS A 1 152 ? 10.884  -0.396  8.928   1.00 22.13 ? 145 HIS A ND1 1 
ATOM   1037 C  CD2 . HIS A 1 152 ? 9.464   0.374   7.457   1.00 19.00 ? 145 HIS A CD2 1 
ATOM   1038 C  CE1 . HIS A 1 152 ? 10.343  0.697   9.441   1.00 24.67 ? 145 HIS A CE1 1 
ATOM   1039 N  NE2 . HIS A 1 152 ? 9.479   1.185   8.565   1.00 20.88 ? 145 HIS A NE2 1 
ATOM   1040 N  N   . LYS A 1 153 ? 10.592  -4.212  8.741   1.00 14.64 ? 146 LYS A N   1 
ATOM   1041 C  CA  . LYS A 1 153 ? 10.524  -4.929  10.004  1.00 18.02 ? 146 LYS A CA  1 
ATOM   1042 C  C   . LYS A 1 153 ? 11.313  -4.158  11.048  1.00 22.78 ? 146 LYS A C   1 
ATOM   1043 O  O   . LYS A 1 153 ? 12.487  -3.844  10.836  1.00 25.65 ? 146 LYS A O   1 
ATOM   1044 C  CB  . LYS A 1 153 ? 11.050  -6.358  9.861   1.00 22.45 ? 146 LYS A CB  1 
ATOM   1045 C  CG  . LYS A 1 153 ? 10.471  -7.292  10.902  1.00 23.79 ? 146 LYS A CG  1 
ATOM   1046 C  CD  . LYS A 1 153 ? 11.086  -8.664  10.849  1.00 28.06 ? 146 LYS A CD  1 
ATOM   1047 C  CE  . LYS A 1 153 ? 10.594  -9.494  12.014  1.00 34.59 ? 146 LYS A CE  1 
ATOM   1048 N  NZ  . LYS A 1 153 ? 11.024  -10.918 11.922  1.00 39.03 ? 146 LYS A NZ  1 
ATOM   1049 N  N   . ARG A 1 154 ? 10.659  -3.859  12.166  1.00 21.40 ? 147 ARG A N   1 
ATOM   1050 C  CA  . ARG A 1 154 ? 11.239  -3.124  13.290  1.00 23.04 ? 147 ARG A CA  1 
ATOM   1051 C  C   . ARG A 1 154 ? 11.227  -4.085  14.474  1.00 19.29 ? 147 ARG A C   1 
ATOM   1052 O  O   . ARG A 1 154 ? 10.176  -4.317  15.078  1.00 25.04 ? 147 ARG A O   1 
ATOM   1053 C  CB  . ARG A 1 154 ? 10.432  -1.863  13.564  1.00 27.40 ? 147 ARG A CB  1 
ATOM   1054 C  CG  . ARG A 1 154 ? 10.768  -1.114  14.831  1.00 46.01 ? 147 ARG A CG  1 
ATOM   1055 C  CD  . ARG A 1 154 ? 10.055  0.247   14.827  1.00 46.31 ? 147 ARG A CD  1 
ATOM   1056 N  NE  . ARG A 1 154 ? 10.637  1.165   13.843  1.00 53.92 ? 147 ARG A NE  1 
ATOM   1057 C  CZ  . ARG A 1 154 ? 9.960   2.086   13.152  1.00 58.93 ? 147 ARG A CZ  1 
ATOM   1058 N  NH1 . ARG A 1 154 ? 8.634   2.236   13.314  1.00 40.00 ? 147 ARG A NH1 1 
ATOM   1059 N  NH2 . ARG A 1 154 ? 10.619  2.864   12.286  1.00 43.34 ? 147 ARG A NH2 1 
ATOM   1060 N  N   . GLY A 1 155 ? 12.377  -4.683  14.782  1.00 28.37 ? 148 GLY A N   1 
ATOM   1061 C  CA  . GLY A 1 155 ? 12.396  -5.695  15.831  1.00 22.88 ? 148 GLY A CA  1 
ATOM   1062 C  C   . GLY A 1 155 ? 11.652  -6.934  15.387  1.00 24.62 ? 148 GLY A C   1 
ATOM   1063 O  O   . GLY A 1 155 ? 11.888  -7.462  14.299  1.00 29.21 ? 148 GLY A O   1 
ATOM   1064 N  N   . ASN A 1 156 ? 10.725  -7.400  16.216  1.00 24.08 ? 149 ASN A N   1 
ATOM   1065 C  CA  . ASN A 1 156 ? 9.916   -8.569  15.897  1.00 30.86 ? 149 ASN A CA  1 
ATOM   1066 C  C   . ASN A 1 156 ? 8.675   -8.241  15.070  1.00 31.82 ? 149 ASN A C   1 
ATOM   1067 O  O   . ASN A 1 156 ? 7.897   -9.152  14.762  1.00 28.42 ? 149 ASN A O   1 
ATOM   1068 C  CB  . ASN A 1 156 ? 9.482   -9.274  17.197  1.00 41.44 ? 149 ASN A CB  1 
ATOM   1069 N  N   . ASP A 1 157 ? 8.453   -6.977  14.714  1.00 26.26 ? 150 ASP A N   1 
ATOM   1070 C  CA  . ASP A 1 157 ? 7.160   -6.571  14.185  1.00 24.87 ? 150 ASP A CA  1 
ATOM   1071 C  C   . ASP A 1 157 ? 7.313   -5.816  12.876  1.00 19.36 ? 150 ASP A C   1 
ATOM   1072 O  O   . ASP A 1 157 ? 8.230   -5.006  12.704  1.00 23.53 ? 150 ASP A O   1 
ATOM   1073 C  CB  . ASP A 1 157 ? 6.411   -5.747  15.222  1.00 28.85 ? 150 ASP A CB  1 
ATOM   1074 C  CG  . ASP A 1 157 ? 5.981   -6.603  16.414  1.00 39.04 ? 150 ASP A CG  1 
ATOM   1075 O  OD1 . ASP A 1 157 ? 6.858   -6.985  17.214  1.00 51.41 ? 150 ASP A OD1 1 
ATOM   1076 O  OD2 . ASP A 1 157 ? 4.789   -6.935  16.529  1.00 36.30 ? 150 ASP A OD2 1 
ATOM   1077 N  N   . TRP A 1 158 ? 6.404   -6.102  11.953  1.00 16.90 ? 151 TRP A N   1 
ATOM   1078 C  CA  . TRP A 1 158 ? 6.399   -5.434  10.664  1.00 14.57 ? 151 TRP A CA  1 
ATOM   1079 C  C   . TRP A 1 158 ? 5.558   -4.168  10.766  1.00 12.07 ? 151 TRP A C   1 
ATOM   1080 O  O   . TRP A 1 158 ? 4.611   -4.096  11.549  1.00 12.60 ? 151 TRP A O   1 
ATOM   1081 C  CB  . TRP A 1 158 ? 5.850   -6.351  9.579   1.00 14.49 ? 151 TRP A CB  1 
ATOM   1082 C  CG  . TRP A 1 158 ? 6.729   -7.516  9.272   1.00 17.20 ? 151 TRP A CG  1 
ATOM   1083 C  CD1 . TRP A 1 158 ? 6.773   -8.705  9.931   1.00 18.92 ? 151 TRP A CD1 1 
ATOM   1084 C  CD2 . TRP A 1 158 ? 7.699   -7.596  8.225   1.00 12.37 ? 151 TRP A CD2 1 
ATOM   1085 N  NE1 . TRP A 1 158 ? 7.722   -9.523  9.355   1.00 17.61 ? 151 TRP A NE1 1 
ATOM   1086 C  CE2 . TRP A 1 158 ? 8.286   -8.866  8.294   1.00 18.09 ? 151 TRP A CE2 1 
ATOM   1087 C  CE3 . TRP A 1 158 ? 8.108   -6.719  7.214   1.00 17.80 ? 151 TRP A CE3 1 
ATOM   1088 C  CZ2 . TRP A 1 158 ? 9.286   -9.272  7.410   1.00 19.22 ? 151 TRP A CZ2 1 
ATOM   1089 C  CZ3 . TRP A 1 158 ? 9.085   -7.120  6.342   1.00 17.13 ? 151 TRP A CZ3 1 
ATOM   1090 C  CH2 . TRP A 1 158 ? 9.661   -8.390  6.438   1.00 17.48 ? 151 TRP A CH2 1 
ATOM   1091 N  N   . VAL A 1 159 ? 5.922   -3.169  9.971   1.00 13.08 ? 152 VAL A N   1 
ATOM   1092 C  CA  A VAL A 1 159 ? 5.274   -1.865  9.928   0.50 11.08 ? 152 VAL A CA  1 
ATOM   1093 C  CA  B VAL A 1 159 ? 5.186   -1.913  9.926   0.50 11.04 ? 152 VAL A CA  1 
ATOM   1094 C  C   . VAL A 1 159 ? 4.981   -1.547  8.465   1.00 12.16 ? 152 VAL A C   1 
ATOM   1095 O  O   . VAL A 1 159 ? 5.768   -1.917  7.589   1.00 13.74 ? 152 VAL A O   1 
ATOM   1096 C  CB  A VAL A 1 159 ? 6.210   -0.798  10.547  0.50 14.51 ? 152 VAL A CB  1 
ATOM   1097 C  CB  B VAL A 1 159 ? 5.898   -0.756  10.677  0.50 14.86 ? 152 VAL A CB  1 
ATOM   1098 C  CG1 A VAL A 1 159 ? 5.673   0.594   10.368  0.50 15.14 ? 152 VAL A CG1 1 
ATOM   1099 C  CG1 B VAL A 1 159 ? 6.292   -1.175  12.101  0.50 15.19 ? 152 VAL A CG1 1 
ATOM   1100 C  CG2 A VAL A 1 159 ? 6.467   -1.088  12.037  0.50 15.24 ? 152 VAL A CG2 1 
ATOM   1101 C  CG2 B VAL A 1 159 ? 7.115   -0.258  9.920   0.50 11.72 ? 152 VAL A CG2 1 
ATOM   1102 N  N   . VAL A 1 160 ? 3.874   -0.848  8.199   1.00 11.66 ? 153 VAL A N   1 
ATOM   1103 C  CA  . VAL A 1 160 ? 3.542   -0.421  6.844   1.00 8.68  ? 153 VAL A CA  1 
ATOM   1104 C  C   . VAL A 1 160 ? 3.671   1.096   6.762   1.00 11.75 ? 153 VAL A C   1 
ATOM   1105 O  O   . VAL A 1 160 ? 3.317   1.813   7.705   1.00 10.59 ? 153 VAL A O   1 
ATOM   1106 C  CB  . VAL A 1 160 ? 2.143   -0.917  6.420   1.00 10.82 ? 153 VAL A CB  1 
ATOM   1107 C  CG1 . VAL A 1 160 ? 1.042   -0.411  7.327   1.00 11.65 ? 153 VAL A CG1 1 
ATOM   1108 C  CG2 . VAL A 1 160 ? 1.889   -0.572  4.958   1.00 12.93 ? 153 VAL A CG2 1 
ATOM   1109 N  N   . CYS A 1 161 ? 4.202   1.586   5.641   1.00 11.90 ? 154 CYS A N   1 
ATOM   1110 C  CA  A CYS A 1 161 ? 4.460   3.014   5.496   0.50 13.67 ? 154 CYS A CA  1 
ATOM   1111 C  CA  B CYS A 1 161 ? 4.468   3.010   5.480   0.50 13.67 ? 154 CYS A CA  1 
ATOM   1112 C  C   . CYS A 1 161 ? 3.991   3.618   4.176   1.00 15.99 ? 154 CYS A C   1 
ATOM   1113 O  O   . CYS A 1 161 ? 4.155   4.829   3.995   1.00 12.75 ? 154 CYS A O   1 
ATOM   1114 C  CB  A CYS A 1 161 ? 5.966   3.310   5.689   0.50 15.59 ? 154 CYS A CB  1 
ATOM   1115 C  CB  B CYS A 1 161 ? 5.966   3.267   5.554   0.50 15.52 ? 154 CYS A CB  1 
ATOM   1116 S  SG  A CYS A 1 161 ? 7.166   2.416   4.645   0.50 8.58  ? 154 CYS A SG  1 
ATOM   1117 S  SG  B CYS A 1 161 ? 6.856   2.177   6.572   0.50 30.38 ? 154 CYS A SG  1 
ATOM   1118 N  N   . GLY A 1 162 ? 3.443   2.834   3.254   1.00 14.60 ? 155 GLY A N   1 
ATOM   1119 C  CA  . GLY A 1 162 ? 2.941   3.400   2.010   1.00 14.16 ? 155 GLY A CA  1 
ATOM   1120 C  C   . GLY A 1 162 ? 2.344   2.335   1.125   1.00 14.65 ? 155 GLY A C   1 
ATOM   1121 O  O   . GLY A 1 162 ? 2.399   1.138   1.433   1.00 11.01 ? 155 GLY A O   1 
ATOM   1122 N  N   . VAL A 1 163 ? 1.755   2.797   0.017   1.00 9.64  ? 156 VAL A N   1 
ATOM   1123 C  CA  . VAL A 1 163 ? 1.124   1.913   -0.949  1.00 11.92 ? 156 VAL A CA  1 
ATOM   1124 C  C   . VAL A 1 163 ? 1.575   2.301   -2.351  1.00 11.82 ? 156 VAL A C   1 
ATOM   1125 O  O   . VAL A 1 163 ? 1.671   3.491   -2.693  1.00 13.10 ? 156 VAL A O   1 
ATOM   1126 C  CB  . VAL A 1 163 ? -0.416  1.928   -0.832  1.00 13.35 ? 156 VAL A CB  1 
ATOM   1127 C  CG1 . VAL A 1 163 ? -0.858  1.161   0.414   1.00 16.09 ? 156 VAL A CG1 1 
ATOM   1128 C  CG2 . VAL A 1 163 ? -0.976  3.345   -0.840  1.00 13.81 ? 156 VAL A CG2 1 
ATOM   1129 N  N   . HIS A 1 164 ? 1.849   1.291   -3.167  1.00 9.82  ? 157 HIS A N   1 
ATOM   1130 C  CA  . HIS A 1 164 ? 2.421   1.529   -4.482  1.00 11.11 ? 157 HIS A CA  1 
ATOM   1131 C  C   . HIS A 1 164 ? 1.526   2.375   -5.390  1.00 12.67 ? 157 HIS A C   1 
ATOM   1132 O  O   . HIS A 1 164 ? 0.342   2.057   -5.599  1.00 11.72 ? 157 HIS A O   1 
ATOM   1133 C  CB  . HIS A 1 164 ? 2.689   0.209   -5.176  1.00 11.99 ? 157 HIS A CB  1 
ATOM   1134 C  CG  . HIS A 1 164 ? 3.490   0.388   -6.409  1.00 12.10 ? 157 HIS A CG  1 
ATOM   1135 N  ND1 . HIS A 1 164 ? 4.781   0.867   -6.370  1.00 12.23 ? 157 HIS A ND1 1 
ATOM   1136 C  CD2 . HIS A 1 164 ? 3.178   0.228   -7.717  1.00 13.26 ? 157 HIS A CD2 1 
ATOM   1137 C  CE1 . HIS A 1 164 ? 5.242   0.977   -7.606  1.00 14.87 ? 157 HIS A CE1 1 
ATOM   1138 N  NE2 . HIS A 1 164 ? 4.295   0.578   -8.439  1.00 13.59 ? 157 HIS A NE2 1 
ATOM   1139 N  N   . ALA A 1 165 ? 2.134   3.384   -6.026  1.00 11.12 ? 158 ALA A N   1 
ATOM   1140 C  CA  . ALA A 1 165 ? 1.380   4.291   -6.886  1.00 12.22 ? 158 ALA A CA  1 
ATOM   1141 C  C   . ALA A 1 165 ? 1.922   4.481   -8.307  1.00 18.18 ? 158 ALA A C   1 
ATOM   1142 O  O   . ALA A 1 165 ? 1.130   4.754   -9.210  1.00 15.84 ? 158 ALA A O   1 
ATOM   1143 C  CB  . ALA A 1 165 ? 1.269   5.627   -6.165  1.00 11.33 ? 158 ALA A CB  1 
ATOM   1144 N  N   . ALA A 1 166 ? 3.222   4.311   -8.557  1.00 14.60 ? 159 ALA A N   1 
ATOM   1145 C  CA  . ALA A 1 166 ? 3.765   4.635   -9.875  1.00 14.02 ? 159 ALA A CA  1 
ATOM   1146 C  C   . ALA A 1 166 ? 5.203   4.148   -9.980  1.00 15.32 ? 159 ALA A C   1 
ATOM   1147 O  O   . ALA A 1 166 ? 5.861   3.868   -8.976  1.00 11.77 ? 159 ALA A O   1 
ATOM   1148 C  CB  . ALA A 1 166 ? 3.704   6.139   -10.152 1.00 17.74 ? 159 ALA A CB  1 
ATOM   1149 N  N   . ALA A 1 167 ? 5.681   4.046   -11.216 1.00 16.02 ? 160 ALA A N   1 
ATOM   1150 C  CA  . ALA A 1 167 ? 7.095   3.760   -11.449 1.00 16.55 ? 160 ALA A CA  1 
ATOM   1151 C  C   . ALA A 1 167 ? 7.487   4.274   -12.824 1.00 21.37 ? 160 ALA A C   1 
ATOM   1152 O  O   . ALA A 1 167 ? 6.666   4.327   -13.744 1.00 17.43 ? 160 ALA A O   1 
ATOM   1153 C  CB  . ALA A 1 167 ? 7.411   2.256   -11.340 1.00 18.27 ? 160 ALA A CB  1 
ATOM   1154 N  N   . THR A 1 168 ? 8.758   4.642   -12.946 1.00 20.03 ? 161 THR A N   1 
ATOM   1155 C  CA  . THR A 1 168 ? 9.324   5.112   -14.200 1.00 24.00 ? 161 THR A CA  1 
ATOM   1156 C  C   . THR A 1 168 ? 9.365   3.986   -15.230 1.00 24.96 ? 161 THR A C   1 
ATOM   1157 O  O   . THR A 1 168 ? 9.305   2.799   -14.894 1.00 23.06 ? 161 THR A O   1 
ATOM   1158 C  CB  . THR A 1 168 ? 10.743  5.628   -13.968 1.00 22.54 ? 161 THR A CB  1 
ATOM   1159 O  OG1 . THR A 1 168 ? 11.530  4.578   -13.375 1.00 24.49 ? 161 THR A OG1 1 
ATOM   1160 C  CG2 . THR A 1 168 ? 10.738  6.832   -13.039 1.00 22.75 ? 161 THR A CG2 1 
ATOM   1161 N  N   . LYS A 1 169 ? 9.543   4.374   -16.500 1.00 28.76 ? 162 LYS A N   1 
ATOM   1162 C  CA  . LYS A 1 169 ? 9.582   3.392   -17.588 1.00 27.94 ? 162 LYS A CA  1 
ATOM   1163 C  C   . LYS A 1 169 ? 10.643  2.321   -17.347 1.00 26.90 ? 162 LYS A C   1 
ATOM   1164 O  O   . LYS A 1 169 ? 10.398  1.130   -17.581 1.00 32.25 ? 162 LYS A O   1 
ATOM   1165 C  CB  . LYS A 1 169 ? 9.833   4.108   -18.920 1.00 33.24 ? 162 LYS A CB  1 
ATOM   1166 N  N   . SER A 1 170 ? 11.832  2.715   -16.878 1.00 32.84 ? 163 SER A N   1 
ATOM   1167 C  CA  . SER A 1 170 ? 12.870  1.730   -16.582 1.00 31.22 ? 163 SER A CA  1 
ATOM   1168 C  C   . SER A 1 170 ? 12.522  0.860   -15.389 1.00 32.16 ? 163 SER A C   1 
ATOM   1169 O  O   . SER A 1 170 ? 13.145  -0.190  -15.202 1.00 39.70 ? 163 SER A O   1 
ATOM   1170 C  CB  . SER A 1 170 ? 14.196  2.431   -16.310 1.00 40.83 ? 163 SER A CB  1 
ATOM   1171 O  OG  . SER A 1 170 ? 14.124  3.195   -15.111 1.00 34.17 ? 163 SER A OG  1 
ATOM   1172 N  N   . GLY A 1 171 ? 11.576  1.288   -14.552 1.00 31.21 ? 164 GLY A N   1 
ATOM   1173 C  CA  . GLY A 1 171 ? 11.267  0.588   -13.324 1.00 34.59 ? 164 GLY A CA  1 
ATOM   1174 C  C   . GLY A 1 171 ? 12.207  0.875   -12.176 1.00 31.04 ? 164 GLY A C   1 
ATOM   1175 O  O   . GLY A 1 171 ? 11.948  0.419   -11.058 1.00 27.18 ? 164 GLY A O   1 
ATOM   1176 N  N   . ASN A 1 172 ? 13.269  1.655   -12.398 1.00 24.94 ? 165 ASN A N   1 
ATOM   1177 C  CA  . ASN A 1 172 ? 14.264  1.853   -11.355 1.00 22.53 ? 165 ASN A CA  1 
ATOM   1178 C  C   . ASN A 1 172 ? 13.765  2.762   -10.237 1.00 21.44 ? 165 ASN A C   1 
ATOM   1179 O  O   . ASN A 1 172 ? 14.221  2.623   -9.100  1.00 21.74 ? 165 ASN A O   1 
ATOM   1180 C  CB  . ASN A 1 172 ? 15.548  2.423   -11.958 1.00 28.82 ? 165 ASN A CB  1 
ATOM   1181 C  CG  . ASN A 1 172 ? 16.175  1.492   -12.974 1.00 46.19 ? 165 ASN A CG  1 
ATOM   1182 O  OD1 . ASN A 1 172 ? 16.057  0.263   -12.872 1.00 46.69 ? 165 ASN A OD1 1 
ATOM   1183 N  ND2 . ASN A 1 172 ? 16.849  2.071   -13.965 1.00 48.89 ? 165 ASN A ND2 1 
ATOM   1184 N  N   . THR A 1 173 ? 12.878  3.715   -10.531 1.00 18.31 ? 166 THR A N   1 
ATOM   1185 C  CA  . THR A 1 173 ? 12.321  4.604   -9.513  1.00 17.73 ? 166 THR A CA  1 
ATOM   1186 C  C   . THR A 1 173 ? 10.858  4.254   -9.312  1.00 17.18 ? 166 THR A C   1 
ATOM   1187 O  O   . THR A 1 173 ? 10.103  4.175   -10.282 1.00 16.91 ? 166 THR A O   1 
ATOM   1188 C  CB  . THR A 1 173 ? 12.455  6.079   -9.906  1.00 18.09 ? 166 THR A CB  1 
ATOM   1189 O  OG1 . THR A 1 173 ? 13.830  6.370   -10.161 1.00 22.53 ? 166 THR A OG1 1 
ATOM   1190 C  CG2 . THR A 1 173 ? 11.960  7.003   -8.801  1.00 16.73 ? 166 THR A CG2 1 
ATOM   1191 N  N   . VAL A 1 174 ? 10.466  4.041   -8.056  1.00 15.37 ? 167 VAL A N   1 
ATOM   1192 C  CA  . VAL A 1 174 ? 9.074   3.789   -7.702  1.00 13.86 ? 167 VAL A CA  1 
ATOM   1193 C  C   . VAL A 1 174 ? 8.585   4.938   -6.833  1.00 16.58 ? 167 VAL A C   1 
ATOM   1194 O  O   . VAL A 1 174 ? 9.370   5.705   -6.276  1.00 16.74 ? 167 VAL A O   1 
ATOM   1195 C  CB  . VAL A 1 174 ? 8.901   2.436   -6.980  1.00 15.48 ? 167 VAL A CB  1 
ATOM   1196 C  CG1 . VAL A 1 174 ? 9.268   1.297   -7.919  1.00 18.24 ? 167 VAL A CG1 1 
ATOM   1197 C  CG2 . VAL A 1 174 ? 9.729   2.408   -5.725  1.00 16.44 ? 167 VAL A CG2 1 
ATOM   1198 N  N   . VAL A 1 175 ? 7.266   5.077   -6.745  1.00 14.02 ? 168 VAL A N   1 
ATOM   1199 C  CA  . VAL A 1 175 ? 6.645   6.075   -5.884  1.00 12.33 ? 168 VAL A CA  1 
ATOM   1200 C  C   . VAL A 1 175 ? 5.531   5.391   -5.115  1.00 14.52 ? 168 VAL A C   1 
ATOM   1201 O  O   . VAL A 1 175 ? 4.669   4.746   -5.725  1.00 11.32 ? 168 VAL A O   1 
ATOM   1202 C  CB  . VAL A 1 175 ? 6.073   7.276   -6.680  1.00 15.95 ? 168 VAL A CB  1 
ATOM   1203 C  CG1 . VAL A 1 175 ? 5.331   8.203   -5.747  1.00 13.12 ? 168 VAL A CG1 1 
ATOM   1204 C  CG2 . VAL A 1 175 ? 7.174   8.037   -7.428  1.00 18.05 ? 168 VAL A CG2 1 
ATOM   1205 N  N   . CYS A 1 176 ? 5.535   5.545   -3.788  1.00 12.36 ? 169 CYS A N   1 
ATOM   1206 C  CA  . CYS A 1 176 ? 4.395   5.134   -2.991  1.00 13.56 ? 169 CYS A CA  1 
ATOM   1207 C  C   . CYS A 1 176 ? 3.627   6.346   -2.466  1.00 14.13 ? 169 CYS A C   1 
ATOM   1208 O  O   . CYS A 1 176 ? 4.191   7.425   -2.231  1.00 15.61 ? 169 CYS A O   1 
ATOM   1209 C  CB  . CYS A 1 176 ? 4.813   4.223   -1.826  1.00 15.09 ? 169 CYS A CB  1 
ATOM   1210 S  SG  . CYS A 1 176 ? 5.863   4.956   -0.608  1.00 16.85 ? 169 CYS A SG  1 
ATOM   1211 N  N   . ALA A 1 177 ? 2.314   6.172   -2.361  1.00 12.16 ? 170 ALA A N   1 
ATOM   1212 C  CA  . ALA A 1 177 ? 1.477   7.117   -1.643  1.00 10.79 ? 170 ALA A CA  1 
ATOM   1213 C  C   . ALA A 1 177 ? 1.692   6.934   -0.149  1.00 11.92 ? 170 ALA A C   1 
ATOM   1214 O  O   . ALA A 1 177 ? 1.871   5.811   0.335   1.00 13.41 ? 170 ALA A O   1 
ATOM   1215 C  CB  . ALA A 1 177 ? -0.004  6.912   -1.979  1.00 17.31 ? 170 ALA A CB  1 
ATOM   1216 N  N   . VAL A 1 178 ? 1.653   8.044   0.584   1.00 11.91 ? 171 VAL A N   1 
ATOM   1217 C  CA  . VAL A 1 178 ? 1.867   8.026   2.020   1.00 11.14 ? 171 VAL A CA  1 
ATOM   1218 C  C   . VAL A 1 178 ? 0.779   8.824   2.715   1.00 14.00 ? 171 VAL A C   1 
ATOM   1219 O  O   . VAL A 1 178 ? 0.104   9.671   2.121   1.00 14.04 ? 171 VAL A O   1 
ATOM   1220 C  CB  . VAL A 1 178 ? 3.260   8.593   2.395   1.00 15.54 ? 171 VAL A CB  1 
ATOM   1221 C  CG1 . VAL A 1 178 ? 4.357   7.788   1.746   1.00 14.54 ? 171 VAL A CG1 1 
ATOM   1222 C  CG2 . VAL A 1 178 ? 3.355   10.063  1.999   1.00 17.62 ? 171 VAL A CG2 1 
ATOM   1223 N  N   . GLN A 1 179 ? 0.645   8.555   4.006   1.00 12.85 ? 172 GLN A N   1 
ATOM   1224 C  CA  . GLN A 1 179 ? -0.380  9.204   4.801   1.00 21.12 ? 172 GLN A CA  1 
ATOM   1225 C  C   . GLN A 1 179 ? -0.017  10.658  5.065   1.00 27.34 ? 172 GLN A C   1 
ATOM   1226 O  O   . GLN A 1 179 ? -0.892  11.527  5.074   1.00 33.35 ? 172 GLN A O   1 
ATOM   1227 C  CB  . GLN A 1 179 ? -0.559  8.447   6.114   1.00 19.96 ? 172 GLN A CB  1 
ATOM   1228 C  CG  . GLN A 1 179 ? -1.831  8.788   6.867   1.00 26.84 ? 172 GLN A CG  1 
ATOM   1229 C  CD  . GLN A 1 179 ? -1.932  8.009   8.148   1.00 26.08 ? 172 GLN A CD  1 
ATOM   1230 O  OE1 . GLN A 1 179 ? -0.928  7.745   8.803   1.00 31.53 ? 172 GLN A OE1 1 
ATOM   1231 N  NE2 . GLN A 1 179 ? -3.135  7.601   8.494   1.00 30.79 ? 172 GLN A NE2 1 
ATOM   1232 N  N   . ALA A 1 180 ? 1.267   10.939  5.276   1.00 23.79 ? 173 ALA A N   1 
ATOM   1233 C  CA  . ALA A 1 180 ? 1.731   12.300  5.595   1.00 34.68 ? 173 ALA A CA  1 
ATOM   1234 C  C   . ALA A 1 180 ? 1.226   13.311  4.578   1.00 40.71 ? 173 ALA A C   1 
ATOM   1235 O  O   . ALA A 1 180 ? 1.358   13.096  3.376   1.00 32.33 ? 173 ALA A O   1 
ATOM   1236 C  CB  . ALA A 1 180 ? 3.254   12.347  5.657   1.00 33.27 ? 173 ALA A CB  1 
HETATM 1237 C  C13 . 3ZR B 2 .   ? 0.500   5.442   -12.516 1.00 19.62 ? 201 3ZR A C13 1 
HETATM 1238 C  C14 . 3ZR B 2 .   ? -0.890  6.064   -12.469 1.00 19.97 ? 201 3ZR A C14 1 
HETATM 1239 C  C15 . 3ZR B 2 .   ? -0.873  7.535   -12.027 1.00 21.71 ? 201 3ZR A C15 1 
HETATM 1240 C  C16 . 3ZR B 2 .   ? -0.318  7.718   -10.612 1.00 19.96 ? 201 3ZR A C16 1 
HETATM 1241 C  C17 . 3ZR B 2 .   ? -0.426  9.173   -10.153 1.00 21.09 ? 201 3ZR A C17 1 
HETATM 1242 C  C18 . 3ZR B 2 .   ? -1.835  9.711   -10.287 1.00 23.71 ? 201 3ZR A C18 1 
HETATM 1243 C  C19 . 3ZR B 2 .   ? -2.381  9.513   -11.694 1.00 25.24 ? 201 3ZR A C19 1 
HETATM 1244 C  C20 . 3ZR B 2 .   ? -2.308  8.049   -12.084 1.00 27.14 ? 201 3ZR A C20 1 
HETATM 1245 C  C21 . 3ZR B 2 .   ? 0.391   3.972   -12.814 1.00 21.46 ? 201 3ZR A C21 1 
HETATM 1246 C  C24 . 3ZR B 2 .   ? 1.993   1.153   -11.525 1.00 18.06 ? 201 3ZR A C24 1 
HETATM 1247 C  C25 . 3ZR B 2 .   ? 2.985   1.117   -12.669 1.00 23.50 ? 201 3ZR A C25 1 
HETATM 1248 C  C27 . 3ZR B 2 .   ? 4.069   1.022   -14.620 1.00 22.15 ? 201 3ZR A C27 1 
HETATM 1249 C  C29 . 3ZR B 2 .   ? 4.306   0.723   -12.440 1.00 20.47 ? 201 3ZR A C29 1 
HETATM 1250 C  C31 . 3ZR B 2 .   ? -0.498  1.080   -10.894 1.00 19.70 ? 201 3ZR A C31 1 
HETATM 1251 O  O01 . 3ZR B 2 .   ? 3.264   4.906   -13.130 1.00 16.82 ? 201 3ZR A O01 1 
HETATM 1252 C  C02 . 3ZR B 2 .   ? 2.596   5.751   -13.729 1.00 26.02 ? 201 3ZR A C02 1 
HETATM 1253 O  O03 . 3ZR B 2 .   ? 3.170   6.495   -14.830 1.00 24.63 ? 201 3ZR A O03 1 
HETATM 1254 C  C04 . 3ZR B 2 .   ? 4.550   6.433   -15.220 1.00 44.36 ? 201 3ZR A C04 1 
HETATM 1255 C  C05 . 3ZR B 2 .   ? 5.391   7.486   -14.506 1.00 40.30 ? 201 3ZR A C05 1 
HETATM 1256 C  C06 . 3ZR B 2 .   ? 5.681   8.584   -15.065 1.00 37.89 ? 201 3ZR A C06 1 
HETATM 1257 C  C07 . 3ZR B 2 .   ? 6.362   9.483   -14.477 1.00 43.75 ? 201 3ZR A C07 1 
HETATM 1258 C  C08 . 3ZR B 2 .   ? 6.901   9.296   -13.348 1.00 40.65 ? 201 3ZR A C08 1 
HETATM 1259 C  C09 . 3ZR B 2 .   ? 6.651   8.158   -12.687 1.00 38.46 ? 201 3ZR A C09 1 
HETATM 1260 CL CL  . 3ZR B 2 .   ? 7.358   7.818   -11.101 1.00 44.51 ? 201 3ZR A CL  1 
HETATM 1261 C  C11 . 3ZR B 2 .   ? 5.856   7.247   -13.269 1.00 36.48 ? 201 3ZR A C11 1 
HETATM 1262 N  N12 . 3ZR B 2 .   ? 1.329   6.083   -13.496 1.00 21.68 ? 201 3ZR A N12 1 
HETATM 1263 N  N22 . 3ZR B 2 .   ? 0.509   3.217   -11.747 1.00 17.19 ? 201 3ZR A N22 1 
HETATM 1264 C  C23 . 3ZR B 2 .   ? 0.639   1.811   -11.570 1.00 17.87 ? 201 3ZR A C23 1 
HETATM 1265 C  C26 . 3ZR B 2 .   ? 2.819   1.272   -14.041 1.00 22.30 ? 201 3ZR A C26 1 
HETATM 1266 N  N28 . 3ZR B 2 .   ? 4.953   0.670   -13.629 1.00 19.83 ? 201 3ZR A N28 1 
HETATM 1267 O  O30 . 3ZR B 2 .   ? 4.809   0.454   -11.268 1.00 16.59 ? 201 3ZR A O30 1 
HETATM 1268 O  O32 . 3ZR B 2 .   ? -1.781  1.609   -11.263 1.00 17.85 ? 201 3ZR A O32 1 
HETATM 1269 O  O41 . 3ZR B 2 .   ? 0.246   3.540   -13.937 1.00 18.26 ? 201 3ZR A O41 1 
HETATM 1270 S  S   . SO4 C 3 .   ? 14.913  6.347   -13.807 1.00 54.00 ? 202 SO4 A S   1 
HETATM 1271 O  O1  . SO4 C 3 .   ? 14.708  7.792   -13.666 1.00 50.35 ? 202 SO4 A O1  1 
HETATM 1272 O  O2  . SO4 C 3 .   ? 14.200  5.626   -12.751 1.00 41.14 ? 202 SO4 A O2  1 
HETATM 1273 O  O3  . SO4 C 3 .   ? 16.330  6.028   -13.673 1.00 59.88 ? 202 SO4 A O3  1 
HETATM 1274 O  O4  . SO4 C 3 .   ? 14.408  5.899   -15.109 1.00 48.94 ? 202 SO4 A O4  1 
HETATM 1275 O  O   . HOH D 4 .   ? -0.618  6.317   10.987  1.00 33.17 ? 301 HOH A O   1 
HETATM 1276 O  O   . HOH D 4 .   ? -8.876  2.126   -11.423 1.00 38.39 ? 302 HOH A O   1 
HETATM 1277 O  O   . HOH D 4 .   ? -2.604  9.363   -15.451 1.00 32.19 ? 303 HOH A O   1 
HETATM 1278 O  O   . HOH D 4 .   ? -4.738  -14.307 10.396  1.00 25.75 ? 304 HOH A O   1 
HETATM 1279 O  O   . HOH D 4 .   ? -11.197 -13.277 9.609   1.00 36.80 ? 305 HOH A O   1 
HETATM 1280 O  O   . HOH D 4 .   ? -14.343 0.764   13.400  1.00 29.47 ? 306 HOH A O   1 
HETATM 1281 O  O   . HOH D 4 .   ? -4.469  -12.752 -2.390  1.00 27.44 ? 307 HOH A O   1 
HETATM 1282 O  O   . HOH D 4 .   ? -6.656  -10.531 1.512   1.00 18.49 ? 308 HOH A O   1 
HETATM 1283 O  O   . HOH D 4 .   ? -14.464 -9.599  5.780   1.00 30.46 ? 309 HOH A O   1 
HETATM 1284 O  O   . HOH D 4 .   ? -7.460  -0.127  13.681  1.00 22.25 ? 310 HOH A O   1 
HETATM 1285 O  O   . HOH D 4 .   ? 5.002   17.238  -1.708  1.00 32.22 ? 311 HOH A O   1 
HETATM 1286 O  O   . HOH D 4 .   ? -10.697 -9.049  -2.794  1.00 18.85 ? 312 HOH A O   1 
HETATM 1287 O  O   . HOH D 4 .   ? 3.703   14.713  -16.990 1.00 33.10 ? 313 HOH A O   1 
HETATM 1288 O  O   . HOH D 4 .   ? -16.511 4.497   -5.212  1.00 44.63 ? 314 HOH A O   1 
HETATM 1289 O  O   . HOH D 4 .   ? 6.436   -8.648  19.288  1.00 37.22 ? 315 HOH A O   1 
HETATM 1290 O  O   . HOH D 4 .   ? -4.700  5.732   10.454  1.00 32.40 ? 316 HOH A O   1 
HETATM 1291 O  O   . HOH D 4 .   ? -1.005  -14.971 -3.771  1.00 22.80 ? 317 HOH A O   1 
HETATM 1292 O  O   . HOH D 4 .   ? -3.423  -18.361 -11.070 1.00 16.60 ? 318 HOH A O   1 
HETATM 1293 O  O   . HOH D 4 .   ? -6.859  -7.607  16.558  1.00 37.55 ? 319 HOH A O   1 
HETATM 1294 O  O   . HOH D 4 .   ? 20.811  2.475   -2.809  1.00 28.04 ? 320 HOH A O   1 
HETATM 1295 O  O   . HOH D 4 .   ? 11.291  12.052  -3.784  1.00 23.57 ? 321 HOH A O   1 
HETATM 1296 O  O   . HOH D 4 .   ? -10.510 7.553   -2.437  1.00 24.91 ? 322 HOH A O   1 
HETATM 1297 O  O   . HOH D 4 .   ? -3.286  -0.309  13.608  1.00 17.91 ? 323 HOH A O   1 
HETATM 1298 O  O   . HOH D 4 .   ? 16.415  11.391  -0.631  1.00 23.09 ? 324 HOH A O   1 
HETATM 1299 O  O   . HOH D 4 .   ? -9.719  -2.815  14.316  1.00 22.64 ? 325 HOH A O   1 
HETATM 1300 O  O   . HOH D 4 .   ? -18.681 7.884   6.888   1.00 33.38 ? 326 HOH A O   1 
HETATM 1301 O  O   . HOH D 4 .   ? -0.900  -5.330  17.804  1.00 19.17 ? 327 HOH A O   1 
HETATM 1302 O  O   . HOH D 4 .   ? 17.794  6.983   0.130   1.00 20.61 ? 328 HOH A O   1 
HETATM 1303 O  O   . HOH D 4 .   ? -5.221  -5.464  17.371  1.00 30.05 ? 329 HOH A O   1 
HETATM 1304 O  O   . HOH D 4 .   ? 2.344   5.660   13.409  1.00 15.25 ? 330 HOH A O   1 
HETATM 1305 O  O   . HOH D 4 .   ? 12.821  9.604   7.375   1.00 28.88 ? 331 HOH A O   1 
HETATM 1306 O  O   . HOH D 4 .   ? 16.104  6.306   -2.904  1.00 22.94 ? 332 HOH A O   1 
HETATM 1307 O  O   . HOH D 4 .   ? 14.075  11.018  -3.146  0.5  34.03 ? 333 HOH A O   1 
HETATM 1308 O  O   . HOH D 4 .   ? 5.235   12.523  10.018  1.00 34.34 ? 334 HOH A O   1 
HETATM 1309 O  O   . HOH D 4 .   ? 8.039   -3.006  16.467  1.00 31.37 ? 335 HOH A O   1 
HETATM 1310 O  O   . HOH D 4 .   ? 4.982   8.050   11.348  1.00 33.17 ? 336 HOH A O   1 
HETATM 1311 O  O   . HOH D 4 .   ? -0.317  -15.772 2.689   1.00 19.54 ? 337 HOH A O   1 
HETATM 1312 O  O   . HOH D 4 .   ? -4.496  -14.816 7.748   1.00 14.34 ? 338 HOH A O   1 
HETATM 1313 O  O   . HOH D 4 .   ? -5.263  -16.333 -10.080 1.00 23.12 ? 339 HOH A O   1 
HETATM 1314 O  O   . HOH D 4 .   ? 9.083   15.719  -10.866 1.00 34.53 ? 340 HOH A O   1 
HETATM 1315 O  O   . HOH D 4 .   ? -21.513 8.117   6.711   1.00 41.91 ? 341 HOH A O   1 
HETATM 1316 O  O   . HOH D 4 .   ? -2.363  -14.576 1.033   1.00 10.26 ? 342 HOH A O   1 
HETATM 1317 O  O   . HOH D 4 .   ? -0.642  3.087   13.409  1.00 16.93 ? 343 HOH A O   1 
HETATM 1318 O  O   . HOH D 4 .   ? 11.212  12.862  3.514   1.00 32.59 ? 344 HOH A O   1 
HETATM 1319 O  O   . HOH D 4 .   ? -3.491  14.891  -9.073  1.00 38.90 ? 345 HOH A O   1 
HETATM 1320 O  O   . HOH D 4 .   ? 22.499  -0.446  3.501   1.00 49.18 ? 346 HOH A O   1 
HETATM 1321 O  O   . HOH D 4 .   ? -4.248  -15.923 -7.416  1.00 19.33 ? 347 HOH A O   1 
HETATM 1322 O  O   . HOH D 4 .   ? 2.414   -4.746  15.517  1.00 21.67 ? 348 HOH A O   1 
HETATM 1323 O  O   . HOH D 4 .   ? -6.566  -3.254  16.063  1.00 27.34 ? 349 HOH A O   1 
HETATM 1324 O  O   . HOH D 4 .   ? -4.820  2.538   -13.278 1.00 41.96 ? 350 HOH A O   1 
HETATM 1325 O  O   . HOH D 4 .   ? -4.963  0.992   12.125  1.00 26.44 ? 351 HOH A O   1 
HETATM 1326 O  O   . HOH D 4 .   ? -3.340  -13.837 -4.201  1.00 23.45 ? 352 HOH A O   1 
HETATM 1327 O  O   . HOH D 4 .   ? 3.766   18.950  -13.628 1.00 50.79 ? 353 HOH A O   1 
HETATM 1328 O  O   . HOH D 4 .   ? 5.943   10.911  11.737  1.00 31.36 ? 354 HOH A O   1 
HETATM 1329 O  O   . HOH D 4 .   ? -0.260  -19.148 8.961   1.00 38.64 ? 355 HOH A O   1 
HETATM 1330 O  O   . HOH D 4 .   ? 2.033   -4.180  18.287  1.00 22.66 ? 356 HOH A O   1 
HETATM 1331 O  O   . HOH D 4 .   ? -3.016  -17.588 -13.619 1.00 27.03 ? 357 HOH A O   1 
HETATM 1332 O  O   . HOH D 4 .   ? -8.299  -13.757 -8.017  1.00 40.28 ? 358 HOH A O   1 
HETATM 1333 O  O   . HOH D 4 .   ? 0.678   -10.064 10.135  1.00 15.30 ? 359 HOH A O   1 
HETATM 1334 O  O   . HOH D 4 .   ? -0.922  11.768  0.521   1.00 21.12 ? 360 HOH A O   1 
HETATM 1335 O  O   . HOH D 4 .   ? -2.943  -1.318  -10.484 1.00 16.27 ? 361 HOH A O   1 
HETATM 1336 O  O   . HOH D 4 .   ? -0.436  -7.261  -9.471  1.00 19.34 ? 362 HOH A O   1 
HETATM 1337 O  O   . HOH D 4 .   ? 2.010   -16.306 9.348   1.00 21.94 ? 363 HOH A O   1 
HETATM 1338 O  O   . HOH D 4 .   ? 2.047   6.313   5.086   1.00 16.50 ? 364 HOH A O   1 
HETATM 1339 O  O   . HOH D 4 .   ? 0.833   10.356  -1.063  1.00 18.73 ? 365 HOH A O   1 
HETATM 1340 O  O   . HOH D 4 .   ? 3.616   -2.956  13.811  1.00 13.71 ? 366 HOH A O   1 
HETATM 1341 O  O   . HOH D 4 .   ? -22.002 -1.848  -5.742  1.00 32.87 ? 367 HOH A O   1 
HETATM 1342 O  O   . HOH D 4 .   ? -2.104  -10.785 12.838  1.00 20.95 ? 368 HOH A O   1 
HETATM 1343 O  O   . HOH D 4 .   ? -2.371  -0.069  -13.415 1.00 24.60 ? 369 HOH A O   1 
HETATM 1344 O  O   . HOH D 4 .   ? 9.473   -11.404 1.807   1.00 23.23 ? 370 HOH A O   1 
HETATM 1345 O  O   . HOH D 4 .   ? -6.806  -11.005 -2.716  1.00 16.47 ? 371 HOH A O   1 
HETATM 1346 O  O   . HOH D 4 .   ? -4.099  -6.315  -10.606 1.00 21.01 ? 372 HOH A O   1 
HETATM 1347 O  O   . HOH D 4 .   ? 0.334   -6.292  -5.721  1.00 20.08 ? 373 HOH A O   1 
HETATM 1348 O  O   . HOH D 4 .   ? -3.700  -13.192 -7.193  1.00 20.09 ? 374 HOH A O   1 
HETATM 1349 O  O   . HOH D 4 .   ? 9.530   -0.886  -11.140 1.00 28.34 ? 375 HOH A O   1 
HETATM 1350 O  O   . HOH D 4 .   ? -12.811 -4.702  -5.772  1.00 31.20 ? 376 HOH A O   1 
HETATM 1351 O  O   . HOH D 4 .   ? -4.716  0.813   -11.409 1.00 27.37 ? 377 HOH A O   1 
HETATM 1352 O  O   . HOH D 4 .   ? -15.081 -4.746  -2.954  1.00 35.55 ? 378 HOH A O   1 
HETATM 1353 O  O   . HOH D 4 .   ? 7.653   0.402   -14.538 1.00 30.95 ? 379 HOH A O   1 
HETATM 1354 O  O   . HOH D 4 .   ? 12.670  -4.694  6.976   1.00 26.27 ? 380 HOH A O   1 
HETATM 1355 O  O   . HOH D 4 .   ? 8.811   -15.302 7.986   1.00 31.59 ? 381 HOH A O   1 
HETATM 1356 O  O   . HOH D 4 .   ? 7.892   -13.776 2.087   1.00 28.11 ? 382 HOH A O   1 
HETATM 1357 O  O   . HOH D 4 .   ? -0.832  12.182  -3.676  1.00 17.54 ? 383 HOH A O   1 
HETATM 1358 O  O   . HOH D 4 .   ? 11.162  -11.155 -5.168  1.00 33.41 ? 384 HOH A O   1 
HETATM 1359 O  O   . HOH D 4 .   ? -24.381 3.591   1.595   1.00 35.03 ? 385 HOH A O   1 
HETATM 1360 O  O   . HOH D 4 .   ? -18.494 -1.023  7.683   1.00 25.80 ? 386 HOH A O   1 
HETATM 1361 O  O   . HOH D 4 .   ? 4.219   -7.837  12.539  1.00 22.33 ? 387 HOH A O   1 
HETATM 1362 O  O   . HOH D 4 .   ? -0.827  1.405   -15.306 1.00 28.68 ? 388 HOH A O   1 
HETATM 1363 O  O   . HOH D 4 .   ? -3.025  12.019  -15.124 1.00 24.99 ? 389 HOH A O   1 
HETATM 1364 O  O   . HOH D 4 .   ? 12.644  -5.215  4.530   1.00 40.01 ? 390 HOH A O   1 
HETATM 1365 O  O   . HOH D 4 .   ? -0.745  -8.830  -11.924 1.00 26.57 ? 391 HOH A O   1 
HETATM 1366 O  O   . HOH D 4 .   ? 13.114  -1.584  9.670   1.00 32.48 ? 392 HOH A O   1 
HETATM 1367 O  O   . HOH D 4 .   ? 7.993   -8.047  -12.603 1.00 26.80 ? 393 HOH A O   1 
HETATM 1368 O  O   . HOH D 4 .   ? 2.798   -14.602 11.389  1.00 37.53 ? 394 HOH A O   1 
HETATM 1369 O  O   . HOH D 4 .   ? -4.081  -6.281  -13.744 1.00 43.69 ? 395 HOH A O   1 
HETATM 1370 O  O   . HOH D 4 .   ? -17.771 -6.646  14.243  1.00 38.27 ? 396 HOH A O   1 
HETATM 1371 O  O   . HOH D 4 .   ? 14.226  -6.667  -5.144  1.00 29.47 ? 397 HOH A O   1 
HETATM 1372 O  O   . HOH D 4 .   ? -0.206  -12.282 -13.277 1.00 21.84 ? 398 HOH A O   1 
HETATM 1373 O  O   . HOH D 4 .   ? -19.479 -7.301  4.811   1.00 37.24 ? 399 HOH A O   1 
HETATM 1374 O  O   . HOH D 4 .   ? -17.230 -9.433  6.350   1.00 44.48 ? 400 HOH A O   1 
HETATM 1375 O  O   . HOH D 4 .   ? -10.598 -6.604  -8.412  1.00 34.93 ? 401 HOH A O   1 
HETATM 1376 O  O   . HOH D 4 .   ? -5.248  -3.381  -13.328 1.00 30.35 ? 402 HOH A O   1 
HETATM 1377 O  O   . HOH D 4 .   ? 4.733   -11.541 -13.166 1.00 39.17 ? 403 HOH A O   1 
HETATM 1378 O  O   . HOH D 4 .   ? -17.258 -3.007  -4.359  1.00 36.31 ? 404 HOH A O   1 
HETATM 1379 O  O   . HOH D 4 .   ? -2.992  -13.141 12.683  1.00 36.66 ? 405 HOH A O   1 
HETATM 1380 O  O   . HOH D 4 .   ? 1.103   -6.847  14.465  1.00 33.69 ? 406 HOH A O   1 
HETATM 1381 O  O   . HOH D 4 .   ? -4.116  -1.174  -14.143 1.00 37.87 ? 407 HOH A O   1 
HETATM 1382 O  O   . HOH D 4 .   ? 0.638   -5.464  -16.400 1.00 35.11 ? 408 HOH A O   1 
HETATM 1383 O  O   . HOH D 4 .   ? 10.142  9.942   5.617   1.00 42.02 ? 409 HOH A O   1 
HETATM 1384 O  O   . HOH D 4 .   ? 17.725  -0.403  5.682   1.00 32.41 ? 410 HOH A O   1 
HETATM 1385 O  O   . HOH D 4 .   ? -10.580 6.460   7.555   1.00 27.28 ? 411 HOH A O   1 
HETATM 1386 O  O   . HOH D 4 .   ? -0.953  14.812  -4.615  1.00 35.38 ? 412 HOH A O   1 
HETATM 1387 O  O   . HOH D 4 .   ? -17.788 -6.718  -3.383  1.00 45.88 ? 413 HOH A O   1 
HETATM 1388 O  O   . HOH D 4 .   ? 8.594   -11.982 10.354  1.00 30.85 ? 414 HOH A O   1 
HETATM 1389 O  O   . HOH D 4 .   ? -6.139  -12.273 -9.121  1.00 35.80 ? 415 HOH A O   1 
HETATM 1390 O  O   . HOH D 4 .   ? 9.640   -8.861  2.413   1.00 30.65 ? 416 HOH A O   1 
HETATM 1391 O  O   . HOH D 4 .   ? 14.044  -7.568  12.755  1.00 38.66 ? 417 HOH A O   1 
HETATM 1392 O  O   . HOH D 4 .   ? -10.552 6.787   10.422  1.00 45.29 ? 418 HOH A O   1 
HETATM 1393 O  O   . HOH D 4 .   ? -2.111  15.797  -2.228  1.00 39.84 ? 419 HOH A O   1 
HETATM 1394 O  O   . HOH D 4 .   ? 2.643   -11.694 10.549  1.00 39.27 ? 420 HOH A O   1 
HETATM 1395 O  O   . HOH D 4 .   ? 6.070   13.232  -16.018 1.00 41.79 ? 421 HOH A O   1 
HETATM 1396 O  O   . HOH D 4 .   ? -16.223 3.810   10.868  1.00 36.90 ? 422 HOH A O   1 
HETATM 1397 O  O   . HOH D 4 .   ? 4.693   11.598  -17.122 1.00 34.29 ? 423 HOH A O   1 
HETATM 1398 O  O   . HOH D 4 .   ? 12.703  5.375   -16.973 1.00 38.90 ? 424 HOH A O   1 
HETATM 1399 O  O   . HOH D 4 .   ? -10.963 0.665   -10.154 1.00 34.72 ? 425 HOH A O   1 
HETATM 1400 O  O   . HOH D 4 .   ? 4.610   -10.822 12.393  1.00 39.93 ? 426 HOH A O   1 
HETATM 1401 O  O   . HOH D 4 .   ? 5.858   -1.672  -16.249 1.00 39.94 ? 427 HOH A O   1 
HETATM 1402 O  O   . HOH D 4 .   ? -6.348  -6.428  -9.050  1.00 24.76 ? 428 HOH A O   1 
HETATM 1403 O  O   . HOH D 4 .   ? -11.454 -11.541 -6.307  1.00 44.87 ? 429 HOH A O   1 
# 
